data_1P0R
# 
_entry.id   1P0R 
# 
_audit_conform.dict_name       mmcif_pdbx.dic 
_audit_conform.dict_version    5.392 
_audit_conform.dict_location   http://mmcif.pdb.org/dictionaries/ascii/mmcif_pdbx.dic 
# 
loop_
_database_2.database_id 
_database_2.database_code 
_database_2.pdbx_database_accession 
_database_2.pdbx_DOI 
PDB   1P0R         pdb_00001p0r 10.2210/pdb1p0r/pdb 
RCSB  RCSB018874   ?            ?                   
WWPDB D_1000018874 ?            ?                   
# 
loop_
_pdbx_audit_revision_history.ordinal 
_pdbx_audit_revision_history.data_content_type 
_pdbx_audit_revision_history.major_revision 
_pdbx_audit_revision_history.minor_revision 
_pdbx_audit_revision_history.revision_date 
1 'Structure model' 1 0 2003-10-28 
2 'Structure model' 1 1 2008-04-29 
3 'Structure model' 1 2 2011-07-13 
4 'Structure model' 1 3 2022-02-23 
5 'Structure model' 1 4 2024-05-22 
# 
_pdbx_audit_revision_details.ordinal             1 
_pdbx_audit_revision_details.revision_ordinal    1 
_pdbx_audit_revision_details.data_content_type   'Structure model' 
_pdbx_audit_revision_details.provider            repository 
_pdbx_audit_revision_details.type                'Initial release' 
_pdbx_audit_revision_details.description         ? 
_pdbx_audit_revision_details.details             ? 
# 
loop_
_pdbx_audit_revision_group.ordinal 
_pdbx_audit_revision_group.revision_ordinal 
_pdbx_audit_revision_group.data_content_type 
_pdbx_audit_revision_group.group 
1 2 'Structure model' 'Version format compliance' 
2 3 'Structure model' 'Version format compliance' 
3 4 'Structure model' 'Database references'       
4 4 'Structure model' 'Derived calculations'      
5 5 'Structure model' 'Data collection'           
# 
loop_
_pdbx_audit_revision_category.ordinal 
_pdbx_audit_revision_category.revision_ordinal 
_pdbx_audit_revision_category.data_content_type 
_pdbx_audit_revision_category.category 
1 4 'Structure model' database_2            
2 4 'Structure model' pdbx_struct_assembly  
3 4 'Structure model' pdbx_struct_oper_list 
4 4 'Structure model' struct_ref_seq_dif    
5 5 'Structure model' chem_comp_atom        
6 5 'Structure model' chem_comp_bond        
# 
loop_
_pdbx_audit_revision_item.ordinal 
_pdbx_audit_revision_item.revision_ordinal 
_pdbx_audit_revision_item.data_content_type 
_pdbx_audit_revision_item.item 
1 4 'Structure model' '_database_2.pdbx_DOI'                
2 4 'Structure model' '_database_2.pdbx_database_accession' 
3 4 'Structure model' '_struct_ref_seq_dif.details'         
# 
_pdbx_database_status.status_code                     REL 
_pdbx_database_status.entry_id                        1P0R 
_pdbx_database_status.recvd_initial_deposition_date   2003-04-10 
_pdbx_database_status.deposit_site                    RCSB 
_pdbx_database_status.process_site                    RCSB 
_pdbx_database_status.SG_entry                        . 
_pdbx_database_status.pdb_format_compatible           Y 
_pdbx_database_status.status_code_mr                  ? 
_pdbx_database_status.status_code_sf                  ? 
_pdbx_database_status.status_code_cs                  ? 
_pdbx_database_status.status_code_nmr_data            ? 
_pdbx_database_status.methods_development_category    ? 
# 
loop_
_audit_author.name 
_audit_author.pdbx_ordinal 
'McNally, T.'      1 
'Huang, Q.'        2 
'Janis, R.S.'      3 
'Liu, Z.'          4 
'Olejniczak, E.T.' 5 
'Reilly, R.M.'     6 
# 
_citation.id                        primary 
_citation.title                     'Structural analysis of UBL5, a novel ubiquitin-like modifier' 
_citation.journal_abbrev            'Protein Sci.' 
_citation.journal_volume            12 
_citation.page_first                1562 
_citation.page_last                 1566 
_citation.year                      2003 
_citation.journal_id_ASTM           PRCIEI 
_citation.country                   US 
_citation.journal_id_ISSN           0961-8368 
_citation.journal_id_CSD            0795 
_citation.book_publisher            ? 
_citation.pdbx_database_id_PubMed   12824502 
_citation.pdbx_database_id_DOI      10.1110/ps.0382803 
# 
loop_
_citation_author.citation_id 
_citation_author.name 
_citation_author.ordinal 
_citation_author.identifier_ORCID 
primary 'McNally, T.'      1 ? 
primary 'Huang, Q.'        2 ? 
primary 'Janis, R.S.'      3 ? 
primary 'Liu, Z.'          4 ? 
primary 'Olejniczak, E.T.' 5 ? 
primary 'Reilly, R.M.'     6 ? 
# 
_entity.id                         1 
_entity.type                       polymer 
_entity.src_method                 man 
_entity.pdbx_description           'ubiquitin-like 5' 
_entity.formula_weight             10732.312 
_entity.pdbx_number_of_molecules   1 
_entity.pdbx_ec                    ? 
_entity.pdbx_mutation              ? 
_entity.pdbx_fragment              ? 
_entity.details                    ? 
# 
_entity_poly.entity_id                      1 
_entity_poly.type                           'polypeptide(L)' 
_entity_poly.nstd_linkage                   no 
_entity_poly.nstd_monomer                   no 
_entity_poly.pdbx_seq_one_letter_code       
;MGSSHHHHHHSSGLVPRGSHMIEVVCNDRLGKKVRVKCNTDDTIGDLKKLIAAQTGTRWNKIVLKKWYTIFKDHVSLGDY
EIHDGMNLELYYQ
;
_entity_poly.pdbx_seq_one_letter_code_can   
;MGSSHHHHHHSSGLVPRGSHMIEVVCNDRLGKKVRVKCNTDDTIGDLKKLIAAQTGTRWNKIVLKKWYTIFKDHVSLGDY
EIHDGMNLELYYQ
;
_entity_poly.pdbx_strand_id                 A 
_entity_poly.pdbx_target_identifier         ? 
# 
loop_
_entity_poly_seq.entity_id 
_entity_poly_seq.num 
_entity_poly_seq.mon_id 
_entity_poly_seq.hetero 
1 1  MET n 
1 2  GLY n 
1 3  SER n 
1 4  SER n 
1 5  HIS n 
1 6  HIS n 
1 7  HIS n 
1 8  HIS n 
1 9  HIS n 
1 10 HIS n 
1 11 SER n 
1 12 SER n 
1 13 GLY n 
1 14 LEU n 
1 15 VAL n 
1 16 PRO n 
1 17 ARG n 
1 18 GLY n 
1 19 SER n 
1 20 HIS n 
1 21 MET n 
1 22 ILE n 
1 23 GLU n 
1 24 VAL n 
1 25 VAL n 
1 26 CYS n 
1 27 ASN n 
1 28 ASP n 
1 29 ARG n 
1 30 LEU n 
1 31 GLY n 
1 32 LYS n 
1 33 LYS n 
1 34 VAL n 
1 35 ARG n 
1 36 VAL n 
1 37 LYS n 
1 38 CYS n 
1 39 ASN n 
1 40 THR n 
1 41 ASP n 
1 42 ASP n 
1 43 THR n 
1 44 ILE n 
1 45 GLY n 
1 46 ASP n 
1 47 LEU n 
1 48 LYS n 
1 49 LYS n 
1 50 LEU n 
1 51 ILE n 
1 52 ALA n 
1 53 ALA n 
1 54 GLN n 
1 55 THR n 
1 56 GLY n 
1 57 THR n 
1 58 ARG n 
1 59 TRP n 
1 60 ASN n 
1 61 LYS n 
1 62 ILE n 
1 63 VAL n 
1 64 LEU n 
1 65 LYS n 
1 66 LYS n 
1 67 TRP n 
1 68 TYR n 
1 69 THR n 
1 70 ILE n 
1 71 PHE n 
1 72 LYS n 
1 73 ASP n 
1 74 HIS n 
1 75 VAL n 
1 76 SER n 
1 77 LEU n 
1 78 GLY n 
1 79 ASP n 
1 80 TYR n 
1 81 GLU n 
1 82 ILE n 
1 83 HIS n 
1 84 ASP n 
1 85 GLY n 
1 86 MET n 
1 87 ASN n 
1 88 LEU n 
1 89 GLU n 
1 90 LEU n 
1 91 TYR n 
1 92 TYR n 
1 93 GLN n 
# 
_entity_src_gen.entity_id                          1 
_entity_src_gen.pdbx_src_id                        1 
_entity_src_gen.pdbx_alt_source_flag               sample 
_entity_src_gen.pdbx_seq_type                      ? 
_entity_src_gen.pdbx_beg_seq_num                   ? 
_entity_src_gen.pdbx_end_seq_num                   ? 
_entity_src_gen.gene_src_common_name               human 
_entity_src_gen.gene_src_genus                     Homo 
_entity_src_gen.pdbx_gene_src_gene                 ? 
_entity_src_gen.gene_src_species                   ? 
_entity_src_gen.gene_src_strain                    ? 
_entity_src_gen.gene_src_tissue                    ? 
_entity_src_gen.gene_src_tissue_fraction           ? 
_entity_src_gen.gene_src_details                   ? 
_entity_src_gen.pdbx_gene_src_fragment             ? 
_entity_src_gen.pdbx_gene_src_scientific_name      'Homo sapiens' 
_entity_src_gen.pdbx_gene_src_ncbi_taxonomy_id     9606 
_entity_src_gen.pdbx_gene_src_variant              ? 
_entity_src_gen.pdbx_gene_src_cell_line            ? 
_entity_src_gen.pdbx_gene_src_atcc                 ? 
_entity_src_gen.pdbx_gene_src_organ                ? 
_entity_src_gen.pdbx_gene_src_organelle            ? 
_entity_src_gen.pdbx_gene_src_cell                 ? 
_entity_src_gen.pdbx_gene_src_cellular_location    ? 
_entity_src_gen.host_org_common_name               ? 
_entity_src_gen.pdbx_host_org_scientific_name      'Escherichia coli BL21(DE3)' 
_entity_src_gen.pdbx_host_org_ncbi_taxonomy_id     469008 
_entity_src_gen.host_org_genus                     Escherichia 
_entity_src_gen.pdbx_host_org_gene                 ? 
_entity_src_gen.pdbx_host_org_organ                ? 
_entity_src_gen.host_org_species                   'Escherichia coli' 
_entity_src_gen.pdbx_host_org_tissue               ? 
_entity_src_gen.pdbx_host_org_tissue_fraction      ? 
_entity_src_gen.pdbx_host_org_strain               'bl21(DE3)' 
_entity_src_gen.pdbx_host_org_variant              ? 
_entity_src_gen.pdbx_host_org_cell_line            ? 
_entity_src_gen.pdbx_host_org_atcc                 ? 
_entity_src_gen.pdbx_host_org_culture_collection   ? 
_entity_src_gen.pdbx_host_org_cell                 ? 
_entity_src_gen.pdbx_host_org_organelle            ? 
_entity_src_gen.pdbx_host_org_cellular_location    ? 
_entity_src_gen.pdbx_host_org_vector_type          plasmid 
_entity_src_gen.pdbx_host_org_vector               ? 
_entity_src_gen.host_org_details                   ? 
_entity_src_gen.expression_system_id               ? 
_entity_src_gen.plasmid_name                       pet15b 
_entity_src_gen.plasmid_details                    ? 
_entity_src_gen.pdbx_description                   ? 
# 
loop_
_chem_comp.id 
_chem_comp.type 
_chem_comp.mon_nstd_flag 
_chem_comp.name 
_chem_comp.pdbx_synonyms 
_chem_comp.formula 
_chem_comp.formula_weight 
ALA 'L-peptide linking' y ALANINE         ? 'C3 H7 N O2'     89.093  
ARG 'L-peptide linking' y ARGININE        ? 'C6 H15 N4 O2 1' 175.209 
ASN 'L-peptide linking' y ASPARAGINE      ? 'C4 H8 N2 O3'    132.118 
ASP 'L-peptide linking' y 'ASPARTIC ACID' ? 'C4 H7 N O4'     133.103 
CYS 'L-peptide linking' y CYSTEINE        ? 'C3 H7 N O2 S'   121.158 
GLN 'L-peptide linking' y GLUTAMINE       ? 'C5 H10 N2 O3'   146.144 
GLU 'L-peptide linking' y 'GLUTAMIC ACID' ? 'C5 H9 N O4'     147.129 
GLY 'peptide linking'   y GLYCINE         ? 'C2 H5 N O2'     75.067  
HIS 'L-peptide linking' y HISTIDINE       ? 'C6 H10 N3 O2 1' 156.162 
ILE 'L-peptide linking' y ISOLEUCINE      ? 'C6 H13 N O2'    131.173 
LEU 'L-peptide linking' y LEUCINE         ? 'C6 H13 N O2'    131.173 
LYS 'L-peptide linking' y LYSINE          ? 'C6 H15 N2 O2 1' 147.195 
MET 'L-peptide linking' y METHIONINE      ? 'C5 H11 N O2 S'  149.211 
PHE 'L-peptide linking' y PHENYLALANINE   ? 'C9 H11 N O2'    165.189 
PRO 'L-peptide linking' y PROLINE         ? 'C5 H9 N O2'     115.130 
SER 'L-peptide linking' y SERINE          ? 'C3 H7 N O3'     105.093 
THR 'L-peptide linking' y THREONINE       ? 'C4 H9 N O3'     119.119 
TRP 'L-peptide linking' y TRYPTOPHAN      ? 'C11 H12 N2 O2'  204.225 
TYR 'L-peptide linking' y TYROSINE        ? 'C9 H11 N O3'    181.189 
VAL 'L-peptide linking' y VALINE          ? 'C5 H11 N O2'    117.146 
# 
loop_
_pdbx_poly_seq_scheme.asym_id 
_pdbx_poly_seq_scheme.entity_id 
_pdbx_poly_seq_scheme.seq_id 
_pdbx_poly_seq_scheme.mon_id 
_pdbx_poly_seq_scheme.ndb_seq_num 
_pdbx_poly_seq_scheme.pdb_seq_num 
_pdbx_poly_seq_scheme.auth_seq_num 
_pdbx_poly_seq_scheme.pdb_mon_id 
_pdbx_poly_seq_scheme.auth_mon_id 
_pdbx_poly_seq_scheme.pdb_strand_id 
_pdbx_poly_seq_scheme.pdb_ins_code 
_pdbx_poly_seq_scheme.hetero 
A 1 1  MET 1  -19 ?  ?   ?   A . n 
A 1 2  GLY 2  -18 ?  ?   ?   A . n 
A 1 3  SER 3  -17 ?  ?   ?   A . n 
A 1 4  SER 4  -16 ?  ?   ?   A . n 
A 1 5  HIS 5  -15 ?  ?   ?   A . n 
A 1 6  HIS 6  -14 ?  ?   ?   A . n 
A 1 7  HIS 7  -13 ?  ?   ?   A . n 
A 1 8  HIS 8  -12 ?  ?   ?   A . n 
A 1 9  HIS 9  -11 ?  ?   ?   A . n 
A 1 10 HIS 10 -10 ?  ?   ?   A . n 
A 1 11 SER 11 -9  ?  ?   ?   A . n 
A 1 12 SER 12 -8  ?  ?   ?   A . n 
A 1 13 GLY 13 -7  ?  ?   ?   A . n 
A 1 14 LEU 14 -6  ?  ?   ?   A . n 
A 1 15 VAL 15 -5  ?  ?   ?   A . n 
A 1 16 PRO 16 -4  ?  ?   ?   A . n 
A 1 17 ARG 17 -3  ?  ?   ?   A . n 
A 1 18 GLY 18 -2  ?  ?   ?   A . n 
A 1 19 SER 19 -1  ?  ?   ?   A . n 
A 1 20 HIS 20 0   ?  ?   ?   A . n 
A 1 21 MET 21 1   1  MET MET A . n 
A 1 22 ILE 22 2   2  ILE ILE A . n 
A 1 23 GLU 23 3   3  GLU GLU A . n 
A 1 24 VAL 24 4   4  VAL VAL A . n 
A 1 25 VAL 25 5   5  VAL VAL A . n 
A 1 26 CYS 26 6   6  CYS CYS A . n 
A 1 27 ASN 27 7   7  ASN ASN A . n 
A 1 28 ASP 28 8   8  ASP ASP A . n 
A 1 29 ARG 29 9   9  ARG ARG A . n 
A 1 30 LEU 30 10  10 LEU LEU A . n 
A 1 31 GLY 31 11  11 GLY GLY A . n 
A 1 32 LYS 32 12  12 LYS LYS A . n 
A 1 33 LYS 33 13  13 LYS LYS A . n 
A 1 34 VAL 34 14  14 VAL VAL A . n 
A 1 35 ARG 35 15  15 ARG ARG A . n 
A 1 36 VAL 36 16  16 VAL VAL A . n 
A 1 37 LYS 37 17  17 LYS LYS A . n 
A 1 38 CYS 38 18  18 CYS CYS A . n 
A 1 39 ASN 39 19  19 ASN ASN A . n 
A 1 40 THR 40 20  20 THR THR A . n 
A 1 41 ASP 41 21  21 ASP ASP A . n 
A 1 42 ASP 42 22  22 ASP ASP A . n 
A 1 43 THR 43 23  23 THR THR A . n 
A 1 44 ILE 44 24  24 ILE ILE A . n 
A 1 45 GLY 45 25  25 GLY GLY A . n 
A 1 46 ASP 46 26  26 ASP ASP A . n 
A 1 47 LEU 47 27  27 LEU LEU A . n 
A 1 48 LYS 48 28  28 LYS LYS A . n 
A 1 49 LYS 49 29  29 LYS LYS A . n 
A 1 50 LEU 50 30  30 LEU LEU A . n 
A 1 51 ILE 51 31  31 ILE ILE A . n 
A 1 52 ALA 52 32  32 ALA ALA A . n 
A 1 53 ALA 53 33  33 ALA ALA A . n 
A 1 54 GLN 54 34  34 GLN GLN A . n 
A 1 55 THR 55 35  35 THR THR A . n 
A 1 56 GLY 56 36  36 GLY GLY A . n 
A 1 57 THR 57 37  37 THR THR A . n 
A 1 58 ARG 58 38  38 ARG ARG A . n 
A 1 59 TRP 59 39  39 TRP TRP A . n 
A 1 60 ASN 60 40  40 ASN ASN A . n 
A 1 61 LYS 61 41  41 LYS LYS A . n 
A 1 62 ILE 62 42  42 ILE ILE A . n 
A 1 63 VAL 63 43  43 VAL VAL A . n 
A 1 64 LEU 64 44  44 LEU LEU A . n 
A 1 65 LYS 65 45  45 LYS LYS A . n 
A 1 66 LYS 66 46  46 LYS LYS A . n 
A 1 67 TRP 67 47  47 TRP TRP A . n 
A 1 68 TYR 68 48  48 TYR TYR A . n 
A 1 69 THR 69 49  49 THR THR A . n 
A 1 70 ILE 70 50  50 ILE ILE A . n 
A 1 71 PHE 71 51  51 PHE PHE A . n 
A 1 72 LYS 72 52  52 LYS LYS A . n 
A 1 73 ASP 73 53  53 ASP ASP A . n 
A 1 74 HIS 74 54  54 HIS HIS A . n 
A 1 75 VAL 75 55  55 VAL VAL A . n 
A 1 76 SER 76 56  56 SER SER A . n 
A 1 77 LEU 77 57  57 LEU LEU A . n 
A 1 78 GLY 78 58  58 GLY GLY A . n 
A 1 79 ASP 79 59  59 ASP ASP A . n 
A 1 80 TYR 80 60  60 TYR TYR A . n 
A 1 81 GLU 81 61  61 GLU GLU A . n 
A 1 82 ILE 82 62  62 ILE ILE A . n 
A 1 83 HIS 83 63  63 HIS HIS A . n 
A 1 84 ASP 84 64  64 ASP ASP A . n 
A 1 85 GLY 85 65  65 GLY GLY A . n 
A 1 86 MET 86 66  66 MET MET A . n 
A 1 87 ASN 87 67  67 ASN ASN A . n 
A 1 88 LEU 88 68  68 LEU LEU A . n 
A 1 89 GLU 89 69  69 GLU GLU A . n 
A 1 90 LEU 90 70  70 LEU LEU A . n 
A 1 91 TYR 91 71  71 TYR TYR A . n 
A 1 92 TYR 92 72  72 TYR TYR A . n 
A 1 93 GLN 93 73  73 GLN GLN A . n 
# 
_exptl.entry_id          1P0R 
_exptl.method            'SOLUTION NMR' 
_exptl.crystals_number   ? 
# 
_exptl_crystal.id                    1 
_exptl_crystal.density_meas          ? 
_exptl_crystal.density_Matthews      ? 
_exptl_crystal.density_percent_sol   ? 
_exptl_crystal.description           ? 
# 
_diffrn.id                     1 
_diffrn.ambient_temp           ? 
_diffrn.ambient_temp_details   ? 
_diffrn.crystal_id             1 
# 
_diffrn_radiation.diffrn_id                        1 
_diffrn_radiation.wavelength_id                    1 
_diffrn_radiation.pdbx_monochromatic_or_laue_m_l   M 
_diffrn_radiation.monochromator                    ? 
_diffrn_radiation.pdbx_diffrn_protocol             'SINGLE WAVELENGTH' 
_diffrn_radiation.pdbx_scattering_type             ? 
# 
_diffrn_radiation_wavelength.id           1 
_diffrn_radiation_wavelength.wavelength   . 
_diffrn_radiation_wavelength.wt           1.0 
# 
_struct.entry_id                  1P0R 
_struct.title                     'Solution Structure of UBL5 a human Ubiquitin-Like Protein' 
_struct.pdbx_model_details        ? 
_struct.pdbx_CASP_flag            ? 
_struct.pdbx_model_type_details   'minimized average' 
# 
_struct_keywords.entry_id        1P0R 
_struct_keywords.pdbx_keywords   'PROTEIN BINDING' 
_struct_keywords.text            'Ubiquitin-like fold, PROTEIN BINDING' 
# 
_struct_asym.id                            A 
_struct_asym.pdbx_blank_PDB_chainid_flag   N 
_struct_asym.pdbx_modified                 N 
_struct_asym.entity_id                     1 
_struct_asym.details                       ? 
# 
_struct_ref.id                         1 
_struct_ref.db_name                    UNP 
_struct_ref.db_code                    UBL5_HUMAN 
_struct_ref.pdbx_db_accession          Q9BZL1 
_struct_ref.entity_id                  1 
_struct_ref.pdbx_seq_one_letter_code   MIEVVCNDRLGKKVRVKCNTDDTIGDLKKLIAAQTGTRWNKIVLKKWYTIFKDHVSLGDYEIHDGMNLELYYQ 
_struct_ref.pdbx_align_begin           1 
_struct_ref.pdbx_db_isoform            ? 
# 
_struct_ref_seq.align_id                      1 
_struct_ref_seq.ref_id                        1 
_struct_ref_seq.pdbx_PDB_id_code              1P0R 
_struct_ref_seq.pdbx_strand_id                A 
_struct_ref_seq.seq_align_beg                 21 
_struct_ref_seq.pdbx_seq_align_beg_ins_code   ? 
_struct_ref_seq.seq_align_end                 93 
_struct_ref_seq.pdbx_seq_align_end_ins_code   ? 
_struct_ref_seq.pdbx_db_accession             Q9BZL1 
_struct_ref_seq.db_align_beg                  1 
_struct_ref_seq.pdbx_db_align_beg_ins_code    ? 
_struct_ref_seq.db_align_end                  73 
_struct_ref_seq.pdbx_db_align_end_ins_code    ? 
_struct_ref_seq.pdbx_auth_seq_align_beg       1 
_struct_ref_seq.pdbx_auth_seq_align_end       73 
# 
loop_
_struct_ref_seq_dif.align_id 
_struct_ref_seq_dif.pdbx_pdb_id_code 
_struct_ref_seq_dif.mon_id 
_struct_ref_seq_dif.pdbx_pdb_strand_id 
_struct_ref_seq_dif.seq_num 
_struct_ref_seq_dif.pdbx_pdb_ins_code 
_struct_ref_seq_dif.pdbx_seq_db_name 
_struct_ref_seq_dif.pdbx_seq_db_accession_code 
_struct_ref_seq_dif.db_mon_id 
_struct_ref_seq_dif.pdbx_seq_db_seq_num 
_struct_ref_seq_dif.details 
_struct_ref_seq_dif.pdbx_auth_seq_num 
_struct_ref_seq_dif.pdbx_ordinal 
1 1P0R MET A 1  ? UNP Q9BZL1 ? ? 'expression tag' -19 1  
1 1P0R GLY A 2  ? UNP Q9BZL1 ? ? 'expression tag' -18 2  
1 1P0R SER A 3  ? UNP Q9BZL1 ? ? 'expression tag' -17 3  
1 1P0R SER A 4  ? UNP Q9BZL1 ? ? 'expression tag' -16 4  
1 1P0R HIS A 5  ? UNP Q9BZL1 ? ? 'expression tag' -15 5  
1 1P0R HIS A 6  ? UNP Q9BZL1 ? ? 'expression tag' -14 6  
1 1P0R HIS A 7  ? UNP Q9BZL1 ? ? 'expression tag' -13 7  
1 1P0R HIS A 8  ? UNP Q9BZL1 ? ? 'expression tag' -12 8  
1 1P0R HIS A 9  ? UNP Q9BZL1 ? ? 'expression tag' -11 9  
1 1P0R HIS A 10 ? UNP Q9BZL1 ? ? 'expression tag' -10 10 
1 1P0R SER A 11 ? UNP Q9BZL1 ? ? 'expression tag' -9  11 
1 1P0R SER A 12 ? UNP Q9BZL1 ? ? 'expression tag' -8  12 
1 1P0R GLY A 13 ? UNP Q9BZL1 ? ? 'expression tag' -7  13 
1 1P0R LEU A 14 ? UNP Q9BZL1 ? ? 'expression tag' -6  14 
1 1P0R VAL A 15 ? UNP Q9BZL1 ? ? 'expression tag' -5  15 
1 1P0R PRO A 16 ? UNP Q9BZL1 ? ? 'expression tag' -4  16 
1 1P0R ARG A 17 ? UNP Q9BZL1 ? ? 'expression tag' -3  17 
1 1P0R GLY A 18 ? UNP Q9BZL1 ? ? 'expression tag' -2  18 
1 1P0R SER A 19 ? UNP Q9BZL1 ? ? 'expression tag' -1  19 
1 1P0R HIS A 20 ? UNP Q9BZL1 ? ? 'expression tag' 0   20 
# 
_pdbx_struct_assembly.id                   1 
_pdbx_struct_assembly.details              author_defined_assembly 
_pdbx_struct_assembly.method_details       ? 
_pdbx_struct_assembly.oligomeric_details   monomeric 
_pdbx_struct_assembly.oligomeric_count     1 
# 
_pdbx_struct_assembly_gen.assembly_id       1 
_pdbx_struct_assembly_gen.oper_expression   1 
_pdbx_struct_assembly_gen.asym_id_list      A 
# 
_pdbx_struct_oper_list.id                   1 
_pdbx_struct_oper_list.type                 'identity operation' 
_pdbx_struct_oper_list.name                 1_555 
_pdbx_struct_oper_list.symmetry_operation   x,y,z 
_pdbx_struct_oper_list.matrix[1][1]         1.0000000000 
_pdbx_struct_oper_list.matrix[1][2]         0.0000000000 
_pdbx_struct_oper_list.matrix[1][3]         0.0000000000 
_pdbx_struct_oper_list.vector[1]            0.0000000000 
_pdbx_struct_oper_list.matrix[2][1]         0.0000000000 
_pdbx_struct_oper_list.matrix[2][2]         1.0000000000 
_pdbx_struct_oper_list.matrix[2][3]         0.0000000000 
_pdbx_struct_oper_list.vector[2]            0.0000000000 
_pdbx_struct_oper_list.matrix[3][1]         0.0000000000 
_pdbx_struct_oper_list.matrix[3][2]         0.0000000000 
_pdbx_struct_oper_list.matrix[3][3]         1.0000000000 
_pdbx_struct_oper_list.vector[3]            0.0000000000 
# 
_struct_biol.id   1 
# 
_struct_conf.conf_type_id            HELX_P 
_struct_conf.id                      HELX_P1 
_struct_conf.pdbx_PDB_helix_id       1 
_struct_conf.beg_label_comp_id       THR 
_struct_conf.beg_label_asym_id       A 
_struct_conf.beg_label_seq_id        43 
_struct_conf.pdbx_beg_PDB_ins_code   ? 
_struct_conf.end_label_comp_id       ALA 
_struct_conf.end_label_asym_id       A 
_struct_conf.end_label_seq_id        53 
_struct_conf.pdbx_end_PDB_ins_code   ? 
_struct_conf.beg_auth_comp_id        THR 
_struct_conf.beg_auth_asym_id        A 
_struct_conf.beg_auth_seq_id         23 
_struct_conf.end_auth_comp_id        ALA 
_struct_conf.end_auth_asym_id        A 
_struct_conf.end_auth_seq_id         33 
_struct_conf.pdbx_PDB_helix_class    1 
_struct_conf.details                 ? 
_struct_conf.pdbx_PDB_helix_length   11 
# 
_struct_conf_type.id          HELX_P 
_struct_conf_type.criteria    ? 
_struct_conf_type.reference   ? 
# 
_struct_sheet.id               A 
_struct_sheet.type             ? 
_struct_sheet.number_strands   4 
_struct_sheet.details          ? 
# 
loop_
_struct_sheet_order.sheet_id 
_struct_sheet_order.range_id_1 
_struct_sheet_order.range_id_2 
_struct_sheet_order.offset 
_struct_sheet_order.sense 
A 1 2 ? anti-parallel 
A 2 3 ? parallel      
A 3 4 ? anti-parallel 
# 
loop_
_struct_sheet_range.sheet_id 
_struct_sheet_range.id 
_struct_sheet_range.beg_label_comp_id 
_struct_sheet_range.beg_label_asym_id 
_struct_sheet_range.beg_label_seq_id 
_struct_sheet_range.pdbx_beg_PDB_ins_code 
_struct_sheet_range.end_label_comp_id 
_struct_sheet_range.end_label_asym_id 
_struct_sheet_range.end_label_seq_id 
_struct_sheet_range.pdbx_end_PDB_ins_code 
_struct_sheet_range.beg_auth_comp_id 
_struct_sheet_range.beg_auth_asym_id 
_struct_sheet_range.beg_auth_seq_id 
_struct_sheet_range.end_auth_comp_id 
_struct_sheet_range.end_auth_asym_id 
_struct_sheet_range.end_auth_seq_id 
A 1 LYS A 32 ? CYS A 38 ? LYS A 12 CYS A 18 
A 2 ILE A 22 ? ASP A 28 ? ILE A 2  ASP A 8  
A 3 MET A 86 ? TYR A 91 ? MET A 66 TYR A 71 
A 4 VAL A 63 ? LYS A 65 ? VAL A 43 LYS A 45 
# 
loop_
_pdbx_struct_sheet_hbond.sheet_id 
_pdbx_struct_sheet_hbond.range_id_1 
_pdbx_struct_sheet_hbond.range_id_2 
_pdbx_struct_sheet_hbond.range_1_label_atom_id 
_pdbx_struct_sheet_hbond.range_1_label_comp_id 
_pdbx_struct_sheet_hbond.range_1_label_asym_id 
_pdbx_struct_sheet_hbond.range_1_label_seq_id 
_pdbx_struct_sheet_hbond.range_1_PDB_ins_code 
_pdbx_struct_sheet_hbond.range_1_auth_atom_id 
_pdbx_struct_sheet_hbond.range_1_auth_comp_id 
_pdbx_struct_sheet_hbond.range_1_auth_asym_id 
_pdbx_struct_sheet_hbond.range_1_auth_seq_id 
_pdbx_struct_sheet_hbond.range_2_label_atom_id 
_pdbx_struct_sheet_hbond.range_2_label_comp_id 
_pdbx_struct_sheet_hbond.range_2_label_asym_id 
_pdbx_struct_sheet_hbond.range_2_label_seq_id 
_pdbx_struct_sheet_hbond.range_2_PDB_ins_code 
_pdbx_struct_sheet_hbond.range_2_auth_atom_id 
_pdbx_struct_sheet_hbond.range_2_auth_comp_id 
_pdbx_struct_sheet_hbond.range_2_auth_asym_id 
_pdbx_struct_sheet_hbond.range_2_auth_seq_id 
A 1 2 O LYS A 32 ? O LYS A 12 N ASP A 28 ? N ASP A 8  
A 2 3 N VAL A 25 ? N VAL A 5  O MET A 86 ? O MET A 66 
A 3 4 O TYR A 91 ? O TYR A 71 N VAL A 63 ? N VAL A 43 
# 
loop_
_pdbx_validate_torsion.id 
_pdbx_validate_torsion.PDB_model_num 
_pdbx_validate_torsion.auth_comp_id 
_pdbx_validate_torsion.auth_asym_id 
_pdbx_validate_torsion.auth_seq_id 
_pdbx_validate_torsion.PDB_ins_code 
_pdbx_validate_torsion.label_alt_id 
_pdbx_validate_torsion.phi 
_pdbx_validate_torsion.psi 
1 1 CYS A 18 ? ? -145.96 -149.45 
2 1 ALA A 33 ? ? -95.11  42.19   
3 1 GLN A 34 ? ? -151.91 -57.56  
4 1 ARG A 38 ? ? 63.42   176.71  
5 1 ASN A 40 ? ? -120.96 -58.28  
6 1 TRP A 47 ? ? 74.82   -64.40  
7 1 TYR A 48 ? ? 171.94  67.09   
8 1 SER A 56 ? ? -154.37 61.30   
9 1 GLU A 61 ? ? 51.70   84.45   
# 
_pdbx_nmr_ensemble.entry_id                             1P0R 
_pdbx_nmr_ensemble.conformers_calculated_total_number   ? 
_pdbx_nmr_ensemble.conformers_submitted_total_number    1 
_pdbx_nmr_ensemble.conformer_selection_criteria         ? 
# 
_pdbx_nmr_representative.entry_id             1P0R 
_pdbx_nmr_representative.conformer_id         1 
_pdbx_nmr_representative.selection_criteria   'minimized average structure' 
# 
loop_
_pdbx_nmr_sample_details.solution_id 
_pdbx_nmr_sample_details.contents 
_pdbx_nmr_sample_details.solvent_system 
1 '.5mM UBL5 U-15N,13C 50mM sodium phosphate (pH 5.7), 2mM Dtt'  '90% H2O/10% D2O' 
2 '1.0mM UBL5 U-15N,13C 50mM sodium phosphate (pH 5.7), 2mM Dtt' '100% D2O'        
# 
_pdbx_nmr_exptl_sample_conditions.conditions_id       1 
_pdbx_nmr_exptl_sample_conditions.temperature         298 
_pdbx_nmr_exptl_sample_conditions.pressure            ambient 
_pdbx_nmr_exptl_sample_conditions.pH                  5.7 
_pdbx_nmr_exptl_sample_conditions.ionic_strength      '50mM sodium phosphate' 
_pdbx_nmr_exptl_sample_conditions.pressure_units      ? 
_pdbx_nmr_exptl_sample_conditions.temperature_units   K 
# 
loop_
_pdbx_nmr_exptl.experiment_id 
_pdbx_nmr_exptl.solution_id 
_pdbx_nmr_exptl.conditions_id 
_pdbx_nmr_exptl.type 
1 1 1 3D_15N-separated_NOESY 
2 2 1 3D_13C-separated_NOESY 
# 
_pdbx_nmr_refine.entry_id           1P0R 
_pdbx_nmr_refine.method             'simulated annealing' 
_pdbx_nmr_refine.details            'Based on 952 NMR-derived distance and torsion angle restraints.' 
_pdbx_nmr_refine.software_ordinal   1 
# 
_pdbx_nmr_software.name             CNX 
_pdbx_nmr_software.version          2000 
_pdbx_nmr_software.classification   refinement 
_pdbx_nmr_software.authors          'Brunger, A.T.' 
_pdbx_nmr_software.ordinal          1 
# 
loop_
_pdbx_unobs_or_zero_occ_residues.id 
_pdbx_unobs_or_zero_occ_residues.PDB_model_num 
_pdbx_unobs_or_zero_occ_residues.polymer_flag 
_pdbx_unobs_or_zero_occ_residues.occupancy_flag 
_pdbx_unobs_or_zero_occ_residues.auth_asym_id 
_pdbx_unobs_or_zero_occ_residues.auth_comp_id 
_pdbx_unobs_or_zero_occ_residues.auth_seq_id 
_pdbx_unobs_or_zero_occ_residues.PDB_ins_code 
_pdbx_unobs_or_zero_occ_residues.label_asym_id 
_pdbx_unobs_or_zero_occ_residues.label_comp_id 
_pdbx_unobs_or_zero_occ_residues.label_seq_id 
1  1 Y 1 A MET -19 ? A MET 1  
2  1 Y 1 A GLY -18 ? A GLY 2  
3  1 Y 1 A SER -17 ? A SER 3  
4  1 Y 1 A SER -16 ? A SER 4  
5  1 Y 1 A HIS -15 ? A HIS 5  
6  1 Y 1 A HIS -14 ? A HIS 6  
7  1 Y 1 A HIS -13 ? A HIS 7  
8  1 Y 1 A HIS -12 ? A HIS 8  
9  1 Y 1 A HIS -11 ? A HIS 9  
10 1 Y 1 A HIS -10 ? A HIS 10 
11 1 Y 1 A SER -9  ? A SER 11 
12 1 Y 1 A SER -8  ? A SER 12 
13 1 Y 1 A GLY -7  ? A GLY 13 
14 1 Y 1 A LEU -6  ? A LEU 14 
15 1 Y 1 A VAL -5  ? A VAL 15 
16 1 Y 1 A PRO -4  ? A PRO 16 
17 1 Y 1 A ARG -3  ? A ARG 17 
18 1 Y 1 A GLY -2  ? A GLY 18 
19 1 Y 1 A SER -1  ? A SER 19 
20 1 Y 1 A HIS 0   ? A HIS 20 
# 
loop_
_chem_comp_atom.comp_id 
_chem_comp_atom.atom_id 
_chem_comp_atom.type_symbol 
_chem_comp_atom.pdbx_aromatic_flag 
_chem_comp_atom.pdbx_stereo_config 
_chem_comp_atom.pdbx_ordinal 
ALA N    N N N 1   
ALA CA   C N S 2   
ALA C    C N N 3   
ALA O    O N N 4   
ALA CB   C N N 5   
ALA OXT  O N N 6   
ALA H    H N N 7   
ALA H2   H N N 8   
ALA HA   H N N 9   
ALA HB1  H N N 10  
ALA HB2  H N N 11  
ALA HB3  H N N 12  
ALA HXT  H N N 13  
ARG N    N N N 14  
ARG CA   C N S 15  
ARG C    C N N 16  
ARG O    O N N 17  
ARG CB   C N N 18  
ARG CG   C N N 19  
ARG CD   C N N 20  
ARG NE   N N N 21  
ARG CZ   C N N 22  
ARG NH1  N N N 23  
ARG NH2  N N N 24  
ARG OXT  O N N 25  
ARG H    H N N 26  
ARG H2   H N N 27  
ARG HA   H N N 28  
ARG HB2  H N N 29  
ARG HB3  H N N 30  
ARG HG2  H N N 31  
ARG HG3  H N N 32  
ARG HD2  H N N 33  
ARG HD3  H N N 34  
ARG HE   H N N 35  
ARG HH11 H N N 36  
ARG HH12 H N N 37  
ARG HH21 H N N 38  
ARG HH22 H N N 39  
ARG HXT  H N N 40  
ASN N    N N N 41  
ASN CA   C N S 42  
ASN C    C N N 43  
ASN O    O N N 44  
ASN CB   C N N 45  
ASN CG   C N N 46  
ASN OD1  O N N 47  
ASN ND2  N N N 48  
ASN OXT  O N N 49  
ASN H    H N N 50  
ASN H2   H N N 51  
ASN HA   H N N 52  
ASN HB2  H N N 53  
ASN HB3  H N N 54  
ASN HD21 H N N 55  
ASN HD22 H N N 56  
ASN HXT  H N N 57  
ASP N    N N N 58  
ASP CA   C N S 59  
ASP C    C N N 60  
ASP O    O N N 61  
ASP CB   C N N 62  
ASP CG   C N N 63  
ASP OD1  O N N 64  
ASP OD2  O N N 65  
ASP OXT  O N N 66  
ASP H    H N N 67  
ASP H2   H N N 68  
ASP HA   H N N 69  
ASP HB2  H N N 70  
ASP HB3  H N N 71  
ASP HD2  H N N 72  
ASP HXT  H N N 73  
CYS N    N N N 74  
CYS CA   C N R 75  
CYS C    C N N 76  
CYS O    O N N 77  
CYS CB   C N N 78  
CYS SG   S N N 79  
CYS OXT  O N N 80  
CYS H    H N N 81  
CYS H2   H N N 82  
CYS HA   H N N 83  
CYS HB2  H N N 84  
CYS HB3  H N N 85  
CYS HG   H N N 86  
CYS HXT  H N N 87  
GLN N    N N N 88  
GLN CA   C N S 89  
GLN C    C N N 90  
GLN O    O N N 91  
GLN CB   C N N 92  
GLN CG   C N N 93  
GLN CD   C N N 94  
GLN OE1  O N N 95  
GLN NE2  N N N 96  
GLN OXT  O N N 97  
GLN H    H N N 98  
GLN H2   H N N 99  
GLN HA   H N N 100 
GLN HB2  H N N 101 
GLN HB3  H N N 102 
GLN HG2  H N N 103 
GLN HG3  H N N 104 
GLN HE21 H N N 105 
GLN HE22 H N N 106 
GLN HXT  H N N 107 
GLU N    N N N 108 
GLU CA   C N S 109 
GLU C    C N N 110 
GLU O    O N N 111 
GLU CB   C N N 112 
GLU CG   C N N 113 
GLU CD   C N N 114 
GLU OE1  O N N 115 
GLU OE2  O N N 116 
GLU OXT  O N N 117 
GLU H    H N N 118 
GLU H2   H N N 119 
GLU HA   H N N 120 
GLU HB2  H N N 121 
GLU HB3  H N N 122 
GLU HG2  H N N 123 
GLU HG3  H N N 124 
GLU HE2  H N N 125 
GLU HXT  H N N 126 
GLY N    N N N 127 
GLY CA   C N N 128 
GLY C    C N N 129 
GLY O    O N N 130 
GLY OXT  O N N 131 
GLY H    H N N 132 
GLY H2   H N N 133 
GLY HA2  H N N 134 
GLY HA3  H N N 135 
GLY HXT  H N N 136 
HIS N    N N N 137 
HIS CA   C N S 138 
HIS C    C N N 139 
HIS O    O N N 140 
HIS CB   C N N 141 
HIS CG   C Y N 142 
HIS ND1  N Y N 143 
HIS CD2  C Y N 144 
HIS CE1  C Y N 145 
HIS NE2  N Y N 146 
HIS OXT  O N N 147 
HIS H    H N N 148 
HIS H2   H N N 149 
HIS HA   H N N 150 
HIS HB2  H N N 151 
HIS HB3  H N N 152 
HIS HD1  H N N 153 
HIS HD2  H N N 154 
HIS HE1  H N N 155 
HIS HE2  H N N 156 
HIS HXT  H N N 157 
ILE N    N N N 158 
ILE CA   C N S 159 
ILE C    C N N 160 
ILE O    O N N 161 
ILE CB   C N S 162 
ILE CG1  C N N 163 
ILE CG2  C N N 164 
ILE CD1  C N N 165 
ILE OXT  O N N 166 
ILE H    H N N 167 
ILE H2   H N N 168 
ILE HA   H N N 169 
ILE HB   H N N 170 
ILE HG12 H N N 171 
ILE HG13 H N N 172 
ILE HG21 H N N 173 
ILE HG22 H N N 174 
ILE HG23 H N N 175 
ILE HD11 H N N 176 
ILE HD12 H N N 177 
ILE HD13 H N N 178 
ILE HXT  H N N 179 
LEU N    N N N 180 
LEU CA   C N S 181 
LEU C    C N N 182 
LEU O    O N N 183 
LEU CB   C N N 184 
LEU CG   C N N 185 
LEU CD1  C N N 186 
LEU CD2  C N N 187 
LEU OXT  O N N 188 
LEU H    H N N 189 
LEU H2   H N N 190 
LEU HA   H N N 191 
LEU HB2  H N N 192 
LEU HB3  H N N 193 
LEU HG   H N N 194 
LEU HD11 H N N 195 
LEU HD12 H N N 196 
LEU HD13 H N N 197 
LEU HD21 H N N 198 
LEU HD22 H N N 199 
LEU HD23 H N N 200 
LEU HXT  H N N 201 
LYS N    N N N 202 
LYS CA   C N S 203 
LYS C    C N N 204 
LYS O    O N N 205 
LYS CB   C N N 206 
LYS CG   C N N 207 
LYS CD   C N N 208 
LYS CE   C N N 209 
LYS NZ   N N N 210 
LYS OXT  O N N 211 
LYS H    H N N 212 
LYS H2   H N N 213 
LYS HA   H N N 214 
LYS HB2  H N N 215 
LYS HB3  H N N 216 
LYS HG2  H N N 217 
LYS HG3  H N N 218 
LYS HD2  H N N 219 
LYS HD3  H N N 220 
LYS HE2  H N N 221 
LYS HE3  H N N 222 
LYS HZ1  H N N 223 
LYS HZ2  H N N 224 
LYS HZ3  H N N 225 
LYS HXT  H N N 226 
MET N    N N N 227 
MET CA   C N S 228 
MET C    C N N 229 
MET O    O N N 230 
MET CB   C N N 231 
MET CG   C N N 232 
MET SD   S N N 233 
MET CE   C N N 234 
MET OXT  O N N 235 
MET H    H N N 236 
MET H2   H N N 237 
MET HA   H N N 238 
MET HB2  H N N 239 
MET HB3  H N N 240 
MET HG2  H N N 241 
MET HG3  H N N 242 
MET HE1  H N N 243 
MET HE2  H N N 244 
MET HE3  H N N 245 
MET HXT  H N N 246 
PHE N    N N N 247 
PHE CA   C N S 248 
PHE C    C N N 249 
PHE O    O N N 250 
PHE CB   C N N 251 
PHE CG   C Y N 252 
PHE CD1  C Y N 253 
PHE CD2  C Y N 254 
PHE CE1  C Y N 255 
PHE CE2  C Y N 256 
PHE CZ   C Y N 257 
PHE OXT  O N N 258 
PHE H    H N N 259 
PHE H2   H N N 260 
PHE HA   H N N 261 
PHE HB2  H N N 262 
PHE HB3  H N N 263 
PHE HD1  H N N 264 
PHE HD2  H N N 265 
PHE HE1  H N N 266 
PHE HE2  H N N 267 
PHE HZ   H N N 268 
PHE HXT  H N N 269 
PRO N    N N N 270 
PRO CA   C N S 271 
PRO C    C N N 272 
PRO O    O N N 273 
PRO CB   C N N 274 
PRO CG   C N N 275 
PRO CD   C N N 276 
PRO OXT  O N N 277 
PRO H    H N N 278 
PRO HA   H N N 279 
PRO HB2  H N N 280 
PRO HB3  H N N 281 
PRO HG2  H N N 282 
PRO HG3  H N N 283 
PRO HD2  H N N 284 
PRO HD3  H N N 285 
PRO HXT  H N N 286 
SER N    N N N 287 
SER CA   C N S 288 
SER C    C N N 289 
SER O    O N N 290 
SER CB   C N N 291 
SER OG   O N N 292 
SER OXT  O N N 293 
SER H    H N N 294 
SER H2   H N N 295 
SER HA   H N N 296 
SER HB2  H N N 297 
SER HB3  H N N 298 
SER HG   H N N 299 
SER HXT  H N N 300 
THR N    N N N 301 
THR CA   C N S 302 
THR C    C N N 303 
THR O    O N N 304 
THR CB   C N R 305 
THR OG1  O N N 306 
THR CG2  C N N 307 
THR OXT  O N N 308 
THR H    H N N 309 
THR H2   H N N 310 
THR HA   H N N 311 
THR HB   H N N 312 
THR HG1  H N N 313 
THR HG21 H N N 314 
THR HG22 H N N 315 
THR HG23 H N N 316 
THR HXT  H N N 317 
TRP N    N N N 318 
TRP CA   C N S 319 
TRP C    C N N 320 
TRP O    O N N 321 
TRP CB   C N N 322 
TRP CG   C Y N 323 
TRP CD1  C Y N 324 
TRP CD2  C Y N 325 
TRP NE1  N Y N 326 
TRP CE2  C Y N 327 
TRP CE3  C Y N 328 
TRP CZ2  C Y N 329 
TRP CZ3  C Y N 330 
TRP CH2  C Y N 331 
TRP OXT  O N N 332 
TRP H    H N N 333 
TRP H2   H N N 334 
TRP HA   H N N 335 
TRP HB2  H N N 336 
TRP HB3  H N N 337 
TRP HD1  H N N 338 
TRP HE1  H N N 339 
TRP HE3  H N N 340 
TRP HZ2  H N N 341 
TRP HZ3  H N N 342 
TRP HH2  H N N 343 
TRP HXT  H N N 344 
TYR N    N N N 345 
TYR CA   C N S 346 
TYR C    C N N 347 
TYR O    O N N 348 
TYR CB   C N N 349 
TYR CG   C Y N 350 
TYR CD1  C Y N 351 
TYR CD2  C Y N 352 
TYR CE1  C Y N 353 
TYR CE2  C Y N 354 
TYR CZ   C Y N 355 
TYR OH   O N N 356 
TYR OXT  O N N 357 
TYR H    H N N 358 
TYR H2   H N N 359 
TYR HA   H N N 360 
TYR HB2  H N N 361 
TYR HB3  H N N 362 
TYR HD1  H N N 363 
TYR HD2  H N N 364 
TYR HE1  H N N 365 
TYR HE2  H N N 366 
TYR HH   H N N 367 
TYR HXT  H N N 368 
VAL N    N N N 369 
VAL CA   C N S 370 
VAL C    C N N 371 
VAL O    O N N 372 
VAL CB   C N N 373 
VAL CG1  C N N 374 
VAL CG2  C N N 375 
VAL OXT  O N N 376 
VAL H    H N N 377 
VAL H2   H N N 378 
VAL HA   H N N 379 
VAL HB   H N N 380 
VAL HG11 H N N 381 
VAL HG12 H N N 382 
VAL HG13 H N N 383 
VAL HG21 H N N 384 
VAL HG22 H N N 385 
VAL HG23 H N N 386 
VAL HXT  H N N 387 
# 
loop_
_chem_comp_bond.comp_id 
_chem_comp_bond.atom_id_1 
_chem_comp_bond.atom_id_2 
_chem_comp_bond.value_order 
_chem_comp_bond.pdbx_aromatic_flag 
_chem_comp_bond.pdbx_stereo_config 
_chem_comp_bond.pdbx_ordinal 
ALA N   CA   sing N N 1   
ALA N   H    sing N N 2   
ALA N   H2   sing N N 3   
ALA CA  C    sing N N 4   
ALA CA  CB   sing N N 5   
ALA CA  HA   sing N N 6   
ALA C   O    doub N N 7   
ALA C   OXT  sing N N 8   
ALA CB  HB1  sing N N 9   
ALA CB  HB2  sing N N 10  
ALA CB  HB3  sing N N 11  
ALA OXT HXT  sing N N 12  
ARG N   CA   sing N N 13  
ARG N   H    sing N N 14  
ARG N   H2   sing N N 15  
ARG CA  C    sing N N 16  
ARG CA  CB   sing N N 17  
ARG CA  HA   sing N N 18  
ARG C   O    doub N N 19  
ARG C   OXT  sing N N 20  
ARG CB  CG   sing N N 21  
ARG CB  HB2  sing N N 22  
ARG CB  HB3  sing N N 23  
ARG CG  CD   sing N N 24  
ARG CG  HG2  sing N N 25  
ARG CG  HG3  sing N N 26  
ARG CD  NE   sing N N 27  
ARG CD  HD2  sing N N 28  
ARG CD  HD3  sing N N 29  
ARG NE  CZ   sing N N 30  
ARG NE  HE   sing N N 31  
ARG CZ  NH1  sing N N 32  
ARG CZ  NH2  doub N N 33  
ARG NH1 HH11 sing N N 34  
ARG NH1 HH12 sing N N 35  
ARG NH2 HH21 sing N N 36  
ARG NH2 HH22 sing N N 37  
ARG OXT HXT  sing N N 38  
ASN N   CA   sing N N 39  
ASN N   H    sing N N 40  
ASN N   H2   sing N N 41  
ASN CA  C    sing N N 42  
ASN CA  CB   sing N N 43  
ASN CA  HA   sing N N 44  
ASN C   O    doub N N 45  
ASN C   OXT  sing N N 46  
ASN CB  CG   sing N N 47  
ASN CB  HB2  sing N N 48  
ASN CB  HB3  sing N N 49  
ASN CG  OD1  doub N N 50  
ASN CG  ND2  sing N N 51  
ASN ND2 HD21 sing N N 52  
ASN ND2 HD22 sing N N 53  
ASN OXT HXT  sing N N 54  
ASP N   CA   sing N N 55  
ASP N   H    sing N N 56  
ASP N   H2   sing N N 57  
ASP CA  C    sing N N 58  
ASP CA  CB   sing N N 59  
ASP CA  HA   sing N N 60  
ASP C   O    doub N N 61  
ASP C   OXT  sing N N 62  
ASP CB  CG   sing N N 63  
ASP CB  HB2  sing N N 64  
ASP CB  HB3  sing N N 65  
ASP CG  OD1  doub N N 66  
ASP CG  OD2  sing N N 67  
ASP OD2 HD2  sing N N 68  
ASP OXT HXT  sing N N 69  
CYS N   CA   sing N N 70  
CYS N   H    sing N N 71  
CYS N   H2   sing N N 72  
CYS CA  C    sing N N 73  
CYS CA  CB   sing N N 74  
CYS CA  HA   sing N N 75  
CYS C   O    doub N N 76  
CYS C   OXT  sing N N 77  
CYS CB  SG   sing N N 78  
CYS CB  HB2  sing N N 79  
CYS CB  HB3  sing N N 80  
CYS SG  HG   sing N N 81  
CYS OXT HXT  sing N N 82  
GLN N   CA   sing N N 83  
GLN N   H    sing N N 84  
GLN N   H2   sing N N 85  
GLN CA  C    sing N N 86  
GLN CA  CB   sing N N 87  
GLN CA  HA   sing N N 88  
GLN C   O    doub N N 89  
GLN C   OXT  sing N N 90  
GLN CB  CG   sing N N 91  
GLN CB  HB2  sing N N 92  
GLN CB  HB3  sing N N 93  
GLN CG  CD   sing N N 94  
GLN CG  HG2  sing N N 95  
GLN CG  HG3  sing N N 96  
GLN CD  OE1  doub N N 97  
GLN CD  NE2  sing N N 98  
GLN NE2 HE21 sing N N 99  
GLN NE2 HE22 sing N N 100 
GLN OXT HXT  sing N N 101 
GLU N   CA   sing N N 102 
GLU N   H    sing N N 103 
GLU N   H2   sing N N 104 
GLU CA  C    sing N N 105 
GLU CA  CB   sing N N 106 
GLU CA  HA   sing N N 107 
GLU C   O    doub N N 108 
GLU C   OXT  sing N N 109 
GLU CB  CG   sing N N 110 
GLU CB  HB2  sing N N 111 
GLU CB  HB3  sing N N 112 
GLU CG  CD   sing N N 113 
GLU CG  HG2  sing N N 114 
GLU CG  HG3  sing N N 115 
GLU CD  OE1  doub N N 116 
GLU CD  OE2  sing N N 117 
GLU OE2 HE2  sing N N 118 
GLU OXT HXT  sing N N 119 
GLY N   CA   sing N N 120 
GLY N   H    sing N N 121 
GLY N   H2   sing N N 122 
GLY CA  C    sing N N 123 
GLY CA  HA2  sing N N 124 
GLY CA  HA3  sing N N 125 
GLY C   O    doub N N 126 
GLY C   OXT  sing N N 127 
GLY OXT HXT  sing N N 128 
HIS N   CA   sing N N 129 
HIS N   H    sing N N 130 
HIS N   H2   sing N N 131 
HIS CA  C    sing N N 132 
HIS CA  CB   sing N N 133 
HIS CA  HA   sing N N 134 
HIS C   O    doub N N 135 
HIS C   OXT  sing N N 136 
HIS CB  CG   sing N N 137 
HIS CB  HB2  sing N N 138 
HIS CB  HB3  sing N N 139 
HIS CG  ND1  sing Y N 140 
HIS CG  CD2  doub Y N 141 
HIS ND1 CE1  doub Y N 142 
HIS ND1 HD1  sing N N 143 
HIS CD2 NE2  sing Y N 144 
HIS CD2 HD2  sing N N 145 
HIS CE1 NE2  sing Y N 146 
HIS CE1 HE1  sing N N 147 
HIS NE2 HE2  sing N N 148 
HIS OXT HXT  sing N N 149 
ILE N   CA   sing N N 150 
ILE N   H    sing N N 151 
ILE N   H2   sing N N 152 
ILE CA  C    sing N N 153 
ILE CA  CB   sing N N 154 
ILE CA  HA   sing N N 155 
ILE C   O    doub N N 156 
ILE C   OXT  sing N N 157 
ILE CB  CG1  sing N N 158 
ILE CB  CG2  sing N N 159 
ILE CB  HB   sing N N 160 
ILE CG1 CD1  sing N N 161 
ILE CG1 HG12 sing N N 162 
ILE CG1 HG13 sing N N 163 
ILE CG2 HG21 sing N N 164 
ILE CG2 HG22 sing N N 165 
ILE CG2 HG23 sing N N 166 
ILE CD1 HD11 sing N N 167 
ILE CD1 HD12 sing N N 168 
ILE CD1 HD13 sing N N 169 
ILE OXT HXT  sing N N 170 
LEU N   CA   sing N N 171 
LEU N   H    sing N N 172 
LEU N   H2   sing N N 173 
LEU CA  C    sing N N 174 
LEU CA  CB   sing N N 175 
LEU CA  HA   sing N N 176 
LEU C   O    doub N N 177 
LEU C   OXT  sing N N 178 
LEU CB  CG   sing N N 179 
LEU CB  HB2  sing N N 180 
LEU CB  HB3  sing N N 181 
LEU CG  CD1  sing N N 182 
LEU CG  CD2  sing N N 183 
LEU CG  HG   sing N N 184 
LEU CD1 HD11 sing N N 185 
LEU CD1 HD12 sing N N 186 
LEU CD1 HD13 sing N N 187 
LEU CD2 HD21 sing N N 188 
LEU CD2 HD22 sing N N 189 
LEU CD2 HD23 sing N N 190 
LEU OXT HXT  sing N N 191 
LYS N   CA   sing N N 192 
LYS N   H    sing N N 193 
LYS N   H2   sing N N 194 
LYS CA  C    sing N N 195 
LYS CA  CB   sing N N 196 
LYS CA  HA   sing N N 197 
LYS C   O    doub N N 198 
LYS C   OXT  sing N N 199 
LYS CB  CG   sing N N 200 
LYS CB  HB2  sing N N 201 
LYS CB  HB3  sing N N 202 
LYS CG  CD   sing N N 203 
LYS CG  HG2  sing N N 204 
LYS CG  HG3  sing N N 205 
LYS CD  CE   sing N N 206 
LYS CD  HD2  sing N N 207 
LYS CD  HD3  sing N N 208 
LYS CE  NZ   sing N N 209 
LYS CE  HE2  sing N N 210 
LYS CE  HE3  sing N N 211 
LYS NZ  HZ1  sing N N 212 
LYS NZ  HZ2  sing N N 213 
LYS NZ  HZ3  sing N N 214 
LYS OXT HXT  sing N N 215 
MET N   CA   sing N N 216 
MET N   H    sing N N 217 
MET N   H2   sing N N 218 
MET CA  C    sing N N 219 
MET CA  CB   sing N N 220 
MET CA  HA   sing N N 221 
MET C   O    doub N N 222 
MET C   OXT  sing N N 223 
MET CB  CG   sing N N 224 
MET CB  HB2  sing N N 225 
MET CB  HB3  sing N N 226 
MET CG  SD   sing N N 227 
MET CG  HG2  sing N N 228 
MET CG  HG3  sing N N 229 
MET SD  CE   sing N N 230 
MET CE  HE1  sing N N 231 
MET CE  HE2  sing N N 232 
MET CE  HE3  sing N N 233 
MET OXT HXT  sing N N 234 
PHE N   CA   sing N N 235 
PHE N   H    sing N N 236 
PHE N   H2   sing N N 237 
PHE CA  C    sing N N 238 
PHE CA  CB   sing N N 239 
PHE CA  HA   sing N N 240 
PHE C   O    doub N N 241 
PHE C   OXT  sing N N 242 
PHE CB  CG   sing N N 243 
PHE CB  HB2  sing N N 244 
PHE CB  HB3  sing N N 245 
PHE CG  CD1  doub Y N 246 
PHE CG  CD2  sing Y N 247 
PHE CD1 CE1  sing Y N 248 
PHE CD1 HD1  sing N N 249 
PHE CD2 CE2  doub Y N 250 
PHE CD2 HD2  sing N N 251 
PHE CE1 CZ   doub Y N 252 
PHE CE1 HE1  sing N N 253 
PHE CE2 CZ   sing Y N 254 
PHE CE2 HE2  sing N N 255 
PHE CZ  HZ   sing N N 256 
PHE OXT HXT  sing N N 257 
PRO N   CA   sing N N 258 
PRO N   CD   sing N N 259 
PRO N   H    sing N N 260 
PRO CA  C    sing N N 261 
PRO CA  CB   sing N N 262 
PRO CA  HA   sing N N 263 
PRO C   O    doub N N 264 
PRO C   OXT  sing N N 265 
PRO CB  CG   sing N N 266 
PRO CB  HB2  sing N N 267 
PRO CB  HB3  sing N N 268 
PRO CG  CD   sing N N 269 
PRO CG  HG2  sing N N 270 
PRO CG  HG3  sing N N 271 
PRO CD  HD2  sing N N 272 
PRO CD  HD3  sing N N 273 
PRO OXT HXT  sing N N 274 
SER N   CA   sing N N 275 
SER N   H    sing N N 276 
SER N   H2   sing N N 277 
SER CA  C    sing N N 278 
SER CA  CB   sing N N 279 
SER CA  HA   sing N N 280 
SER C   O    doub N N 281 
SER C   OXT  sing N N 282 
SER CB  OG   sing N N 283 
SER CB  HB2  sing N N 284 
SER CB  HB3  sing N N 285 
SER OG  HG   sing N N 286 
SER OXT HXT  sing N N 287 
THR N   CA   sing N N 288 
THR N   H    sing N N 289 
THR N   H2   sing N N 290 
THR CA  C    sing N N 291 
THR CA  CB   sing N N 292 
THR CA  HA   sing N N 293 
THR C   O    doub N N 294 
THR C   OXT  sing N N 295 
THR CB  OG1  sing N N 296 
THR CB  CG2  sing N N 297 
THR CB  HB   sing N N 298 
THR OG1 HG1  sing N N 299 
THR CG2 HG21 sing N N 300 
THR CG2 HG22 sing N N 301 
THR CG2 HG23 sing N N 302 
THR OXT HXT  sing N N 303 
TRP N   CA   sing N N 304 
TRP N   H    sing N N 305 
TRP N   H2   sing N N 306 
TRP CA  C    sing N N 307 
TRP CA  CB   sing N N 308 
TRP CA  HA   sing N N 309 
TRP C   O    doub N N 310 
TRP C   OXT  sing N N 311 
TRP CB  CG   sing N N 312 
TRP CB  HB2  sing N N 313 
TRP CB  HB3  sing N N 314 
TRP CG  CD1  doub Y N 315 
TRP CG  CD2  sing Y N 316 
TRP CD1 NE1  sing Y N 317 
TRP CD1 HD1  sing N N 318 
TRP CD2 CE2  doub Y N 319 
TRP CD2 CE3  sing Y N 320 
TRP NE1 CE2  sing Y N 321 
TRP NE1 HE1  sing N N 322 
TRP CE2 CZ2  sing Y N 323 
TRP CE3 CZ3  doub Y N 324 
TRP CE3 HE3  sing N N 325 
TRP CZ2 CH2  doub Y N 326 
TRP CZ2 HZ2  sing N N 327 
TRP CZ3 CH2  sing Y N 328 
TRP CZ3 HZ3  sing N N 329 
TRP CH2 HH2  sing N N 330 
TRP OXT HXT  sing N N 331 
TYR N   CA   sing N N 332 
TYR N   H    sing N N 333 
TYR N   H2   sing N N 334 
TYR CA  C    sing N N 335 
TYR CA  CB   sing N N 336 
TYR CA  HA   sing N N 337 
TYR C   O    doub N N 338 
TYR C   OXT  sing N N 339 
TYR CB  CG   sing N N 340 
TYR CB  HB2  sing N N 341 
TYR CB  HB3  sing N N 342 
TYR CG  CD1  doub Y N 343 
TYR CG  CD2  sing Y N 344 
TYR CD1 CE1  sing Y N 345 
TYR CD1 HD1  sing N N 346 
TYR CD2 CE2  doub Y N 347 
TYR CD2 HD2  sing N N 348 
TYR CE1 CZ   doub Y N 349 
TYR CE1 HE1  sing N N 350 
TYR CE2 CZ   sing Y N 351 
TYR CE2 HE2  sing N N 352 
TYR CZ  OH   sing N N 353 
TYR OH  HH   sing N N 354 
TYR OXT HXT  sing N N 355 
VAL N   CA   sing N N 356 
VAL N   H    sing N N 357 
VAL N   H2   sing N N 358 
VAL CA  C    sing N N 359 
VAL CA  CB   sing N N 360 
VAL CA  HA   sing N N 361 
VAL C   O    doub N N 362 
VAL C   OXT  sing N N 363 
VAL CB  CG1  sing N N 364 
VAL CB  CG2  sing N N 365 
VAL CB  HB   sing N N 366 
VAL CG1 HG11 sing N N 367 
VAL CG1 HG12 sing N N 368 
VAL CG1 HG13 sing N N 369 
VAL CG2 HG21 sing N N 370 
VAL CG2 HG22 sing N N 371 
VAL CG2 HG23 sing N N 372 
VAL OXT HXT  sing N N 373 
# 
loop_
_pdbx_nmr_spectrometer.spectrometer_id 
_pdbx_nmr_spectrometer.type 
_pdbx_nmr_spectrometer.manufacturer 
_pdbx_nmr_spectrometer.model 
_pdbx_nmr_spectrometer.field_strength 
1 ? Bruker DRX 500 
2 ? Bruker DRX 600 
# 
_atom_sites.entry_id                    1P0R 
_atom_sites.fract_transf_matrix[1][1]   1.000000 
_atom_sites.fract_transf_matrix[1][2]   0.000000 
_atom_sites.fract_transf_matrix[1][3]   0.000000 
_atom_sites.fract_transf_matrix[2][1]   0.000000 
_atom_sites.fract_transf_matrix[2][2]   1.000000 
_atom_sites.fract_transf_matrix[2][3]   0.000000 
_atom_sites.fract_transf_matrix[3][1]   0.000000 
_atom_sites.fract_transf_matrix[3][2]   0.000000 
_atom_sites.fract_transf_matrix[3][3]   1.000000 
_atom_sites.fract_transf_vector[1]      0.00000 
_atom_sites.fract_transf_vector[2]      0.00000 
_atom_sites.fract_transf_vector[3]      0.00000 
# 
loop_
_atom_type.symbol 
C 
H 
N 
O 
S 
# 
loop_
_atom_site.group_PDB 
_atom_site.id 
_atom_site.type_symbol 
_atom_site.label_atom_id 
_atom_site.label_alt_id 
_atom_site.label_comp_id 
_atom_site.label_asym_id 
_atom_site.label_entity_id 
_atom_site.label_seq_id 
_atom_site.pdbx_PDB_ins_code 
_atom_site.Cartn_x 
_atom_site.Cartn_y 
_atom_site.Cartn_z 
_atom_site.occupancy 
_atom_site.B_iso_or_equiv 
_atom_site.pdbx_formal_charge 
_atom_site.auth_seq_id 
_atom_site.auth_comp_id 
_atom_site.auth_asym_id 
_atom_site.auth_atom_id 
_atom_site.pdbx_PDB_model_num 
ATOM 1    N N    . MET A 1 21 ? 0.610   15.669  1.352   1.00 0.51 ? 1  MET A N    1 
ATOM 2    C CA   . MET A 1 21 ? 0.286   14.442  2.075   1.00 0.39 ? 1  MET A CA   1 
ATOM 3    C C    . MET A 1 21 ? -0.623  13.546  1.237   1.00 0.37 ? 1  MET A C    1 
ATOM 4    O O    . MET A 1 21 ? -1.387  14.030  0.404   1.00 0.43 ? 1  MET A O    1 
ATOM 5    C CB   . MET A 1 21 ? -0.383  14.775  3.413   1.00 0.49 ? 1  MET A CB   1 
ATOM 6    C CG   . MET A 1 21 ? -0.173  13.720  4.485   1.00 0.82 ? 1  MET A CG   1 
ATOM 7    S SD   . MET A 1 21 ? 1.549   13.584  5.001   1.00 1.17 ? 1  MET A SD   1 
ATOM 8    C CE   . MET A 1 21 ? 1.466   12.153  6.073   1.00 1.12 ? 1  MET A CE   1 
ATOM 9    H H    . MET A 1 21 ? 1.513   15.782  0.987   1.00 0.95 ? 1  MET A H    1 
ATOM 10   H HA   . MET A 1 21 ? 1.211   13.916  2.266   1.00 0.40 ? 1  MET A HA   1 
ATOM 11   H HB2  . MET A 1 21 ? 0.016   15.710  3.777   1.00 0.74 ? 1  MET A HB2  1 
ATOM 12   H HB3  . MET A 1 21 ? -1.445  14.885  3.251   1.00 0.78 ? 1  MET A HB3  1 
ATOM 13   H HG2  . MET A 1 21 ? -0.771  13.979  5.347   1.00 1.39 ? 1  MET A HG2  1 
ATOM 14   H HG3  . MET A 1 21 ? -0.496  12.764  4.099   1.00 1.43 ? 1  MET A HG3  1 
ATOM 15   H HE1  . MET A 1 21 ? 0.452   11.782  6.098   1.00 1.32 ? 1  MET A HE1  1 
ATOM 16   H HE2  . MET A 1 21 ? 1.773   12.431  7.071   1.00 1.54 ? 1  MET A HE2  1 
ATOM 17   H HE3  . MET A 1 21 ? 2.121   11.382  5.696   1.00 1.57 ? 1  MET A HE3  1 
ATOM 18   N N    . ILE A 1 22 ? -0.532  12.239  1.457   1.00 0.32 ? 2  ILE A N    1 
ATOM 19   C CA   . ILE A 1 22 ? -1.344  11.282  0.715   1.00 0.33 ? 2  ILE A CA   1 
ATOM 20   C C    . ILE A 1 22 ? -1.766  10.110  1.590   1.00 0.27 ? 2  ILE A C    1 
ATOM 21   O O    . ILE A 1 22 ? -0.935  9.327   2.044   1.00 0.28 ? 2  ILE A O    1 
ATOM 22   C CB   . ILE A 1 22 ? -0.593  10.729  -0.506  1.00 0.40 ? 2  ILE A CB   1 
ATOM 23   C CG1  . ILE A 1 22 ? -0.475  11.801  -1.590  1.00 0.49 ? 2  ILE A CG1  1 
ATOM 24   C CG2  . ILE A 1 22 ? -1.298  9.491   -1.042  1.00 0.43 ? 2  ILE A CG2  1 
ATOM 25   C CD1  . ILE A 1 22 ? -0.077  11.251  -2.942  1.00 0.72 ? 2  ILE A CD1  1 
ATOM 26   H H    . ILE A 1 22 ? 0.098   11.911  2.133   1.00 0.29 ? 2  ILE A H    1 
ATOM 27   H HA   . ILE A 1 22 ? -2.224  11.797  0.364   1.00 0.38 ? 2  ILE A HA   1 
ATOM 28   H HB   . ILE A 1 22 ? 0.392   10.437  -0.188  1.00 0.46 ? 2  ILE A HB   1 
ATOM 29   H HG12 . ILE A 1 22 ? -1.427  12.297  -1.702  1.00 1.08 ? 2  ILE A HG12 1 
ATOM 30   H HG13 . ILE A 1 22 ? 0.270   12.523  -1.293  1.00 1.00 ? 2  ILE A HG13 1 
ATOM 31   H HG21 . ILE A 1 22 ? -2.365  9.657   -1.042  1.00 1.18 ? 2  ILE A HG21 1 
ATOM 32   H HG22 . ILE A 1 22 ? -1.066  8.643   -0.415  1.00 1.14 ? 2  ILE A HG22 1 
ATOM 33   H HG23 . ILE A 1 22 ? -0.967  9.292   -2.050  1.00 0.99 ? 2  ILE A HG23 1 
ATOM 34   H HD11 . ILE A 1 22 ? 0.411   12.024  -3.515  1.00 1.16 ? 2  ILE A HD11 1 
ATOM 35   H HD12 . ILE A 1 22 ? -0.958  10.914  -3.467  1.00 1.40 ? 2  ILE A HD12 1 
ATOM 36   H HD13 . ILE A 1 22 ? 0.601   10.420  -2.806  1.00 1.48 ? 2  ILE A HD13 1 
ATOM 37   N N    . GLU A 1 23 ? -3.065  9.984   1.809   1.00 0.26 ? 3  GLU A N    1 
ATOM 38   C CA   . GLU A 1 23 ? -3.595  8.894   2.617   1.00 0.26 ? 3  GLU A CA   1 
ATOM 39   C C    . GLU A 1 23 ? -3.944  7.701   1.737   1.00 0.35 ? 3  GLU A C    1 
ATOM 40   O O    . GLU A 1 23 ? -4.436  7.864   0.618   1.00 0.49 ? 3  GLU A O    1 
ATOM 41   C CB   . GLU A 1 23 ? -4.823  9.357   3.402   1.00 0.37 ? 3  GLU A CB   1 
ATOM 42   C CG   . GLU A 1 23 ? -6.052  8.489   3.186   1.00 1.38 ? 3  GLU A CG   1 
ATOM 43   C CD   . GLU A 1 23 ? -7.266  9.003   3.932   1.00 1.48 ? 3  GLU A CD   1 
ATOM 44   O OE1  . GLU A 1 23 ? -7.812  10.051  3.526   1.00 2.19 ? 3  GLU A OE1  1 
ATOM 45   O OE2  . GLU A 1 23 ? -7.670  8.360   4.923   1.00 1.50 ? 3  GLU A OE2  1 
ATOM 46   H H    . GLU A 1 23 ? -3.680  10.630  1.410   1.00 0.29 ? 3  GLU A H    1 
ATOM 47   H HA   . GLU A 1 23 ? -2.826  8.596   3.315   1.00 0.25 ? 3  GLU A HA   1 
ATOM 48   H HB2  . GLU A 1 23 ? -4.585  9.348   4.456   1.00 0.95 ? 3  GLU A HB2  1 
ATOM 49   H HB3  . GLU A 1 23 ? -5.066  10.367  3.106   1.00 1.02 ? 3  GLU A HB3  1 
ATOM 50   H HG2  . GLU A 1 23 ? -6.281  8.467   2.131   1.00 1.99 ? 3  GLU A HG2  1 
ATOM 51   H HG3  . GLU A 1 23 ? -5.835  7.488   3.527   1.00 1.96 ? 3  GLU A HG3  1 
ATOM 52   N N    . VAL A 1 24 ? -3.680  6.503   2.242   1.00 0.41 ? 4  VAL A N    1 
ATOM 53   C CA   . VAL A 1 24 ? -3.959  5.283   1.496   1.00 0.58 ? 4  VAL A CA   1 
ATOM 54   C C    . VAL A 1 24 ? -4.531  4.202   2.404   1.00 0.49 ? 4  VAL A C    1 
ATOM 55   O O    . VAL A 1 24 ? -3.861  3.720   3.315   1.00 0.46 ? 4  VAL A O    1 
ATOM 56   C CB   . VAL A 1 24 ? -2.692  4.744   0.804   1.00 0.77 ? 4  VAL A CB   1 
ATOM 57   C CG1  . VAL A 1 24 ? -2.293  5.642   -0.359  1.00 0.80 ? 4  VAL A CG1  1 
ATOM 58   C CG2  . VAL A 1 24 ? -1.548  4.613   1.799   1.00 0.84 ? 4  VAL A CG2  1 
ATOM 59   H H    . VAL A 1 24 ? -3.283  6.437   3.136   1.00 0.42 ? 4  VAL A H    1 
ATOM 60   H HA   . VAL A 1 24 ? -4.688  5.519   0.734   1.00 0.72 ? 4  VAL A HA   1 
ATOM 61   H HB   . VAL A 1 24 ? -2.911  3.762   0.411   1.00 1.00 ? 4  VAL A HB   1 
ATOM 62   H HG11 . VAL A 1 24 ? -1.881  6.565   0.023   1.00 1.40 ? 4  VAL A HG11 1 
ATOM 63   H HG12 . VAL A 1 24 ? -3.165  5.859   -0.961  1.00 1.19 ? 4  VAL A HG12 1 
ATOM 64   H HG13 . VAL A 1 24 ? -1.554  5.141   -0.964  1.00 1.28 ? 4  VAL A HG13 1 
ATOM 65   H HG21 . VAL A 1 24 ? -1.716  5.277   2.633   1.00 1.29 ? 4  VAL A HG21 1 
ATOM 66   H HG22 . VAL A 1 24 ? -0.618  4.871   1.315   1.00 1.48 ? 4  VAL A HG22 1 
ATOM 67   H HG23 . VAL A 1 24 ? -1.498  3.595   2.156   1.00 1.17 ? 4  VAL A HG23 1 
ATOM 68   N N    . VAL A 1 25 ? -5.777  3.826   2.149   1.00 0.48 ? 5  VAL A N    1 
ATOM 69   C CA   . VAL A 1 25 ? -6.439  2.802   2.942   1.00 0.42 ? 5  VAL A CA   1 
ATOM 70   C C    . VAL A 1 25 ? -6.090  1.411   2.434   1.00 0.40 ? 5  VAL A C    1 
ATOM 71   O O    . VAL A 1 25 ? -6.305  1.091   1.266   1.00 0.65 ? 5  VAL A O    1 
ATOM 72   C CB   . VAL A 1 25 ? -7.968  2.973   2.923   1.00 0.53 ? 5  VAL A CB   1 
ATOM 73   C CG1  . VAL A 1 25 ? -8.622  2.058   3.945   1.00 0.63 ? 5  VAL A CG1  1 
ATOM 74   C CG2  . VAL A 1 25 ? -8.344  4.426   3.172   1.00 0.64 ? 5  VAL A CG2  1 
ATOM 75   H H    . VAL A 1 25 ? -6.263  4.247   1.408   1.00 0.55 ? 5  VAL A H    1 
ATOM 76   H HA   . VAL A 1 25 ? -6.099  2.899   3.962   1.00 0.37 ? 5  VAL A HA   1 
ATOM 77   H HB   . VAL A 1 25 ? -8.326  2.694   1.944   1.00 0.61 ? 5  VAL A HB   1 
ATOM 78   H HG11 . VAL A 1 25 ? -7.976  1.957   4.804   1.00 1.23 ? 5  VAL A HG11 1 
ATOM 79   H HG12 . VAL A 1 25 ? -8.790  1.087   3.503   1.00 1.26 ? 5  VAL A HG12 1 
ATOM 80   H HG13 . VAL A 1 25 ? -9.567  2.480   4.253   1.00 1.06 ? 5  VAL A HG13 1 
ATOM 81   H HG21 . VAL A 1 25 ? -9.363  4.479   3.525   1.00 1.20 ? 5  VAL A HG21 1 
ATOM 82   H HG22 . VAL A 1 25 ? -8.252  4.984   2.252   1.00 0.82 ? 5  VAL A HG22 1 
ATOM 83   H HG23 . VAL A 1 25 ? -7.684  4.846   3.915   1.00 1.31 ? 5  VAL A HG23 1 
ATOM 84   N N    . CYS A 1 26 ? -5.543  0.589   3.321   1.00 0.35 ? 6  CYS A N    1 
ATOM 85   C CA   . CYS A 1 26 ? -5.156  -0.770  2.968   1.00 0.38 ? 6  CYS A CA   1 
ATOM 86   C C    . CYS A 1 26 ? -6.265  -1.760  3.303   1.00 0.30 ? 6  CYS A C    1 
ATOM 87   O O    . CYS A 1 26 ? -6.283  -2.349  4.386   1.00 0.47 ? 6  CYS A O    1 
ATOM 88   C CB   . CYS A 1 26 ? -3.870  -1.160  3.697   1.00 0.51 ? 6  CYS A CB   1 
ATOM 89   S SG   . CYS A 1 26 ? -2.398  -1.139  2.650   1.00 1.42 ? 6  CYS A SG   1 
ATOM 90   H H    . CYS A 1 26 ? -5.394  0.905   4.237   1.00 0.51 ? 6  CYS A H    1 
ATOM 91   H HA   . CYS A 1 26 ? -4.977  -0.798  1.903   1.00 0.43 ? 6  CYS A HA   1 
ATOM 92   H HB2  . CYS A 1 26 ? -3.703  -0.470  4.510   1.00 0.77 ? 6  CYS A HB2  1 
ATOM 93   H HB3  . CYS A 1 26 ? -3.978  -2.158  4.095   1.00 1.02 ? 6  CYS A HB3  1 
ATOM 94   H HG   . CYS A 1 26 ? -2.660  -0.388  1.590   1.00 1.75 ? 6  CYS A HG   1 
ATOM 95   N N    . ASN A 1 27 ? -7.185  -1.946  2.364   1.00 0.36 ? 7  ASN A N    1 
ATOM 96   C CA   . ASN A 1 27 ? -8.290  -2.872  2.558   1.00 0.33 ? 7  ASN A CA   1 
ATOM 97   C C    . ASN A 1 27 ? -7.798  -4.310  2.480   1.00 0.33 ? 7  ASN A C    1 
ATOM 98   O O    . ASN A 1 27 ? -7.353  -4.766  1.428   1.00 0.47 ? 7  ASN A O    1 
ATOM 99   C CB   . ASN A 1 27 ? -9.378  -2.637  1.509   1.00 0.37 ? 7  ASN A CB   1 
ATOM 100  C CG   . ASN A 1 27 ? -10.166 -3.899  1.204   1.00 1.08 ? 7  ASN A CG   1 
ATOM 101  O OD1  . ASN A 1 27 ? -10.161 -4.390  0.075   1.00 1.85 ? 7  ASN A OD1  1 
ATOM 102  N ND2  . ASN A 1 27 ? -10.844 -4.432  2.213   1.00 1.80 ? 7  ASN A ND2  1 
ATOM 103  H H    . ASN A 1 27 ? -7.114  -1.453  1.521   1.00 0.57 ? 7  ASN A H    1 
ATOM 104  H HA   . ASN A 1 27 ? -8.703  -2.695  3.540   1.00 0.37 ? 7  ASN A HA   1 
ATOM 105  H HB2  . ASN A 1 27 ? -10.064 -1.886  1.872   1.00 0.87 ? 7  ASN A HB2  1 
ATOM 106  H HB3  . ASN A 1 27 ? -8.921  -2.291  0.595   1.00 1.01 ? 7  ASN A HB3  1 
ATOM 107  H HD21 . ASN A 1 27 ? -10.797 -3.988  3.084   1.00 2.06 ? 7  ASN A HD21 1 
ATOM 108  H HD22 . ASN A 1 27 ? -11.361 -5.247  2.045   1.00 2.41 ? 7  ASN A HD22 1 
ATOM 109  N N    . ASP A 1 28 ? -7.887  -5.021  3.595   1.00 0.38 ? 8  ASP A N    1 
ATOM 110  C CA   . ASP A 1 28 ? -7.457  -6.407  3.648   1.00 0.42 ? 8  ASP A CA   1 
ATOM 111  C C    . ASP A 1 28 ? -8.563  -7.313  3.139   1.00 0.38 ? 8  ASP A C    1 
ATOM 112  O O    . ASP A 1 28 ? -9.433  -7.740  3.897   1.00 0.50 ? 8  ASP A O    1 
ATOM 113  C CB   . ASP A 1 28 ? -7.061  -6.800  5.072   1.00 0.58 ? 8  ASP A CB   1 
ATOM 114  C CG   . ASP A 1 28 ? -6.235  -5.731  5.762   1.00 1.16 ? 8  ASP A CG   1 
ATOM 115  O OD1  . ASP A 1 28 ? -6.831  -4.806  6.347   1.00 1.98 ? 8  ASP A OD1  1 
ATOM 116  O OD2  . ASP A 1 28 ? -4.993  -5.818  5.713   1.00 1.79 ? 8  ASP A OD2  1 
ATOM 117  H H    . ASP A 1 28 ? -8.258  -4.607  4.397   1.00 0.50 ? 8  ASP A H    1 
ATOM 118  H HA   . ASP A 1 28 ? -6.597  -6.511  3.002   1.00 0.46 ? 8  ASP A HA   1 
ATOM 119  H HB2  . ASP A 1 28 ? -7.952  -6.970  5.655   1.00 1.04 ? 8  ASP A HB2  1 
ATOM 120  H HB3  . ASP A 1 28 ? -6.481  -7.711  5.037   1.00 1.05 ? 8  ASP A HB3  1 
ATOM 121  N N    . ARG A 1 29 ? -8.518  -7.597  1.844   1.00 0.32 ? 9  ARG A N    1 
ATOM 122  C CA   . ARG A 1 29 ? -9.508  -8.451  1.208   1.00 0.41 ? 9  ARG A CA   1 
ATOM 123  C C    . ARG A 1 29 ? -9.610  -9.794  1.924   1.00 0.40 ? 9  ARG A C    1 
ATOM 124  O O    . ARG A 1 29 ? -10.680 -10.402 1.968   1.00 0.46 ? 9  ARG A O    1 
ATOM 125  C CB   . ARG A 1 29 ? -9.140  -8.652  -0.259  1.00 0.54 ? 9  ARG A CB   1 
ATOM 126  C CG   . ARG A 1 29 ? -10.217 -9.349  -1.074  1.00 0.71 ? 9  ARG A CG   1 
ATOM 127  C CD   . ARG A 1 29 ? -10.982 -8.366  -1.945  1.00 1.01 ? 9  ARG A CD   1 
ATOM 128  N NE   . ARG A 1 29 ? -12.250 -8.922  -2.412  1.00 1.27 ? 9  ARG A NE   1 
ATOM 129  C CZ   . ARG A 1 29 ? -12.357 -9.780  -3.426  1.00 1.74 ? 9  ARG A CZ   1 
ATOM 130  N NH1  . ARG A 1 29 ? -11.273 -10.195 -4.075  1.00 2.38 ? 9  ARG A NH1  1 
ATOM 131  N NH2  . ARG A 1 29 ? -13.550 -10.227 -3.791  1.00 2.02 ? 9  ARG A NH2  1 
ATOM 132  H H    . ARG A 1 29 ? -7.797  -7.219  1.300   1.00 0.33 ? 9  ARG A H    1 
ATOM 133  H HA   . ARG A 1 29 ? -10.464 -7.952  1.265   1.00 0.51 ? 9  ARG A HA   1 
ATOM 134  H HB2  . ARG A 1 29 ? -8.954  -7.683  -0.701  1.00 0.64 ? 9  ARG A HB2  1 
ATOM 135  H HB3  . ARG A 1 29 ? -8.237  -9.241  -0.313  1.00 0.54 ? 9  ARG A HB3  1 
ATOM 136  H HG2  . ARG A 1 29 ? -9.751  -10.089 -1.708  1.00 0.98 ? 9  ARG A HG2  1 
ATOM 137  H HG3  . ARG A 1 29 ? -10.908 -9.834  -0.401  1.00 1.13 ? 9  ARG A HG3  1 
ATOM 138  H HD2  . ARG A 1 29 ? -11.181 -7.475  -1.370  1.00 1.46 ? 9  ARG A HD2  1 
ATOM 139  H HD3  . ARG A 1 29 ? -10.374 -8.113  -2.800  1.00 1.32 ? 9  ARG A HD3  1 
ATOM 140  H HE   . ARG A 1 29 ? -13.066 -8.639  -1.949  1.00 1.57 ? 9  ARG A HE   1 
ATOM 141  H HH11 . ARG A 1 29 ? -10.370 -9.867  -3.805  1.00 2.41 ? 9  ARG A HH11 1 
ATOM 142  H HH12 . ARG A 1 29 ? -11.364 -10.839 -4.834  1.00 3.00 ? 9  ARG A HH12 1 
ATOM 143  H HH21 . ARG A 1 29 ? -14.368 -9.921  -3.304  1.00 2.06 ? 9  ARG A HH21 1 
ATOM 144  H HH22 . ARG A 1 29 ? -13.632 -10.870 -4.552  1.00 2.47 ? 9  ARG A HH22 1 
ATOM 145  N N    . LEU A 1 30 ? -8.494  -10.245 2.499   1.00 0.44 ? 10 LEU A N    1 
ATOM 146  C CA   . LEU A 1 30 ? -8.466  -11.507 3.229   1.00 0.54 ? 10 LEU A CA   1 
ATOM 147  C C    . LEU A 1 30 ? -9.554  -11.526 4.301   1.00 0.91 ? 10 LEU A C    1 
ATOM 148  O O    . LEU A 1 30 ? -10.270 -12.514 4.455   1.00 1.51 ? 10 LEU A O    1 
ATOM 149  C CB   . LEU A 1 30 ? -7.091  -11.716 3.870   1.00 0.91 ? 10 LEU A CB   1 
ATOM 150  C CG   . LEU A 1 30 ? -7.070  -12.651 5.081   1.00 1.53 ? 10 LEU A CG   1 
ATOM 151  C CD1  . LEU A 1 30 ? -5.877  -13.592 5.009   1.00 2.18 ? 10 LEU A CD1  1 
ATOM 152  C CD2  . LEU A 1 30 ? -7.041  -11.851 6.374   1.00 2.20 ? 10 LEU A CD2  1 
ATOM 153  H H    . LEU A 1 30 ? -7.675  -9.712  2.439   1.00 0.46 ? 10 LEU A H    1 
ATOM 154  H HA   . LEU A 1 30 ? -8.652  -12.303 2.525   1.00 0.56 ? 10 LEU A HA   1 
ATOM 155  H HB2  . LEU A 1 30 ? -6.426  -12.118 3.119   1.00 0.85 ? 10 LEU A HB2  1 
ATOM 156  H HB3  . LEU A 1 30 ? -6.713  -10.754 4.182   1.00 1.29 ? 10 LEU A HB3  1 
ATOM 157  H HG   . LEU A 1 30 ? -7.968  -13.253 5.080   1.00 1.71 ? 10 LEU A HG   1 
ATOM 158  H HD11 . LEU A 1 30 ? -5.697  -13.865 3.980   1.00 2.64 ? 10 LEU A HD11 1 
ATOM 159  H HD12 . LEU A 1 30 ? -6.085  -14.480 5.587   1.00 2.49 ? 10 LEU A HD12 1 
ATOM 160  H HD13 . LEU A 1 30 ? -5.005  -13.097 5.409   1.00 2.64 ? 10 LEU A HD13 1 
ATOM 161  H HD21 . LEU A 1 30 ? -7.918  -12.082 6.961   1.00 2.91 ? 10 LEU A HD21 1 
ATOM 162  H HD22 . LEU A 1 30 ? -7.031  -10.794 6.146   1.00 2.44 ? 10 LEU A HD22 1 
ATOM 163  H HD23 . LEU A 1 30 ? -6.155  -12.105 6.936   1.00 2.45 ? 10 LEU A HD23 1 
ATOM 164  N N    . GLY A 1 31 ? -9.675  -10.422 5.036   1.00 0.72 ? 11 GLY A N    1 
ATOM 165  C CA   . GLY A 1 31 ? -10.682 -10.332 6.077   1.00 1.17 ? 11 GLY A CA   1 
ATOM 166  C C    . GLY A 1 31 ? -10.298 -9.367  7.182   1.00 0.77 ? 11 GLY A C    1 
ATOM 167  O O    . GLY A 1 31 ? -10.200 -9.758  8.344   1.00 0.73 ? 11 GLY A O    1 
ATOM 168  H H    . GLY A 1 31 ? -9.080  -9.663  4.866   1.00 0.50 ? 11 GLY A H    1 
ATOM 169  H HA2  . GLY A 1 31 ? -11.611 -10.005 5.634   1.00 1.65 ? 11 GLY A HA2  1 
ATOM 170  H HA3  . GLY A 1 31 ? -10.828 -11.312 6.506   1.00 1.63 ? 11 GLY A HA3  1 
ATOM 171  N N    . LYS A 1 32 ? -10.084 -8.103  6.821   1.00 0.71 ? 12 LYS A N    1 
ATOM 172  C CA   . LYS A 1 32 ? -9.711  -7.082  7.796   1.00 0.54 ? 12 LYS A CA   1 
ATOM 173  C C    . LYS A 1 32 ? -9.657  -5.701  7.150   1.00 0.49 ? 12 LYS A C    1 
ATOM 174  O O    . LYS A 1 32 ? -9.693  -5.577  5.926   1.00 0.61 ? 12 LYS A O    1 
ATOM 175  C CB   . LYS A 1 32 ? -8.352  -7.418  8.417   1.00 0.79 ? 12 LYS A CB   1 
ATOM 176  C CG   . LYS A 1 32 ? -8.282  -7.153  9.912   1.00 1.22 ? 12 LYS A CG   1 
ATOM 177  C CD   . LYS A 1 32 ? -9.223  -8.063  10.684  1.00 1.59 ? 12 LYS A CD   1 
ATOM 178  C CE   . LYS A 1 32 ? -9.516  -7.513  12.069  1.00 1.94 ? 12 LYS A CE   1 
ATOM 179  N NZ   . LYS A 1 32 ? -8.655  -8.141  13.107  1.00 2.34 ? 12 LYS A NZ   1 
ATOM 180  H H    . LYS A 1 32 ? -10.181 -7.852  5.879   1.00 0.96 ? 12 LYS A H    1 
ATOM 181  H HA   . LYS A 1 32 ? -10.459 -7.075  8.572   1.00 0.76 ? 12 LYS A HA   1 
ATOM 182  H HB2  . LYS A 1 32 ? -8.141  -8.464  8.250   1.00 0.85 ? 12 LYS A HB2  1 
ATOM 183  H HB3  . LYS A 1 32 ? -7.591  -6.825  7.932   1.00 1.04 ? 12 LYS A HB3  1 
ATOM 184  H HG2  . LYS A 1 32 ? -7.271  -7.327  10.251  1.00 1.75 ? 12 LYS A HG2  1 
ATOM 185  H HG3  . LYS A 1 32 ? -8.554  -6.125  10.099  1.00 1.58 ? 12 LYS A HG3  1 
ATOM 186  H HD2  . LYS A 1 32 ? -10.150 -8.150  10.139  1.00 1.97 ? 12 LYS A HD2  1 
ATOM 187  H HD3  . LYS A 1 32 ? -8.767  -9.037  10.781  1.00 2.03 ? 12 LYS A HD3  1 
ATOM 188  H HE2  . LYS A 1 32 ? -9.339  -6.448  12.063  1.00 2.47 ? 12 LYS A HE2  1 
ATOM 189  H HE3  . LYS A 1 32 ? -10.551 -7.704  12.307  1.00 2.26 ? 12 LYS A HE3  1 
ATOM 190  H HZ1  . LYS A 1 32 ? -7.716  -8.356  12.713  1.00 2.67 ? 12 LYS A HZ1  1 
ATOM 191  H HZ2  . LYS A 1 32 ? -9.087  -9.025  13.444  1.00 2.45 ? 12 LYS A HZ2  1 
ATOM 192  H HZ3  . LYS A 1 32 ? -8.540  -7.495  13.915  1.00 2.87 ? 12 LYS A HZ3  1 
ATOM 193  N N    . LYS A 1 33 ? -9.564  -4.665  7.980   1.00 0.50 ? 13 LYS A N    1 
ATOM 194  C CA   . LYS A 1 33 ? -9.497  -3.289  7.496   1.00 0.53 ? 13 LYS A CA   1 
ATOM 195  C C    . LYS A 1 33 ? -8.404  -2.517  8.231   1.00 0.57 ? 13 LYS A C    1 
ATOM 196  O O    . LYS A 1 33 ? -8.507  -2.274  9.433   1.00 0.74 ? 13 LYS A O    1 
ATOM 197  C CB   . LYS A 1 33 ? -10.846 -2.588  7.685   1.00 0.66 ? 13 LYS A CB   1 
ATOM 198  C CG   . LYS A 1 33 ? -11.493 -2.143  6.382   1.00 0.88 ? 13 LYS A CG   1 
ATOM 199  C CD   . LYS A 1 33 ? -11.652 -3.302  5.412   1.00 0.78 ? 13 LYS A CD   1 
ATOM 200  C CE   . LYS A 1 33 ? -12.471 -4.430  6.016   1.00 1.21 ? 13 LYS A CE   1 
ATOM 201  N NZ   . LYS A 1 33 ? -12.471 -5.642  5.151   1.00 1.25 ? 13 LYS A NZ   1 
ATOM 202  H H    . LYS A 1 33 ? -9.536  -4.830  8.945   1.00 0.62 ? 13 LYS A H    1 
ATOM 203  H HA   . LYS A 1 33 ? -9.257  -3.316  6.444   1.00 0.56 ? 13 LYS A HA   1 
ATOM 204  H HB2  . LYS A 1 33 ? -11.522 -3.267  8.184   1.00 0.83 ? 13 LYS A HB2  1 
ATOM 205  H HB3  . LYS A 1 33 ? -10.703 -1.717  8.306   1.00 1.10 ? 13 LYS A HB3  1 
ATOM 206  H HG2  . LYS A 1 33 ? -12.467 -1.734  6.598   1.00 1.52 ? 13 LYS A HG2  1 
ATOM 207  H HG3  . LYS A 1 33 ? -10.874 -1.384  5.926   1.00 1.28 ? 13 LYS A HG3  1 
ATOM 208  H HD2  . LYS A 1 33 ? -12.150 -2.947  4.522   1.00 0.81 ? 13 LYS A HD2  1 
ATOM 209  H HD3  . LYS A 1 33 ? -10.673 -3.677  5.151   1.00 0.71 ? 13 LYS A HD3  1 
ATOM 210  H HE2  . LYS A 1 33 ? -12.052 -4.687  6.977   1.00 1.67 ? 13 LYS A HE2  1 
ATOM 211  H HE3  . LYS A 1 33 ? -13.487 -4.091  6.145   1.00 1.53 ? 13 LYS A HE3  1 
ATOM 212  H HZ1  . LYS A 1 33 ? -11.603 -5.671  4.577   1.00 1.72 ? 13 LYS A HZ1  1 
ATOM 213  H HZ2  . LYS A 1 33 ? -13.293 -5.628  4.514   1.00 1.45 ? 13 LYS A HZ2  1 
ATOM 214  H HZ3  . LYS A 1 33 ? -12.514 -6.499  5.738   1.00 1.53 ? 13 LYS A HZ3  1 
ATOM 215  N N    . VAL A 1 34 ? -7.356  -2.142  7.503   1.00 0.49 ? 14 VAL A N    1 
ATOM 216  C CA   . VAL A 1 34 ? -6.241  -1.404  8.089   1.00 0.57 ? 14 VAL A CA   1 
ATOM 217  C C    . VAL A 1 34 ? -5.873  -0.195  7.237   1.00 0.51 ? 14 VAL A C    1 
ATOM 218  O O    . VAL A 1 34 ? -5.260  -0.334  6.180   1.00 0.66 ? 14 VAL A O    1 
ATOM 219  C CB   . VAL A 1 34 ? -4.995  -2.297  8.247   1.00 0.71 ? 14 VAL A CB   1 
ATOM 220  C CG1  . VAL A 1 34 ? -3.832  -1.498  8.814   1.00 0.84 ? 14 VAL A CG1  1 
ATOM 221  C CG2  . VAL A 1 34 ? -5.305  -3.498  9.129   1.00 0.82 ? 14 VAL A CG2  1 
ATOM 222  H H    . VAL A 1 34 ? -7.329  -2.368  6.549   1.00 0.45 ? 14 VAL A H    1 
ATOM 223  H HA   . VAL A 1 34 ? -6.542  -1.063  9.069   1.00 0.66 ? 14 VAL A HA   1 
ATOM 224  H HB   . VAL A 1 34 ? -4.710  -2.660  7.270   1.00 0.70 ? 14 VAL A HB   1 
ATOM 225  H HG11 . VAL A 1 34 ? -4.213  -0.672  9.397   1.00 1.41 ? 14 VAL A HG11 1 
ATOM 226  H HG12 . VAL A 1 34 ? -3.226  -1.118  8.004   1.00 1.22 ? 14 VAL A HG12 1 
ATOM 227  H HG13 . VAL A 1 34 ? -3.230  -2.136  9.444   1.00 1.32 ? 14 VAL A HG13 1 
ATOM 228  H HG21 . VAL A 1 34 ? -5.957  -3.196  9.934   1.00 1.50 ? 14 VAL A HG21 1 
ATOM 229  H HG22 . VAL A 1 34 ? -4.386  -3.890  9.538   1.00 1.21 ? 14 VAL A HG22 1 
ATOM 230  H HG23 . VAL A 1 34 ? -5.791  -4.262  8.540   1.00 1.18 ? 14 VAL A HG23 1 
ATOM 231  N N    . ARG A 1 35 ? -6.245  0.991   7.704   1.00 0.48 ? 15 ARG A N    1 
ATOM 232  C CA   . ARG A 1 35 ? -5.946  2.221   6.980   1.00 0.43 ? 15 ARG A CA   1 
ATOM 233  C C    . ARG A 1 35 ? -4.516  2.673   7.257   1.00 0.45 ? 15 ARG A C    1 
ATOM 234  O O    . ARG A 1 35 ? -4.004  2.496   8.362   1.00 0.57 ? 15 ARG A O    1 
ATOM 235  C CB   . ARG A 1 35 ? -6.926  3.324   7.378   1.00 0.47 ? 15 ARG A CB   1 
ATOM 236  C CG   . ARG A 1 35 ? -8.379  2.883   7.361   1.00 0.52 ? 15 ARG A CG   1 
ATOM 237  C CD   . ARG A 1 35 ? -9.284  3.974   6.815   1.00 0.60 ? 15 ARG A CD   1 
ATOM 238  N NE   . ARG A 1 35 ? -10.565 4.019   7.515   1.00 0.99 ? 15 ARG A NE   1 
ATOM 239  C CZ   . ARG A 1 35 ? -11.366 5.083   7.536   1.00 1.58 ? 15 ARG A CZ   1 
ATOM 240  N NH1  . ARG A 1 35 ? -11.031 6.191   6.887   1.00 2.24 ? 15 ARG A NH1  1 
ATOM 241  N NH2  . ARG A 1 35 ? -12.509 5.036   8.206   1.00 1.97 ? 15 ARG A NH2  1 
ATOM 242  H H    . ARG A 1 35 ? -6.728  1.041   8.554   1.00 0.60 ? 15 ARG A H    1 
ATOM 243  H HA   . ARG A 1 35 ? -6.051  2.020   5.924   1.00 0.39 ? 15 ARG A HA   1 
ATOM 244  H HB2  . ARG A 1 35 ? -6.685  3.658   8.377   1.00 0.53 ? 15 ARG A HB2  1 
ATOM 245  H HB3  . ARG A 1 35 ? -6.816  4.152   6.694   1.00 0.46 ? 15 ARG A HB3  1 
ATOM 246  H HG2  . ARG A 1 35 ? -8.472  2.005   6.738   1.00 0.49 ? 15 ARG A HG2  1 
ATOM 247  H HG3  . ARG A 1 35 ? -8.684  2.644   8.369   1.00 0.60 ? 15 ARG A HG3  1 
ATOM 248  H HD2  . ARG A 1 35 ? -8.788  4.925   6.930   1.00 0.71 ? 15 ARG A HD2  1 
ATOM 249  H HD3  . ARG A 1 35 ? -9.463  3.784   5.767   1.00 0.81 ? 15 ARG A HD3  1 
ATOM 250  H HE   . ARG A 1 35 ? -10.843 3.213   8.000   1.00 1.33 ? 15 ARG A HE   1 
ATOM 251  H HH11 . ARG A 1 35 ? -10.173 6.235   6.377   1.00 2.26 ? 15 ARG A HH11 1 
ATOM 252  H HH12 . ARG A 1 35 ? -11.638 6.984   6.909   1.00 2.89 ? 15 ARG A HH12 1 
ATOM 253  H HH21 . ARG A 1 35 ? -12.768 4.202   8.695   1.00 2.03 ? 15 ARG A HH21 1 
ATOM 254  H HH22 . ARG A 1 35 ? -13.112 5.833   8.224   1.00 2.47 ? 15 ARG A HH22 1 
ATOM 255  N N    . VAL A 1 36 ? -3.876  3.255   6.248   1.00 0.38 ? 16 VAL A N    1 
ATOM 256  C CA   . VAL A 1 36 ? -2.505  3.731   6.389   1.00 0.41 ? 16 VAL A CA   1 
ATOM 257  C C    . VAL A 1 36 ? -2.394  5.208   6.036   1.00 0.34 ? 16 VAL A C    1 
ATOM 258  O O    . VAL A 1 36 ? -3.268  5.768   5.375   1.00 0.40 ? 16 VAL A O    1 
ATOM 259  C CB   . VAL A 1 36 ? -1.535  2.934   5.497   1.00 0.48 ? 16 VAL A CB   1 
ATOM 260  C CG1  . VAL A 1 36 ? -0.180  2.784   6.174   1.00 0.70 ? 16 VAL A CG1  1 
ATOM 261  C CG2  . VAL A 1 36 ? -2.119  1.572   5.153   1.00 0.72 ? 16 VAL A CG2  1 
ATOM 262  H H    . VAL A 1 36 ? -4.337  3.368   5.390   1.00 0.33 ? 16 VAL A H    1 
ATOM 263  H HA   . VAL A 1 36 ? -2.208  3.594   7.418   1.00 0.48 ? 16 VAL A HA   1 
ATOM 264  H HB   . VAL A 1 36 ? -1.391  3.483   4.578   1.00 0.82 ? 16 VAL A HB   1 
ATOM 265  H HG11 . VAL A 1 36 ? -0.298  2.895   7.243   1.00 1.38 ? 16 VAL A HG11 1 
ATOM 266  H HG12 . VAL A 1 36 ? 0.492   3.545   5.806   1.00 1.36 ? 16 VAL A HG12 1 
ATOM 267  H HG13 . VAL A 1 36 ? 0.226   1.808   5.955   1.00 1.08 ? 16 VAL A HG13 1 
ATOM 268  H HG21 . VAL A 1 36 ? -2.476  1.095   6.053   1.00 1.35 ? 16 VAL A HG21 1 
ATOM 269  H HG22 . VAL A 1 36 ? -1.357  0.958   4.697   1.00 1.27 ? 16 VAL A HG22 1 
ATOM 270  H HG23 . VAL A 1 36 ? -2.940  1.698   4.462   1.00 1.30 ? 16 VAL A HG23 1 
ATOM 271  N N    . LYS A 1 37 ? -1.308  5.828   6.478   1.00 0.40 ? 17 LYS A N    1 
ATOM 272  C CA   . LYS A 1 37 ? -1.066  7.239   6.209   1.00 0.37 ? 17 LYS A CA   1 
ATOM 273  C C    . LYS A 1 37 ? 0.351   7.446   5.692   1.00 0.34 ? 17 LYS A C    1 
ATOM 274  O O    . LYS A 1 37 ? 1.323   7.076   6.351   1.00 0.42 ? 17 LYS A O    1 
ATOM 275  C CB   . LYS A 1 37 ? -1.289  8.069   7.473   1.00 0.45 ? 17 LYS A CB   1 
ATOM 276  C CG   . LYS A 1 37 ? -1.139  9.565   7.249   1.00 0.79 ? 17 LYS A CG   1 
ATOM 277  C CD   . LYS A 1 37 ? -2.454  10.294  7.464   1.00 1.45 ? 17 LYS A CD   1 
ATOM 278  C CE   . LYS A 1 37 ? -2.382  11.730  6.973   1.00 1.92 ? 17 LYS A CE   1 
ATOM 279  N NZ   . LYS A 1 37 ? -3.421  12.586  7.611   1.00 2.51 ? 17 LYS A NZ   1 
ATOM 280  H H    . LYS A 1 37 ? -0.647  5.323   6.994   1.00 0.53 ? 17 LYS A H    1 
ATOM 281  H HA   . LYS A 1 37 ? -1.765  7.558   5.449   1.00 0.33 ? 17 LYS A HA   1 
ATOM 282  H HB2  . LYS A 1 37 ? -2.286  7.880   7.843   1.00 0.65 ? 17 LYS A HB2  1 
ATOM 283  H HB3  . LYS A 1 37 ? -0.574  7.765   8.222   1.00 0.85 ? 17 LYS A HB3  1 
ATOM 284  H HG2  . LYS A 1 37 ? -0.407  9.950   7.941   1.00 1.42 ? 17 LYS A HG2  1 
ATOM 285  H HG3  . LYS A 1 37 ? -0.804  9.734   6.235   1.00 1.46 ? 17 LYS A HG3  1 
ATOM 286  H HD2  . LYS A 1 37 ? -3.234  9.778   6.921   1.00 2.10 ? 17 LYS A HD2  1 
ATOM 287  H HD3  . LYS A 1 37 ? -2.686  10.293  8.519   1.00 1.91 ? 17 LYS A HD3  1 
ATOM 288  H HE2  . LYS A 1 37 ? -1.408  12.129  7.207   1.00 2.12 ? 17 LYS A HE2  1 
ATOM 289  H HE3  . LYS A 1 37 ? -2.528  11.741  5.903   1.00 2.22 ? 17 LYS A HE3  1 
ATOM 290  H HZ1  . LYS A 1 37 ? -2.971  13.352  8.152   1.00 2.80 ? 17 LYS A HZ1  1 
ATOM 291  H HZ2  . LYS A 1 37 ? -4.004  12.018  8.258   1.00 3.06 ? 17 LYS A HZ2  1 
ATOM 292  H HZ3  . LYS A 1 37 ? -4.036  13.003  6.884   1.00 2.66 ? 17 LYS A HZ3  1 
ATOM 293  N N    . CYS A 1 38 ? 0.463   8.035   4.509   1.00 0.28 ? 18 CYS A N    1 
ATOM 294  C CA   . CYS A 1 38 ? 1.764   8.287   3.903   1.00 0.29 ? 18 CYS A CA   1 
ATOM 295  C C    . CYS A 1 38 ? 1.738   9.586   3.101   1.00 0.24 ? 18 CYS A C    1 
ATOM 296  O O    . CYS A 1 38 ? 1.000   10.512  3.439   1.00 0.25 ? 18 CYS A O    1 
ATOM 297  C CB   . CYS A 1 38 ? 2.159   7.104   3.011   1.00 0.39 ? 18 CYS A CB   1 
ATOM 298  S SG   . CYS A 1 38 ? 1.161   6.938   1.511   1.00 1.51 ? 18 CYS A SG   1 
ATOM 299  H H    . CYS A 1 38 ? -0.350  8.305   4.031   1.00 0.26 ? 18 CYS A H    1 
ATOM 300  H HA   . CYS A 1 38 ? 2.486   8.384   4.699   1.00 0.33 ? 18 CYS A HA   1 
ATOM 301  H HB2  . CYS A 1 38 ? 3.189   7.218   2.710   1.00 1.09 ? 18 CYS A HB2  1 
ATOM 302  H HB3  . CYS A 1 38 ? 2.056   6.190   3.576   1.00 1.09 ? 18 CYS A HB3  1 
ATOM 303  H HG   . CYS A 1 38 ? 0.010   7.560   1.711   1.00 2.36 ? 18 CYS A HG   1 
ATOM 304  N N    . ASN A 1 39 ? 2.537   9.658   2.041   1.00 0.27 ? 19 ASN A N    1 
ATOM 305  C CA   . ASN A 1 39 ? 2.582   10.849  1.205   1.00 0.27 ? 19 ASN A CA   1 
ATOM 306  C C    . ASN A 1 39 ? 3.208   10.533  -0.145  1.00 0.32 ? 19 ASN A C    1 
ATOM 307  O O    . ASN A 1 39 ? 3.875   9.512   -0.308  1.00 0.40 ? 19 ASN A O    1 
ATOM 308  C CB   . ASN A 1 39 ? 3.367   11.965  1.898   1.00 0.29 ? 19 ASN A CB   1 
ATOM 309  C CG   . ASN A 1 39 ? 4.678   11.477  2.481   1.00 0.45 ? 19 ASN A CG   1 
ATOM 310  O OD1  . ASN A 1 39 ? 5.699   11.441  1.795   1.00 1.19 ? 19 ASN A OD1  1 
ATOM 311  N ND2  . ASN A 1 39 ? 4.659   11.101  3.755   1.00 1.22 ? 19 ASN A ND2  1 
ATOM 312  H H    . ASN A 1 39 ? 3.106   8.896   1.813   1.00 0.32 ? 19 ASN A H    1 
ATOM 313  H HA   . ASN A 1 39 ? 1.569   11.180  1.047   1.00 0.28 ? 19 ASN A HA   1 
ATOM 314  H HB2  . ASN A 1 39 ? 3.581   12.742  1.180   1.00 0.40 ? 19 ASN A HB2  1 
ATOM 315  H HB3  . ASN A 1 39 ? 2.766   12.374  2.697   1.00 0.44 ? 19 ASN A HB3  1 
ATOM 316  H HD21 . ASN A 1 39 ? 3.810   11.156  4.242   1.00 1.89 ? 19 ASN A HD21 1 
ATOM 317  H HD22 . ASN A 1 39 ? 5.494   10.782  4.155   1.00 1.35 ? 19 ASN A HD22 1 
ATOM 318  N N    . THR A 1 40 ? 2.984   11.414  -1.112  1.00 0.33 ? 20 THR A N    1 
ATOM 319  C CA   . THR A 1 40 ? 3.530   11.228  -2.456  1.00 0.40 ? 20 THR A CA   1 
ATOM 320  C C    . THR A 1 40 ? 5.036   10.989  -2.408  1.00 0.40 ? 20 THR A C    1 
ATOM 321  O O    . THR A 1 40 ? 5.555   10.104  -3.086  1.00 0.48 ? 20 THR A O    1 
ATOM 322  C CB   . THR A 1 40 ? 3.249   12.433  -3.384  1.00 0.47 ? 20 THR A CB   1 
ATOM 323  O OG1  . THR A 1 40 ? 4.427   12.754  -4.133  1.00 0.58 ? 20 THR A OG1  1 
ATOM 324  C CG2  . THR A 1 40 ? 2.801   13.658  -2.598  1.00 0.45 ? 20 THR A CG2  1 
ATOM 325  H H    . THR A 1 40 ? 2.441   12.202  -0.914  1.00 0.33 ? 20 THR A H    1 
ATOM 326  H HA   . THR A 1 40 ? 3.056   10.357  -2.884  1.00 0.42 ? 20 THR A HA   1 
ATOM 327  H HB   . THR A 1 40 ? 2.462   12.158  -4.071  1.00 0.52 ? 20 THR A HB   1 
ATOM 328  H HG1  . THR A 1 40 ? 4.823   13.554  -3.780  1.00 0.85 ? 20 THR A HG1  1 
ATOM 329  H HG21 . THR A 1 40 ? 2.836   14.528  -3.237  1.00 1.13 ? 20 THR A HG21 1 
ATOM 330  H HG22 . THR A 1 40 ? 3.459   13.805  -1.754  1.00 1.18 ? 20 THR A HG22 1 
ATOM 331  H HG23 . THR A 1 40 ? 1.788   13.511  -2.246  1.00 0.97 ? 20 THR A HG23 1 
ATOM 332  N N    . ASP A 1 41 ? 5.733   11.784  -1.598  1.00 0.36 ? 21 ASP A N    1 
ATOM 333  C CA   . ASP A 1 41 ? 7.181   11.659  -1.457  1.00 0.40 ? 21 ASP A CA   1 
ATOM 334  C C    . ASP A 1 41 ? 7.583   10.234  -1.077  1.00 0.36 ? 21 ASP A C    1 
ATOM 335  O O    . ASP A 1 41 ? 8.633   9.748   -1.497  1.00 0.41 ? 21 ASP A O    1 
ATOM 336  C CB   . ASP A 1 41 ? 7.695   12.643  -0.406  1.00 0.46 ? 21 ASP A CB   1 
ATOM 337  C CG   . ASP A 1 41 ? 8.910   13.413  -0.881  1.00 0.89 ? 21 ASP A CG   1 
ATOM 338  O OD1  . ASP A 1 41 ? 8.752   14.291  -1.755  1.00 1.33 ? 21 ASP A OD1  1 
ATOM 339  O OD2  . ASP A 1 41 ? 10.021  13.138  -0.381  1.00 1.61 ? 21 ASP A OD2  1 
ATOM 340  H H    . ASP A 1 41 ? 5.262   12.470  -1.082  1.00 0.33 ? 21 ASP A H    1 
ATOM 341  H HA   . ASP A 1 41 ? 7.627   11.900  -2.410  1.00 0.45 ? 21 ASP A HA   1 
ATOM 342  H HB2  . ASP A 1 41 ? 6.914   13.351  -0.172  1.00 0.69 ? 21 ASP A HB2  1 
ATOM 343  H HB3  . ASP A 1 41 ? 7.962   12.099  0.488   1.00 0.86 ? 21 ASP A HB3  1 
ATOM 344  N N    . ASP A 1 42 ? 6.744   9.571   -0.285  1.00 0.35 ? 22 ASP A N    1 
ATOM 345  C CA   . ASP A 1 42 ? 7.015   8.203   0.143   1.00 0.34 ? 22 ASP A CA   1 
ATOM 346  C C    . ASP A 1 42 ? 7.124   7.269   -1.059  1.00 0.33 ? 22 ASP A C    1 
ATOM 347  O O    . ASP A 1 42 ? 6.673   7.598   -2.155  1.00 0.66 ? 22 ASP A O    1 
ATOM 348  C CB   . ASP A 1 42 ? 5.909   7.719   1.084   1.00 0.40 ? 22 ASP A CB   1 
ATOM 349  C CG   . ASP A 1 42 ? 6.351   6.556   1.950   1.00 0.57 ? 22 ASP A CG   1 
ATOM 350  O OD1  . ASP A 1 42 ? 7.323   6.723   2.716   1.00 1.16 ? 22 ASP A OD1  1 
ATOM 351  O OD2  . ASP A 1 42 ? 5.726   5.478   1.860   1.00 1.24 ? 22 ASP A OD2  1 
ATOM 352  H H    . ASP A 1 42 ? 5.922   10.010  0.018   1.00 0.38 ? 22 ASP A H    1 
ATOM 353  H HA   . ASP A 1 42 ? 7.955   8.201   0.673   1.00 0.36 ? 22 ASP A HA   1 
ATOM 354  H HB2  . ASP A 1 42 ? 5.615   8.532   1.731   1.00 0.45 ? 22 ASP A HB2  1 
ATOM 355  H HB3  . ASP A 1 42 ? 5.057   7.405   0.498   1.00 0.54 ? 22 ASP A HB3  1 
ATOM 356  N N    . THR A 1 43 ? 7.732   6.105   -0.850  1.00 0.41 ? 23 THR A N    1 
ATOM 357  C CA   . THR A 1 43 ? 7.904   5.128   -1.919  1.00 0.38 ? 23 THR A CA   1 
ATOM 358  C C    . THR A 1 43 ? 7.143   3.842   -1.615  1.00 0.38 ? 23 THR A C    1 
ATOM 359  O O    . THR A 1 43 ? 6.557   3.695   -0.542  1.00 0.55 ? 23 THR A O    1 
ATOM 360  C CB   . THR A 1 43 ? 9.391   4.792   -2.133  1.00 0.36 ? 23 THR A CB   1 
ATOM 361  O OG1  . THR A 1 43 ? 9.792   3.753   -1.234  1.00 0.67 ? 23 THR A OG1  1 
ATOM 362  C CG2  . THR A 1 43 ? 10.260  6.021   -1.914  1.00 0.64 ? 23 THR A CG2  1 
ATOM 363  H H    . THR A 1 43 ? 8.077   5.900   0.043   1.00 0.70 ? 23 THR A H    1 
ATOM 364  H HA   . THR A 1 43 ? 7.517   5.558   -2.831  1.00 0.46 ? 23 THR A HA   1 
ATOM 365  H HB   . THR A 1 43 ? 9.525   4.451   -3.149  1.00 0.59 ? 23 THR A HB   1 
ATOM 366  H HG1  . THR A 1 43 ? 9.943   4.125   -0.363  1.00 0.84 ? 23 THR A HG1  1 
ATOM 367  H HG21 . THR A 1 43 ? 10.314  6.240   -0.857  1.00 1.13 ? 23 THR A HG21 1 
ATOM 368  H HG22 . THR A 1 43 ? 9.830   6.865   -2.433  1.00 1.38 ? 23 THR A HG22 1 
ATOM 369  H HG23 . THR A 1 43 ? 11.253  5.833   -2.294  1.00 1.17 ? 23 THR A HG23 1 
ATOM 370  N N    . ILE A 1 44 ? 7.156   2.911   -2.566  1.00 0.37 ? 24 ILE A N    1 
ATOM 371  C CA   . ILE A 1 44 ? 6.468   1.636   -2.400  1.00 0.37 ? 24 ILE A CA   1 
ATOM 372  C C    . ILE A 1 44 ? 7.102   0.809   -1.290  1.00 0.31 ? 24 ILE A C    1 
ATOM 373  O O    . ILE A 1 44 ? 6.402   0.249   -0.447  1.00 0.35 ? 24 ILE A O    1 
ATOM 374  C CB   . ILE A 1 44 ? 6.473   0.822   -3.707  1.00 0.40 ? 24 ILE A CB   1 
ATOM 375  C CG1  . ILE A 1 44 ? 5.497   1.434   -4.703  1.00 0.39 ? 24 ILE A CG1  1 
ATOM 376  C CG2  . ILE A 1 44 ? 6.111   -0.630  -3.439  1.00 0.50 ? 24 ILE A CG2  1 
ATOM 377  C CD1  . ILE A 1 44 ? 4.087   1.529   -4.170  1.00 0.32 ? 24 ILE A CD1  1 
ATOM 378  H H    . ILE A 1 44 ? 7.641   3.087   -3.399  1.00 0.48 ? 24 ILE A H    1 
ATOM 379  H HA   . ILE A 1 44 ? 5.440   1.844   -2.136  1.00 0.43 ? 24 ILE A HA   1 
ATOM 380  H HB   . ILE A 1 44 ? 7.468   0.851   -4.123  1.00 0.45 ? 24 ILE A HB   1 
ATOM 381  H HG12 . ILE A 1 44 ? 5.824   2.431   -4.951  1.00 0.52 ? 24 ILE A HG12 1 
ATOM 382  H HG13 . ILE A 1 44 ? 5.475   0.830   -5.599  1.00 0.55 ? 24 ILE A HG13 1 
ATOM 383  H HG21 . ILE A 1 44 ? 7.011   -1.201  -3.265  1.00 1.10 ? 24 ILE A HG21 1 
ATOM 384  H HG22 . ILE A 1 44 ? 5.589   -1.031  -4.296  1.00 1.04 ? 24 ILE A HG22 1 
ATOM 385  H HG23 . ILE A 1 44 ? 5.473   -0.688  -2.571  1.00 1.19 ? 24 ILE A HG23 1 
ATOM 386  H HD11 . ILE A 1 44 ? 3.393   1.579   -4.995  1.00 0.94 ? 24 ILE A HD11 1 
ATOM 387  H HD12 . ILE A 1 44 ? 3.991   2.418   -3.564  1.00 0.94 ? 24 ILE A HD12 1 
ATOM 388  H HD13 . ILE A 1 44 ? 3.871   0.659   -3.569  1.00 1.03 ? 24 ILE A HD13 1 
ATOM 389  N N    . GLY A 1 45 ? 8.429   0.746   -1.289  1.00 0.30 ? 25 GLY A N    1 
ATOM 390  C CA   . GLY A 1 45 ? 9.131   -0.006  -0.268  1.00 0.29 ? 25 GLY A CA   1 
ATOM 391  C C    . GLY A 1 45 ? 8.781   0.471   1.126   1.00 0.27 ? 25 GLY A C    1 
ATOM 392  O O    . GLY A 1 45 ? 8.583   -0.335  2.035   1.00 0.26 ? 25 GLY A O    1 
ATOM 393  H H    . GLY A 1 45 ? 8.934   1.218   -1.982  1.00 0.35 ? 25 GLY A H    1 
ATOM 394  H HA2  . GLY A 1 45 ? 8.871   -1.051  -0.358  1.00 0.31 ? 25 GLY A HA2  1 
ATOM 395  H HA3  . GLY A 1 45 ? 10.194  0.105   -0.420  1.00 0.31 ? 25 GLY A HA3  1 
ATOM 396  N N    . ASP A 1 46 ? 8.691   1.787   1.287   1.00 0.30 ? 26 ASP A N    1 
ATOM 397  C CA   . ASP A 1 46 ? 8.347   2.377   2.573   1.00 0.30 ? 26 ASP A CA   1 
ATOM 398  C C    . ASP A 1 46 ? 6.934   1.975   2.977   1.00 0.27 ? 26 ASP A C    1 
ATOM 399  O O    . ASP A 1 46 ? 6.696   1.566   4.112   1.00 0.26 ? 26 ASP A O    1 
ATOM 400  C CB   . ASP A 1 46 ? 8.449   3.899   2.504   1.00 0.35 ? 26 ASP A CB   1 
ATOM 401  C CG   . ASP A 1 46 ? 9.878   4.390   2.606   1.00 0.82 ? 26 ASP A CG   1 
ATOM 402  O OD1  . ASP A 1 46 ? 10.384  4.512   3.741   1.00 1.33 ? 26 ASP A OD1  1 
ATOM 403  O OD2  . ASP A 1 46 ? 10.490  4.653   1.550   1.00 1.51 ? 26 ASP A OD2  1 
ATOM 404  H H    . ASP A 1 46 ? 8.851   2.375   0.521   1.00 0.34 ? 26 ASP A H    1 
ATOM 405  H HA   . ASP A 1 46 ? 9.043   2.006   3.310   1.00 0.29 ? 26 ASP A HA   1 
ATOM 406  H HB2  . ASP A 1 46 ? 8.038   4.241   1.566   1.00 0.70 ? 26 ASP A HB2  1 
ATOM 407  H HB3  . ASP A 1 46 ? 7.882   4.327   3.317   1.00 0.54 ? 26 ASP A HB3  1 
ATOM 408  N N    . LEU A 1 47 ? 6.002   2.093   2.035   1.00 0.30 ? 27 LEU A N    1 
ATOM 409  C CA   . LEU A 1 47 ? 4.608   1.741   2.281   1.00 0.31 ? 27 LEU A CA   1 
ATOM 410  C C    . LEU A 1 47 ? 4.481   0.285   2.719   1.00 0.27 ? 27 LEU A C    1 
ATOM 411  O O    . LEU A 1 47 ? 3.755   -0.027  3.663   1.00 0.27 ? 27 LEU A O    1 
ATOM 412  C CB   . LEU A 1 47 ? 3.771   1.981   1.026   1.00 0.36 ? 27 LEU A CB   1 
ATOM 413  C CG   . LEU A 1 47 ? 3.196   3.391   0.897   1.00 0.40 ? 27 LEU A CG   1 
ATOM 414  C CD1  . LEU A 1 47 ? 3.187   3.833   -0.558  1.00 0.47 ? 27 LEU A CD1  1 
ATOM 415  C CD2  . LEU A 1 47 ? 1.795   3.448   1.485   1.00 0.50 ? 27 LEU A CD2  1 
ATOM 416  H H    . LEU A 1 47 ? 6.259   2.424   1.149   1.00 0.33 ? 27 LEU A H    1 
ATOM 417  H HA   . LEU A 1 47 ? 4.242   2.376   3.075   1.00 0.32 ? 27 LEU A HA   1 
ATOM 418  H HB2  . LEU A 1 47 ? 4.391   1.786   0.163   1.00 0.43 ? 27 LEU A HB2  1 
ATOM 419  H HB3  . LEU A 1 47 ? 2.951   1.280   1.026   1.00 0.40 ? 27 LEU A HB3  1 
ATOM 420  H HG   . LEU A 1 47 ? 3.818   4.079   1.449   1.00 0.43 ? 27 LEU A HG   1 
ATOM 421  H HD11 . LEU A 1 47 ? 2.262   4.347   -0.772  1.00 0.95 ? 27 LEU A HD11 1 
ATOM 422  H HD12 . LEU A 1 47 ? 3.273   2.966   -1.197  1.00 1.20 ? 27 LEU A HD12 1 
ATOM 423  H HD13 . LEU A 1 47 ? 4.018   4.498   -0.738  1.00 1.09 ? 27 LEU A HD13 1 
ATOM 424  H HD21 . LEU A 1 47 ? 1.250   2.558   1.206   1.00 1.20 ? 27 LEU A HD21 1 
ATOM 425  H HD22 . LEU A 1 47 ? 1.280   4.318   1.107   1.00 1.20 ? 27 LEU A HD22 1 
ATOM 426  H HD23 . LEU A 1 47 ? 1.859   3.507   2.562   1.00 1.02 ? 27 LEU A HD23 1 
ATOM 427  N N    . LYS A 1 48 ? 5.197   -0.601  2.033   1.00 0.27 ? 28 LYS A N    1 
ATOM 428  C CA   . LYS A 1 48 ? 5.168   -2.021  2.362   1.00 0.26 ? 28 LYS A CA   1 
ATOM 429  C C    . LYS A 1 48 ? 5.587   -2.236  3.811   1.00 0.24 ? 28 LYS A C    1 
ATOM 430  O O    . LYS A 1 48 ? 4.993   -3.040  4.527   1.00 0.25 ? 28 LYS A O    1 
ATOM 431  C CB   . LYS A 1 48 ? 6.094   -2.805  1.431   1.00 0.27 ? 28 LYS A CB   1 
ATOM 432  C CG   . LYS A 1 48 ? 5.700   -2.720  -0.034  1.00 0.27 ? 28 LYS A CG   1 
ATOM 433  C CD   . LYS A 1 48 ? 5.394   -4.092  -0.610  1.00 0.43 ? 28 LYS A CD   1 
ATOM 434  C CE   . LYS A 1 48 ? 4.037   -4.118  -1.297  1.00 0.61 ? 28 LYS A CE   1 
ATOM 435  N NZ   . LYS A 1 48 ? 3.972   -5.159  -2.360  1.00 1.00 ? 28 LYS A NZ   1 
ATOM 436  H H    . LYS A 1 48 ? 5.762   -0.292  1.294   1.00 0.29 ? 28 LYS A H    1 
ATOM 437  H HA   . LYS A 1 48 ? 4.155   -2.373  2.233   1.00 0.28 ? 28 LYS A HA   1 
ATOM 438  H HB2  . LYS A 1 48 ? 7.098   -2.421  1.534   1.00 0.37 ? 28 LYS A HB2  1 
ATOM 439  H HB3  . LYS A 1 48 ? 6.083   -3.844  1.724   1.00 0.39 ? 28 LYS A HB3  1 
ATOM 440  H HG2  . LYS A 1 48 ? 4.823   -2.098  -0.126  1.00 0.36 ? 28 LYS A HG2  1 
ATOM 441  H HG3  . LYS A 1 48 ? 6.516   -2.280  -0.591  1.00 0.38 ? 28 LYS A HG3  1 
ATOM 442  H HD2  . LYS A 1 48 ? 6.156   -4.349  -1.330  1.00 0.54 ? 28 LYS A HD2  1 
ATOM 443  H HD3  . LYS A 1 48 ? 5.394   -4.817  0.192   1.00 0.56 ? 28 LYS A HD3  1 
ATOM 444  H HE2  . LYS A 1 48 ? 3.278   -4.325  -0.557  1.00 0.84 ? 28 LYS A HE2  1 
ATOM 445  H HE3  . LYS A 1 48 ? 3.855   -3.151  -1.740  1.00 0.74 ? 28 LYS A HE3  1 
ATOM 446  H HZ1  . LYS A 1 48 ? 4.008   -4.712  -3.299  1.00 1.43 ? 28 LYS A HZ1  1 
ATOM 447  H HZ2  . LYS A 1 48 ? 3.088   -5.698  -2.278  1.00 1.51 ? 28 LYS A HZ2  1 
ATOM 448  H HZ3  . LYS A 1 48 ? 4.775   -5.815  -2.268  1.00 1.51 ? 28 LYS A HZ3  1 
ATOM 449  N N    . LYS A 1 49 ? 6.613   -1.505  4.234   1.00 0.24 ? 29 LYS A N    1 
ATOM 450  C CA   . LYS A 1 49 ? 7.113   -1.604  5.597   1.00 0.24 ? 29 LYS A CA   1 
ATOM 451  C C    . LYS A 1 49 ? 6.140   -0.973  6.589   1.00 0.23 ? 29 LYS A C    1 
ATOM 452  O O    . LYS A 1 49 ? 6.053   -1.400  7.736   1.00 0.28 ? 29 LYS A O    1 
ATOM 453  C CB   . LYS A 1 49 ? 8.482   -0.933  5.707   1.00 0.27 ? 29 LYS A CB   1 
ATOM 454  C CG   . LYS A 1 49 ? 9.378   -1.548  6.769   1.00 0.71 ? 29 LYS A CG   1 
ATOM 455  C CD   . LYS A 1 49 ? 9.516   -3.051  6.581   1.00 0.66 ? 29 LYS A CD   1 
ATOM 456  C CE   . LYS A 1 49 ? 10.957  -3.449  6.306   1.00 1.28 ? 29 LYS A CE   1 
ATOM 457  N NZ   . LYS A 1 49 ? 11.308  -3.303  4.866   1.00 1.98 ? 29 LYS A NZ   1 
ATOM 458  H H    . LYS A 1 49 ? 7.042   -0.879  3.614   1.00 0.26 ? 29 LYS A H    1 
ATOM 459  H HA   . LYS A 1 49 ? 7.217   -2.652  5.834   1.00 0.25 ? 29 LYS A HA   1 
ATOM 460  H HB2  . LYS A 1 49 ? 8.986   -1.009  4.754   1.00 0.64 ? 29 LYS A HB2  1 
ATOM 461  H HB3  . LYS A 1 49 ? 8.339   0.110   5.948   1.00 0.74 ? 29 LYS A HB3  1 
ATOM 462  H HG2  . LYS A 1 49 ? 10.355  -1.096  6.706   1.00 1.55 ? 29 LYS A HG2  1 
ATOM 463  H HG3  . LYS A 1 49 ? 8.951   -1.353  7.742   1.00 1.47 ? 29 LYS A HG3  1 
ATOM 464  H HD2  . LYS A 1 49 ? 9.180   -3.549  7.478   1.00 1.22 ? 29 LYS A HD2  1 
ATOM 465  H HD3  . LYS A 1 49 ? 8.903   -3.357  5.746   1.00 1.13 ? 29 LYS A HD3  1 
ATOM 466  H HE2  . LYS A 1 49 ? 11.610  -2.819  6.893   1.00 1.87 ? 29 LYS A HE2  1 
ATOM 467  H HE3  . LYS A 1 49 ? 11.095  -4.479  6.598   1.00 1.76 ? 29 LYS A HE3  1 
ATOM 468  H HZ1  . LYS A 1 49 ? 11.996  -2.533  4.743   1.00 2.51 ? 29 LYS A HZ1  1 
ATOM 469  H HZ2  . LYS A 1 49 ? 10.456  -3.083  4.311   1.00 2.49 ? 29 LYS A HZ2  1 
ATOM 470  H HZ3  . LYS A 1 49 ? 11.724  -4.186  4.509   1.00 2.20 ? 29 LYS A HZ3  1 
ATOM 471  N N    . LEU A 1 50 ? 5.410   0.047   6.144   1.00 0.21 ? 30 LEU A N    1 
ATOM 472  C CA   . LEU A 1 50 ? 4.446   0.726   6.999   1.00 0.20 ? 30 LEU A CA   1 
ATOM 473  C C    . LEU A 1 50 ? 3.431   -0.263  7.565   1.00 0.24 ? 30 LEU A C    1 
ATOM 474  O O    . LEU A 1 50 ? 3.157   -0.268  8.763   1.00 0.28 ? 30 LEU A O    1 
ATOM 475  C CB   . LEU A 1 50 ? 3.725   1.825   6.216   1.00 0.23 ? 30 LEU A CB   1 
ATOM 476  C CG   . LEU A 1 50 ? 4.112   3.253   6.599   1.00 0.43 ? 30 LEU A CG   1 
ATOM 477  C CD1  . LEU A 1 50 ? 5.501   3.590   6.078   1.00 1.06 ? 30 LEU A CD1  1 
ATOM 478  C CD2  . LEU A 1 50 ? 3.087   4.245   6.070   1.00 1.12 ? 30 LEU A CD2  1 
ATOM 479  H H    . LEU A 1 50 ? 5.522   0.350   5.220   1.00 0.23 ? 30 LEU A H    1 
ATOM 480  H HA   . LEU A 1 50 ? 4.988   1.177   7.817   1.00 0.19 ? 30 LEU A HA   1 
ATOM 481  H HB2  . LEU A 1 50 ? 3.935   1.686   5.166   1.00 0.36 ? 30 LEU A HB2  1 
ATOM 482  H HB3  . LEU A 1 50 ? 2.662   1.710   6.372   1.00 0.34 ? 30 LEU A HB3  1 
ATOM 483  H HG   . LEU A 1 50 ? 4.132   3.333   7.674   1.00 0.24 ? 30 LEU A HG   1 
ATOM 484  H HD11 . LEU A 1 50 ? 5.815   4.541   6.479   1.00 1.56 ? 30 LEU A HD11 1 
ATOM 485  H HD12 . LEU A 1 50 ? 5.478   3.644   5.000   1.00 1.53 ? 30 LEU A HD12 1 
ATOM 486  H HD13 . LEU A 1 50 ? 6.197   2.823   6.385   1.00 1.66 ? 30 LEU A HD13 1 
ATOM 487  H HD21 . LEU A 1 50 ? 2.493   3.772   5.302   1.00 1.40 ? 30 LEU A HD21 1 
ATOM 488  H HD22 . LEU A 1 50 ? 3.596   5.102   5.654   1.00 1.73 ? 30 LEU A HD22 1 
ATOM 489  H HD23 . LEU A 1 50 ? 2.445   4.564   6.878   1.00 1.57 ? 30 LEU A HD23 1 
ATOM 490  N N    . ILE A 1 51 ? 2.879   -1.101  6.693   1.00 0.26 ? 31 ILE A N    1 
ATOM 491  C CA   . ILE A 1 51 ? 1.895   -2.095  7.106   1.00 0.32 ? 31 ILE A CA   1 
ATOM 492  C C    . ILE A 1 51 ? 2.566   -3.320  7.720   1.00 0.30 ? 31 ILE A C    1 
ATOM 493  O O    . ILE A 1 51 ? 2.137   -3.815  8.762   1.00 0.46 ? 31 ILE A O    1 
ATOM 494  C CB   . ILE A 1 51 ? 1.021   -2.544  5.921   1.00 0.37 ? 31 ILE A CB   1 
ATOM 495  C CG1  . ILE A 1 51 ? 0.206   -1.365  5.386   1.00 0.44 ? 31 ILE A CG1  1 
ATOM 496  C CG2  . ILE A 1 51 ? 0.107   -3.684  6.341   1.00 0.49 ? 31 ILE A CG2  1 
ATOM 497  C CD1  . ILE A 1 51 ? 0.694   -0.856  4.048   1.00 0.56 ? 31 ILE A CD1  1 
ATOM 498  H H    . ILE A 1 51 ? 3.139   -1.048  5.748   1.00 0.26 ? 31 ILE A H    1 
ATOM 499  H HA   . ILE A 1 51 ? 1.253   -1.639  7.846   1.00 0.44 ? 31 ILE A HA   1 
ATOM 500  H HB   . ILE A 1 51 ? 1.671   -2.906  5.140   1.00 0.38 ? 31 ILE A HB   1 
ATOM 501  H HG12 . ILE A 1 51 ? -0.823  -1.669  5.270   1.00 0.58 ? 31 ILE A HG12 1 
ATOM 502  H HG13 . ILE A 1 51 ? 0.261   -0.549  6.092   1.00 0.59 ? 31 ILE A HG13 1 
ATOM 503  H HG21 . ILE A 1 51 ? 0.655   -4.613  6.312   1.00 1.10 ? 31 ILE A HG21 1 
ATOM 504  H HG22 . ILE A 1 51 ? -0.733  -3.740  5.664   1.00 0.95 ? 31 ILE A HG22 1 
ATOM 505  H HG23 . ILE A 1 51 ? -0.251  -3.508  7.345   1.00 1.32 ? 31 ILE A HG23 1 
ATOM 506  H HD11 . ILE A 1 51 ? 0.590   0.218   4.011   1.00 1.31 ? 31 ILE A HD11 1 
ATOM 507  H HD12 . ILE A 1 51 ? 0.108   -1.303  3.258   1.00 1.00 ? 31 ILE A HD12 1 
ATOM 508  H HD13 . ILE A 1 51 ? 1.733   -1.123  3.919   1.00 1.15 ? 31 ILE A HD13 1 
ATOM 509  N N    . ALA A 1 52 ? 3.619   -3.804  7.067   1.00 0.23 ? 32 ALA A N    1 
ATOM 510  C CA   . ALA A 1 52 ? 4.347   -4.972  7.549   1.00 0.32 ? 32 ALA A CA   1 
ATOM 511  C C    . ALA A 1 52 ? 4.912   -4.733  8.947   1.00 0.43 ? 32 ALA A C    1 
ATOM 512  O O    . ALA A 1 52 ? 4.957   -5.646  9.771   1.00 0.62 ? 32 ALA A O    1 
ATOM 513  C CB   . ALA A 1 52 ? 5.465   -5.334  6.583   1.00 0.37 ? 32 ALA A CB   1 
ATOM 514  H H    . ALA A 1 52 ? 3.913   -3.365  6.241   1.00 0.25 ? 32 ALA A H    1 
ATOM 515  H HA   . ALA A 1 52 ? 3.656   -5.801  7.589   1.00 0.37 ? 32 ALA A HA   1 
ATOM 516  H HB1  . ALA A 1 52 ? 5.887   -6.288  6.862   1.00 1.10 ? 32 ALA A HB1  1 
ATOM 517  H HB2  . ALA A 1 52 ? 6.233   -4.576  6.619   1.00 1.01 ? 32 ALA A HB2  1 
ATOM 518  H HB3  . ALA A 1 52 ? 5.067   -5.396  5.581   1.00 1.00 ? 32 ALA A HB3  1 
ATOM 519  N N    . ALA A 1 53 ? 5.337   -3.500  9.209   1.00 0.44 ? 33 ALA A N    1 
ATOM 520  C CA   . ALA A 1 53 ? 5.892   -3.140  10.508  1.00 0.57 ? 33 ALA A CA   1 
ATOM 521  C C    . ALA A 1 53 ? 4.821   -2.537  11.412  1.00 0.62 ? 33 ALA A C    1 
ATOM 522  O O    . ALA A 1 53 ? 5.065   -1.554  12.111  1.00 0.97 ? 33 ALA A O    1 
ATOM 523  C CB   . ALA A 1 53 ? 7.050   -2.168  10.337  1.00 0.78 ? 33 ALA A CB   1 
ATOM 524  H H    . ALA A 1 53 ? 5.271   -2.813  8.513   1.00 0.49 ? 33 ALA A H    1 
ATOM 525  H HA   . ALA A 1 53 ? 6.273   -4.040  10.969  1.00 0.63 ? 33 ALA A HA   1 
ATOM 526  H HB1  . ALA A 1 53 ? 7.694   -2.511  9.541   1.00 1.04 ? 33 ALA A HB1  1 
ATOM 527  H HB2  . ALA A 1 53 ? 7.613   -2.112  11.257  1.00 1.30 ? 33 ALA A HB2  1 
ATOM 528  H HB3  . ALA A 1 53 ? 6.664   -1.189  10.092  1.00 1.11 ? 33 ALA A HB3  1 
ATOM 529  N N    . GLN A 1 54 ? 3.636   -3.137  11.392  1.00 0.77 ? 34 GLN A N    1 
ATOM 530  C CA   . GLN A 1 54 ? 2.520   -2.673  12.207  1.00 0.88 ? 34 GLN A CA   1 
ATOM 531  C C    . GLN A 1 54 ? 1.594   -3.835  12.535  1.00 0.92 ? 34 GLN A C    1 
ATOM 532  O O    . GLN A 1 54 ? 1.348   -4.141  13.703  1.00 1.44 ? 34 GLN A O    1 
ATOM 533  C CB   . GLN A 1 54 ? 1.741   -1.580  11.473  1.00 0.91 ? 34 GLN A CB   1 
ATOM 534  C CG   . GLN A 1 54 ? 2.157   -0.170  11.859  1.00 1.32 ? 34 GLN A CG   1 
ATOM 535  C CD   . GLN A 1 54 ? 1.712   0.207   13.259  1.00 1.42 ? 34 GLN A CD   1 
ATOM 536  O OE1  . GLN A 1 54 ? 1.172   -0.618  13.996  1.00 1.94 ? 34 GLN A OE1  1 
ATOM 537  N NE2  . GLN A 1 54 ? 1.934   1.462   13.632  1.00 1.96 ? 34 GLN A NE2  1 
ATOM 538  H H    . GLN A 1 54 ? 3.508   -3.918  10.816  1.00 1.07 ? 34 GLN A H    1 
ATOM 539  H HA   . GLN A 1 54 ? 2.919   -2.270  13.125  1.00 1.01 ? 34 GLN A HA   1 
ATOM 540  H HB2  . GLN A 1 54 ? 1.890   -1.698  10.410  1.00 1.09 ? 34 GLN A HB2  1 
ATOM 541  H HB3  . GLN A 1 54 ? 0.689   -1.695  11.694  1.00 1.15 ? 34 GLN A HB3  1 
ATOM 542  H HG2  . GLN A 1 54 ? 3.233   -0.099  11.808  1.00 2.04 ? 34 GLN A HG2  1 
ATOM 543  H HG3  . GLN A 1 54 ? 1.718   0.526   11.158  1.00 1.75 ? 34 GLN A HG3  1 
ATOM 544  H HE21 . GLN A 1 54 ? 2.367   2.065   12.992  1.00 2.37 ? 34 GLN A HE21 1 
ATOM 545  H HE22 . GLN A 1 54 ? 1.657   1.733   14.531  1.00 2.33 ? 34 GLN A HE22 1 
ATOM 546  N N    . THR A 1 55 ? 1.091   -4.484  11.492  1.00 0.64 ? 35 THR A N    1 
ATOM 547  C CA   . THR A 1 55 ? 0.199   -5.621  11.651  1.00 0.74 ? 35 THR A CA   1 
ATOM 548  C C    . THR A 1 55 ? 0.960   -6.941  11.522  1.00 0.83 ? 35 THR A C    1 
ATOM 549  O O    . THR A 1 55 ? 0.521   -7.972  12.031  1.00 1.66 ? 35 THR A O    1 
ATOM 550  C CB   . THR A 1 55 ? -0.934  -5.590  10.609  1.00 0.70 ? 35 THR A CB   1 
ATOM 551  O OG1  . THR A 1 55 ? -0.467  -6.107  9.356   1.00 0.99 ? 35 THR A OG1  1 
ATOM 552  C CG2  . THR A 1 55 ? -1.452  -4.173  10.416  1.00 1.18 ? 35 THR A CG2  1 
ATOM 553  H H    . THR A 1 55 ? 1.333   -4.190  10.590  1.00 0.76 ? 35 THR A H    1 
ATOM 554  H HA   . THR A 1 55 ? -0.244  -5.565  12.636  1.00 0.96 ? 35 THR A HA   1 
ATOM 555  H HB   . THR A 1 55 ? -1.746  -6.208  10.964  1.00 0.97 ? 35 THR A HB   1 
ATOM 556  H HG1  . THR A 1 55 ? 0.354   -5.670  9.116   1.00 1.54 ? 35 THR A HG1  1 
ATOM 557  H HG21 . THR A 1 55 ? -1.475  -3.665  11.368  1.00 1.76 ? 35 THR A HG21 1 
ATOM 558  H HG22 . THR A 1 55 ? -2.450  -4.206  10.002  1.00 1.76 ? 35 THR A HG22 1 
ATOM 559  H HG23 . THR A 1 55 ? -0.800  -3.640  9.739   1.00 1.41 ? 35 THR A HG23 1 
ATOM 560  N N    . GLY A 1 56 ? 2.102   -6.904  10.836  1.00 0.66 ? 36 GLY A N    1 
ATOM 561  C CA   . GLY A 1 56 ? 2.896   -8.104  10.655  1.00 0.59 ? 36 GLY A CA   1 
ATOM 562  C C    . GLY A 1 56 ? 2.365   -8.983  9.540   1.00 0.56 ? 36 GLY A C    1 
ATOM 563  O O    . GLY A 1 56 ? 2.087   -10.163 9.750   1.00 0.70 ? 36 GLY A O    1 
ATOM 564  H H    . GLY A 1 56 ? 2.407   -6.058  10.450  1.00 1.21 ? 36 GLY A H    1 
ATOM 565  H HA2  . GLY A 1 56 ? 3.911   -7.820  10.424  1.00 0.56 ? 36 GLY A HA2  1 
ATOM 566  H HA3  . GLY A 1 56 ? 2.891   -8.669  11.575  1.00 0.77 ? 36 GLY A HA3  1 
ATOM 567  N N    . THR A 1 57 ? 2.219   -8.403  8.354   1.00 0.59 ? 37 THR A N    1 
ATOM 568  C CA   . THR A 1 57 ? 1.709   -9.137  7.203   1.00 0.69 ? 37 THR A CA   1 
ATOM 569  C C    . THR A 1 57 ? 2.754   -9.258  6.095   1.00 0.87 ? 37 THR A C    1 
ATOM 570  O O    . THR A 1 57 ? 2.410   -9.512  4.940   1.00 1.87 ? 37 THR A O    1 
ATOM 571  C CB   . THR A 1 57 ? 0.452   -8.461  6.638   1.00 0.74 ? 37 THR A CB   1 
ATOM 572  O OG1  . THR A 1 57 ? 0.700   -7.067  6.425   1.00 0.86 ? 37 THR A OG1  1 
ATOM 573  C CG2  . THR A 1 57 ? -0.723  -8.638  7.589   1.00 0.75 ? 37 THR A CG2  1 
ATOM 574  H H    . THR A 1 57 ? 2.453   -7.457  8.251   1.00 0.67 ? 37 THR A H    1 
ATOM 575  H HA   . THR A 1 57 ? 1.436   -10.127 7.532   1.00 0.78 ? 37 THR A HA   1 
ATOM 576  H HB   . THR A 1 57 ? 0.206   -8.925  5.695   1.00 0.89 ? 37 THR A HB   1 
ATOM 577  H HG1  . THR A 1 57 ? -0.103  -6.568  6.594   1.00 1.01 ? 37 THR A HG1  1 
ATOM 578  H HG21 . THR A 1 57 ? -0.355  -8.907  8.568   1.00 1.29 ? 37 THR A HG21 1 
ATOM 579  H HG22 . THR A 1 57 ? -1.370  -9.420  7.220   1.00 1.17 ? 37 THR A HG22 1 
ATOM 580  H HG23 . THR A 1 57 ? -1.276  -7.713  7.654   1.00 1.30 ? 37 THR A HG23 1 
ATOM 581  N N    . ARG A 1 58 ? 4.026   -9.084  6.453   1.00 0.79 ? 38 ARG A N    1 
ATOM 582  C CA   . ARG A 1 58 ? 5.120   -9.183  5.489   1.00 0.81 ? 38 ARG A CA   1 
ATOM 583  C C    . ARG A 1 58 ? 5.019   -8.102  4.416   1.00 0.91 ? 38 ARG A C    1 
ATOM 584  O O    . ARG A 1 58 ? 4.069   -7.319  4.387   1.00 1.73 ? 38 ARG A O    1 
ATOM 585  C CB   . ARG A 1 58 ? 5.129   -10.566 4.834   1.00 1.00 ? 38 ARG A CB   1 
ATOM 586  C CG   . ARG A 1 58 ? 5.416   -11.697 5.807   1.00 1.11 ? 38 ARG A CG   1 
ATOM 587  C CD   . ARG A 1 58 ? 6.689   -12.439 5.434   1.00 1.11 ? 38 ARG A CD   1 
ATOM 588  N NE   . ARG A 1 58 ? 7.185   -13.262 6.534   1.00 1.46 ? 38 ARG A NE   1 
ATOM 589  C CZ   . ARG A 1 58 ? 8.279   -14.019 6.460   1.00 1.77 ? 38 ARG A CZ   1 
ATOM 590  N NH1  . ARG A 1 58 ? 8.991   -14.065 5.340   1.00 2.29 ? 38 ARG A NH1  1 
ATOM 591  N NH2  . ARG A 1 58 ? 8.662   -14.734 7.510   1.00 2.28 ? 38 ARG A NH2  1 
ATOM 592  H H    . ARG A 1 58 ? 4.238   -8.890  7.388   1.00 1.48 ? 38 ARG A H    1 
ATOM 593  H HA   . ARG A 1 58 ? 6.045   -9.048  6.028   1.00 0.86 ? 38 ARG A HA   1 
ATOM 594  H HB2  . ARG A 1 58 ? 4.165   -10.745 4.381   1.00 1.31 ? 38 ARG A HB2  1 
ATOM 595  H HB3  . ARG A 1 58 ? 5.886   -10.582 4.064   1.00 1.22 ? 38 ARG A HB3  1 
ATOM 596  H HG2  . ARG A 1 58 ? 5.528   -11.287 6.799   1.00 1.40 ? 38 ARG A HG2  1 
ATOM 597  H HG3  . ARG A 1 58 ? 4.588   -12.391 5.792   1.00 1.59 ? 38 ARG A HG3  1 
ATOM 598  H HD2  . ARG A 1 58 ? 6.484   -13.076 4.585   1.00 1.45 ? 38 ARG A HD2  1 
ATOM 599  H HD3  . ARG A 1 58 ? 7.446   -11.716 5.167   1.00 1.37 ? 38 ARG A HD3  1 
ATOM 600  H HE   . ARG A 1 58 ? 6.678   -13.250 7.372   1.00 2.01 ? 38 ARG A HE   1 
ATOM 601  H HH11 . ARG A 1 58 ? 8.709   -13.529 4.544   1.00 2.39 ? 38 ARG A HH11 1 
ATOM 602  H HH12 . ARG A 1 58 ? 9.810   -14.635 5.293   1.00 2.90 ? 38 ARG A HH12 1 
ATOM 603  H HH21 . ARG A 1 58 ? 8.129   -14.704 8.356   1.00 2.62 ? 38 ARG A HH21 1 
ATOM 604  H HH22 . ARG A 1 58 ? 9.482   -15.303 7.455   1.00 2.63 ? 38 ARG A HH22 1 
ATOM 605  N N    . TRP A 1 59 ? 6.009   -8.070  3.533   1.00 0.59 ? 39 TRP A N    1 
ATOM 606  C CA   . TRP A 1 59 ? 6.041   -7.096  2.448   1.00 0.61 ? 39 TRP A CA   1 
ATOM 607  C C    . TRP A 1 59 ? 6.418   -7.761  1.124   1.00 0.73 ? 39 TRP A C    1 
ATOM 608  O O    . TRP A 1 59 ? 6.773   -7.083  0.158   1.00 1.32 ? 39 TRP A O    1 
ATOM 609  C CB   . TRP A 1 59 ? 7.033   -5.974  2.771   1.00 0.73 ? 39 TRP A CB   1 
ATOM 610  C CG   . TRP A 1 59 ? 8.123   -6.391  3.710   1.00 1.14 ? 39 TRP A CG   1 
ATOM 611  C CD1  . TRP A 1 59 ? 8.379   -5.876  4.948   1.00 2.13 ? 39 TRP A CD1  1 
ATOM 612  C CD2  . TRP A 1 59 ? 9.106   -7.411  3.488   1.00 1.19 ? 39 TRP A CD2  1 
ATOM 613  N NE1  . TRP A 1 59 ? 9.458   -6.513  5.511   1.00 2.76 ? 39 TRP A NE1  1 
ATOM 614  C CE2  . TRP A 1 59 ? 9.922   -7.459  4.635   1.00 2.19 ? 39 TRP A CE2  1 
ATOM 615  C CE3  . TRP A 1 59 ? 9.374   -8.287  2.433   1.00 0.93 ? 39 TRP A CE3  1 
ATOM 616  C CZ2  . TRP A 1 59 ? 10.987  -8.349  4.753   1.00 2.58 ? 39 TRP A CZ2  1 
ATOM 617  C CZ3  . TRP A 1 59 ? 10.429  -9.169  2.552   1.00 1.32 ? 39 TRP A CZ3  1 
ATOM 618  C CH2  . TRP A 1 59 ? 11.225  -9.196  3.705   1.00 2.02 ? 39 TRP A CH2  1 
ATOM 619  H H    . TRP A 1 59 ? 6.736   -8.721  3.610   1.00 1.02 ? 39 TRP A H    1 
ATOM 620  H HA   . TRP A 1 59 ? 5.053   -6.672  2.355   1.00 0.63 ? 39 TRP A HA   1 
ATOM 621  H HB2  . TRP A 1 59 ? 7.495   -5.636  1.855   1.00 1.31 ? 39 TRP A HB2  1 
ATOM 622  H HB3  . TRP A 1 59 ? 6.498   -5.151  3.223   1.00 1.00 ? 39 TRP A HB3  1 
ATOM 623  H HD1  . TRP A 1 59 ? 7.806   -5.083  5.407   1.00 2.44 ? 39 TRP A HD1  1 
ATOM 624  H HE1  . TRP A 1 59 ? 9.834   -6.321  6.395   1.00 3.55 ? 39 TRP A HE1  1 
ATOM 625  H HE3  . TRP A 1 59 ? 8.773   -8.282  1.535   1.00 1.15 ? 39 TRP A HE3  1 
ATOM 626  H HZ2  . TRP A 1 59 ? 11.609  -8.382  5.635   1.00 3.39 ? 39 TRP A HZ2  1 
ATOM 627  H HZ3  . TRP A 1 59 ? 10.649  -9.855  1.746   1.00 1.49 ? 39 TRP A HZ3  1 
ATOM 628  H HH2  . TRP A 1 59 ? 12.039  -9.903  3.754   1.00 2.36 ? 39 TRP A HH2  1 
ATOM 629  N N    . ASN A 1 60 ? 6.337   -9.091  1.082   1.00 0.50 ? 40 ASN A N    1 
ATOM 630  C CA   . ASN A 1 60 ? 6.667   -9.842  -0.122  1.00 0.54 ? 40 ASN A CA   1 
ATOM 631  C C    . ASN A 1 60 ? 5.466   -10.660 -0.582  1.00 0.60 ? 40 ASN A C    1 
ATOM 632  O O    . ASN A 1 60 ? 4.982   -10.497 -1.702  1.00 0.79 ? 40 ASN A O    1 
ATOM 633  C CB   . ASN A 1 60 ? 7.861   -10.762 0.137   1.00 0.54 ? 40 ASN A CB   1 
ATOM 634  C CG   . ASN A 1 60 ? 7.835   -12.004 -0.731  1.00 1.25 ? 40 ASN A CG   1 
ATOM 635  O OD1  . ASN A 1 60 ? 8.027   -11.931 -1.945  1.00 2.14 ? 40 ASN A OD1  1 
ATOM 636  N ND2  . ASN A 1 60 ? 7.592   -13.152 -0.112  1.00 1.59 ? 40 ASN A ND2  1 
ATOM 637  H H    . ASN A 1 60 ? 6.046   -9.580  1.877   1.00 0.75 ? 40 ASN A H    1 
ATOM 638  H HA   . ASN A 1 60 ? 6.928   -9.136  -0.896  1.00 0.62 ? 40 ASN A HA   1 
ATOM 639  H HB2  . ASN A 1 60 ? 8.775   -10.222 -0.070  1.00 0.98 ? 40 ASN A HB2  1 
ATOM 640  H HB3  . ASN A 1 60 ? 7.855   -11.068 1.172   1.00 0.87 ? 40 ASN A HB3  1 
ATOM 641  H HD21 . ASN A 1 60 ? 7.447   -13.134 0.857   1.00 1.70 ? 40 ASN A HD21 1 
ATOM 642  H HD22 . ASN A 1 60 ? 7.570   -13.972 -0.648  1.00 2.17 ? 40 ASN A HD22 1 
ATOM 643  N N    . LYS A 1 61 ? 4.982   -11.533 0.298   1.00 0.55 ? 41 LYS A N    1 
ATOM 644  C CA   . LYS A 1 61 ? 3.828   -12.369 -0.007  1.00 0.62 ? 41 LYS A CA   1 
ATOM 645  C C    . LYS A 1 61 ? 2.570   -11.516 -0.130  1.00 0.68 ? 41 LYS A C    1 
ATOM 646  O O    . LYS A 1 61 ? 1.663   -11.835 -0.900  1.00 1.14 ? 41 LYS A O    1 
ATOM 647  C CB   . LYS A 1 61 ? 3.637   -13.432 1.077   1.00 0.70 ? 41 LYS A CB   1 
ATOM 648  C CG   . LYS A 1 61 ? 3.187   -14.778 0.534   1.00 1.18 ? 41 LYS A CG   1 
ATOM 649  C CD   . LYS A 1 61 ? 3.362   -15.881 1.566   1.00 1.56 ? 41 LYS A CD   1 
ATOM 650  C CE   . LYS A 1 61 ? 4.780   -16.427 1.561   1.00 2.08 ? 41 LYS A CE   1 
ATOM 651  N NZ   . LYS A 1 61 ? 5.008   -17.367 0.430   1.00 2.54 ? 41 LYS A NZ   1 
ATOM 652  H H    . LYS A 1 61 ? 5.407   -11.609 1.178   1.00 0.56 ? 41 LYS A H    1 
ATOM 653  H HA   . LYS A 1 61 ? 4.012   -12.858 -0.952  1.00 0.64 ? 41 LYS A HA   1 
ATOM 654  H HB2  . LYS A 1 61 ? 4.573   -13.573 1.595   1.00 1.20 ? 41 LYS A HB2  1 
ATOM 655  H HB3  . LYS A 1 61 ? 2.895   -13.084 1.779   1.00 0.90 ? 41 LYS A HB3  1 
ATOM 656  H HG2  . LYS A 1 61 ? 2.144   -14.714 0.263   1.00 1.66 ? 41 LYS A HG2  1 
ATOM 657  H HG3  . LYS A 1 61 ? 3.773   -15.017 -0.340  1.00 1.83 ? 41 LYS A HG3  1 
ATOM 658  H HD2  . LYS A 1 61 ? 3.142   -15.484 2.545   1.00 2.01 ? 41 LYS A HD2  1 
ATOM 659  H HD3  . LYS A 1 61 ? 2.674   -16.685 1.339   1.00 2.04 ? 41 LYS A HD3  1 
ATOM 660  H HE2  . LYS A 1 61 ? 5.470   -15.601 1.477   1.00 2.46 ? 41 LYS A HE2  1 
ATOM 661  H HE3  . LYS A 1 61 ? 4.954   -16.947 2.491   1.00 2.58 ? 41 LYS A HE3  1 
ATOM 662  H HZ1  . LYS A 1 61 ? 4.145   -17.454 -0.144  1.00 2.71 ? 41 LYS A HZ1  1 
ATOM 663  H HZ2  . LYS A 1 61 ? 5.265   -18.308 0.793   1.00 2.66 ? 41 LYS A HZ2  1 
ATOM 664  H HZ3  . LYS A 1 61 ? 5.780   -17.019 -0.174  1.00 3.20 ? 41 LYS A HZ3  1 
ATOM 665  N N    . ILE A 1 62 ? 2.528   -10.424 0.630   1.00 0.58 ? 42 ILE A N    1 
ATOM 666  C CA   . ILE A 1 62 ? 1.393   -9.513  0.607   1.00 0.56 ? 42 ILE A CA   1 
ATOM 667  C C    . ILE A 1 62 ? 1.212   -8.907  -0.781  1.00 0.55 ? 42 ILE A C    1 
ATOM 668  O O    . ILE A 1 62 ? 2.180   -8.489  -1.417  1.00 0.65 ? 42 ILE A O    1 
ATOM 669  C CB   . ILE A 1 62 ? 1.571   -8.379  1.637   1.00 0.55 ? 42 ILE A CB   1 
ATOM 670  C CG1  . ILE A 1 62 ? 0.349   -7.461  1.642   1.00 0.60 ? 42 ILE A CG1  1 
ATOM 671  C CG2  . ILE A 1 62 ? 2.832   -7.582  1.340   1.00 0.61 ? 42 ILE A CG2  1 
ATOM 672  C CD1  . ILE A 1 62 ? 0.494   -6.271  2.568   1.00 0.62 ? 42 ILE A CD1  1 
ATOM 673  H H    . ILE A 1 62 ? 3.284   -10.225 1.220   1.00 0.83 ? 42 ILE A H    1 
ATOM 674  H HA   . ILE A 1 62 ? 0.506   -10.074 0.867   1.00 0.59 ? 42 ILE A HA   1 
ATOM 675  H HB   . ILE A 1 62 ? 1.681   -8.825  2.614   1.00 0.59 ? 42 ILE A HB   1 
ATOM 676  H HG12 . ILE A 1 62 ? 0.183   -7.086  0.644   1.00 0.66 ? 42 ILE A HG12 1 
ATOM 677  H HG13 . ILE A 1 62 ? -0.515  -8.027  1.959   1.00 0.73 ? 42 ILE A HG13 1 
ATOM 678  H HG21 . ILE A 1 62 ? 3.177   -7.104  2.245   1.00 1.28 ? 42 ILE A HG21 1 
ATOM 679  H HG22 . ILE A 1 62 ? 2.616   -6.829  0.598   1.00 1.21 ? 42 ILE A HG22 1 
ATOM 680  H HG23 . ILE A 1 62 ? 3.600   -8.245  0.970   1.00 0.94 ? 42 ILE A HG23 1 
ATOM 681  H HD11 . ILE A 1 62 ? -0.319  -6.267  3.278   1.00 1.13 ? 42 ILE A HD11 1 
ATOM 682  H HD12 . ILE A 1 62 ? 0.471   -5.361  1.989   1.00 1.17 ? 42 ILE A HD12 1 
ATOM 683  H HD13 . ILE A 1 62 ? 1.433   -6.338  3.097   1.00 1.29 ? 42 ILE A HD13 1 
ATOM 684  N N    . VAL A 1 63 ? -0.031  -8.870  -1.250  1.00 0.48 ? 43 VAL A N    1 
ATOM 685  C CA   . VAL A 1 63 ? -0.332  -8.322  -2.566  1.00 0.49 ? 43 VAL A CA   1 
ATOM 686  C C    . VAL A 1 63 ? -0.911  -6.915  -2.462  1.00 0.43 ? 43 VAL A C    1 
ATOM 687  O O    . VAL A 1 63 ? -2.127  -6.735  -2.403  1.00 0.51 ? 43 VAL A O    1 
ATOM 688  C CB   . VAL A 1 63 ? -1.324  -9.214  -3.336  1.00 0.61 ? 43 VAL A CB   1 
ATOM 689  C CG1  . VAL A 1 63 ? -1.394  -8.794  -4.797  1.00 0.83 ? 43 VAL A CG1  1 
ATOM 690  C CG2  . VAL A 1 63 ? -0.935  -10.679 -3.213  1.00 1.34 ? 43 VAL A CG2  1 
ATOM 691  H H    . VAL A 1 63 ? -0.761  -9.224  -0.700  1.00 0.45 ? 43 VAL A H    1 
ATOM 692  H HA   . VAL A 1 63 ? 0.589   -8.280  -3.128  1.00 0.58 ? 43 VAL A HA   1 
ATOM 693  H HB   . VAL A 1 63 ? -2.305  -9.085  -2.902  1.00 1.27 ? 43 VAL A HB   1 
ATOM 694  H HG11 . VAL A 1 63 ? -2.024  -9.483  -5.340  1.00 1.54 ? 43 VAL A HG11 1 
ATOM 695  H HG12 . VAL A 1 63 ? -0.400  -8.805  -5.222  1.00 1.38 ? 43 VAL A HG12 1 
ATOM 696  H HG13 . VAL A 1 63 ? -1.804  -7.798  -4.865  1.00 1.43 ? 43 VAL A HG13 1 
ATOM 697  H HG21 . VAL A 1 63 ? -1.038  -10.994 -2.185  1.00 1.92 ? 43 VAL A HG21 1 
ATOM 698  H HG22 . VAL A 1 63 ? 0.090   -10.808 -3.528  1.00 1.83 ? 43 VAL A HG22 1 
ATOM 699  H HG23 . VAL A 1 63 ? -1.582  -11.277 -3.839  1.00 1.83 ? 43 VAL A HG23 1 
ATOM 700  N N    . LEU A 1 64 ? -0.030  -5.921  -2.445  1.00 0.44 ? 44 LEU A N    1 
ATOM 701  C CA   . LEU A 1 64 ? -0.449  -4.527  -2.355  1.00 0.51 ? 44 LEU A CA   1 
ATOM 702  C C    . LEU A 1 64 ? -0.520  -3.900  -3.743  1.00 0.46 ? 44 LEU A C    1 
ATOM 703  O O    . LEU A 1 64 ? 0.485   -3.425  -4.273  1.00 0.59 ? 44 LEU A O    1 
ATOM 704  C CB   . LEU A 1 64 ? 0.523   -3.740  -1.474  1.00 0.70 ? 44 LEU A CB   1 
ATOM 705  C CG   . LEU A 1 64 ? 0.006   -3.409  -0.074  1.00 0.53 ? 44 LEU A CG   1 
ATOM 706  C CD1  . LEU A 1 64 ? 1.040   -2.604  0.697   1.00 0.97 ? 44 LEU A CD1  1 
ATOM 707  C CD2  . LEU A 1 64 ? -1.308  -2.649  -0.160  1.00 0.82 ? 44 LEU A CD2  1 
ATOM 708  H H    . LEU A 1 64 ? 0.926   -6.130  -2.499  1.00 0.52 ? 44 LEU A H    1 
ATOM 709  H HA   . LEU A 1 64 ? -1.430  -4.502  -1.908  1.00 0.54 ? 44 LEU A HA   1 
ATOM 710  H HB2  . LEU A 1 64 ? 1.430   -4.316  -1.373  1.00 1.14 ? 44 LEU A HB2  1 
ATOM 711  H HB3  . LEU A 1 64 ? 0.760   -2.812  -1.974  1.00 1.13 ? 44 LEU A HB3  1 
ATOM 712  H HG   . LEU A 1 64 ? -0.171  -4.328  0.464   1.00 0.64 ? 44 LEU A HG   1 
ATOM 713  H HD11 . LEU A 1 64 ? 0.955   -2.823  1.751   1.00 1.29 ? 44 LEU A HD11 1 
ATOM 714  H HD12 . LEU A 1 64 ? 0.872   -1.550  0.534   1.00 1.48 ? 44 LEU A HD12 1 
ATOM 715  H HD13 . LEU A 1 64 ? 2.030   -2.867  0.355   1.00 1.60 ? 44 LEU A HD13 1 
ATOM 716  H HD21 . LEU A 1 64 ? -1.470  -2.322  -1.177  1.00 1.36 ? 44 LEU A HD21 1 
ATOM 717  H HD22 . LEU A 1 64 ? -1.269  -1.788  0.491   1.00 1.44 ? 44 LEU A HD22 1 
ATOM 718  H HD23 . LEU A 1 64 ? -2.118  -3.295  0.143   1.00 1.33 ? 44 LEU A HD23 1 
ATOM 719  N N    . LYS A 1 65 ? -1.712  -3.911  -4.333  1.00 0.39 ? 45 LYS A N    1 
ATOM 720  C CA   . LYS A 1 65 ? -1.907  -3.351  -5.666  1.00 0.35 ? 45 LYS A CA   1 
ATOM 721  C C    . LYS A 1 65 ? -3.203  -2.550  -5.754  1.00 0.44 ? 45 LYS A C    1 
ATOM 722  O O    . LYS A 1 65 ? -4.290  -3.084  -5.536  1.00 0.48 ? 45 LYS A O    1 
ATOM 723  C CB   . LYS A 1 65 ? -1.927  -4.473  -6.708  1.00 0.35 ? 45 LYS A CB   1 
ATOM 724  C CG   . LYS A 1 65 ? -0.584  -5.156  -6.893  1.00 0.57 ? 45 LYS A CG   1 
ATOM 725  C CD   . LYS A 1 65 ? -0.679  -6.316  -7.873  1.00 0.80 ? 45 LYS A CD   1 
ATOM 726  C CE   . LYS A 1 65 ? -1.322  -5.889  -9.183  1.00 1.59 ? 45 LYS A CE   1 
ATOM 727  N NZ   . LYS A 1 65 ? -1.319  -6.990  -10.186 1.00 2.29 ? 45 LYS A NZ   1 
ATOM 728  H H    . LYS A 1 65 ? -2.475  -4.310  -3.865  1.00 0.48 ? 45 LYS A H    1 
ATOM 729  H HA   . LYS A 1 65 ? -1.075  -2.696  -5.877  1.00 0.36 ? 45 LYS A HA   1 
ATOM 730  H HB2  . LYS A 1 65 ? -2.648  -5.219  -6.405  1.00 0.43 ? 45 LYS A HB2  1 
ATOM 731  H HB3  . LYS A 1 65 ? -2.231  -4.059  -7.658  1.00 0.50 ? 45 LYS A HB3  1 
ATOM 732  H HG2  . LYS A 1 65 ? 0.127   -4.437  -7.270  1.00 0.96 ? 45 LYS A HG2  1 
ATOM 733  H HG3  . LYS A 1 65 ? -0.248  -5.532  -5.938  1.00 0.99 ? 45 LYS A HG3  1 
ATOM 734  H HD2  . LYS A 1 65 ? 0.316   -6.684  -8.076  1.00 1.20 ? 45 LYS A HD2  1 
ATOM 735  H HD3  . LYS A 1 65 ? -1.272  -7.101  -7.429  1.00 0.98 ? 45 LYS A HD3  1 
ATOM 736  H HE2  . LYS A 1 65 ? -2.342  -5.594  -8.990  1.00 1.96 ? 45 LYS A HE2  1 
ATOM 737  H HE3  . LYS A 1 65 ? -0.774  -5.049  -9.582  1.00 2.12 ? 45 LYS A HE3  1 
ATOM 738  H HZ1  . LYS A 1 65 ? -2.270  -7.103  -10.594 1.00 2.91 ? 45 LYS A HZ1  1 
ATOM 739  H HZ2  . LYS A 1 65 ? -1.040  -7.884  -9.734  1.00 2.59 ? 45 LYS A HZ2  1 
ATOM 740  H HZ3  . LYS A 1 65 ? -0.648  -6.776  -10.951 1.00 2.57 ? 45 LYS A HZ3  1 
ATOM 741  N N    . LYS A 1 66 ? -3.080  -1.271  -6.097  1.00 0.55 ? 46 LYS A N    1 
ATOM 742  C CA   . LYS A 1 66 ? -4.246  -0.408  -6.242  1.00 0.69 ? 46 LYS A CA   1 
ATOM 743  C C    . LYS A 1 66 ? -4.923  -0.689  -7.575  1.00 0.67 ? 46 LYS A C    1 
ATOM 744  O O    . LYS A 1 66 ? -4.398  -0.326  -8.629  1.00 0.61 ? 46 LYS A O    1 
ATOM 745  C CB   . LYS A 1 66 ? -3.842  1.065   -6.155  1.00 0.77 ? 46 LYS A CB   1 
ATOM 746  C CG   . LYS A 1 66 ? -5.023  2.015   -6.045  1.00 1.01 ? 46 LYS A CG   1 
ATOM 747  C CD   . LYS A 1 66 ? -5.295  2.723   -7.362  1.00 1.27 ? 46 LYS A CD   1 
ATOM 748  C CE   . LYS A 1 66 ? -6.662  3.390   -7.364  1.00 1.75 ? 46 LYS A CE   1 
ATOM 749  N NZ   . LYS A 1 66 ? -6.767  4.437   -8.416  1.00 2.14 ? 46 LYS A NZ   1 
ATOM 750  H H    . LYS A 1 66 ? -2.190  -0.905  -6.275  1.00 0.57 ? 46 LYS A H    1 
ATOM 751  H HA   . LYS A 1 66 ? -4.935  -0.637  -5.441  1.00 0.82 ? 46 LYS A HA   1 
ATOM 752  H HB2  . LYS A 1 66 ? -3.216  1.203   -5.287  1.00 1.21 ? 46 LYS A HB2  1 
ATOM 753  H HB3  . LYS A 1 66 ? -3.278  1.325   -7.038  1.00 1.20 ? 46 LYS A HB3  1 
ATOM 754  H HG2  . LYS A 1 66 ? -5.900  1.453   -5.763  1.00 1.56 ? 46 LYS A HG2  1 
ATOM 755  H HG3  . LYS A 1 66 ? -4.807  2.754   -5.287  1.00 1.83 ? 46 LYS A HG3  1 
ATOM 756  H HD2  . LYS A 1 66 ? -4.538  3.478   -7.517  1.00 1.87 ? 46 LYS A HD2  1 
ATOM 757  H HD3  . LYS A 1 66 ? -5.255  2.001   -8.165  1.00 1.74 ? 46 LYS A HD3  1 
ATOM 758  H HE2  . LYS A 1 66 ? -7.414  2.636   -7.543  1.00 1.93 ? 46 LYS A HE2  1 
ATOM 759  H HE3  . LYS A 1 66 ? -6.829  3.842   -6.398  1.00 2.31 ? 46 LYS A HE3  1 
ATOM 760  H HZ1  . LYS A 1 66 ? -7.681  4.927   -8.340  1.00 2.41 ? 46 LYS A HZ1  1 
ATOM 761  H HZ2  . LYS A 1 66 ? -6.695  4.006   -9.359  1.00 2.43 ? 46 LYS A HZ2  1 
ATOM 762  H HZ3  . LYS A 1 66 ? -6.002  5.133   -8.305  1.00 2.55 ? 46 LYS A HZ3  1 
ATOM 763  N N    . TRP A 1 67 ? -6.070  -1.363  -7.519  1.00 0.80 ? 47 TRP A N    1 
ATOM 764  C CA   . TRP A 1 67 ? -6.820  -1.733  -8.719  1.00 0.86 ? 47 TRP A CA   1 
ATOM 765  C C    . TRP A 1 67 ? -6.131  -2.895  -9.434  1.00 0.83 ? 47 TRP A C    1 
ATOM 766  O O    . TRP A 1 67 ? -6.681  -3.992  -9.519  1.00 1.21 ? 47 TRP A O    1 
ATOM 767  C CB   . TRP A 1 67 ? -6.980  -0.540  -9.665  1.00 0.89 ? 47 TRP A CB   1 
ATOM 768  C CG   . TRP A 1 67 ? -8.355  0.056   -9.642  1.00 1.21 ? 47 TRP A CG   1 
ATOM 769  C CD1  . TRP A 1 67 ? -8.667  1.385   -9.633  1.00 2.08 ? 47 TRP A CD1  1 
ATOM 770  C CD2  . TRP A 1 67 ? -9.601  -0.650  -9.622  1.00 1.38 ? 47 TRP A CD2  1 
ATOM 771  N NE1  . TRP A 1 67 ? -10.030 1.549   -9.610  1.00 2.28 ? 47 TRP A NE1  1 
ATOM 772  C CE2  . TRP A 1 67 ? -10.626 0.315   -9.605  1.00 1.71 ? 47 TRP A CE2  1 
ATOM 773  C CE3  . TRP A 1 67 ? -9.953  -2.004  -9.621  1.00 2.10 ? 47 TRP A CE3  1 
ATOM 774  C CZ2  . TRP A 1 67 ? -11.975 -0.031  -9.584  1.00 1.98 ? 47 TRP A CZ2  1 
ATOM 775  C CZ3  . TRP A 1 67 ? -11.292 -2.345  -9.600  1.00 2.66 ? 47 TRP A CZ3  1 
ATOM 776  C CH2  . TRP A 1 67 ? -12.288 -1.362  -9.583  1.00 2.37 ? 47 TRP A CH2  1 
ATOM 777  H H    . TRP A 1 67 ? -6.413  -1.637  -6.644  1.00 0.91 ? 47 TRP A H    1 
ATOM 778  H HA   . TRP A 1 67 ? -7.798  -2.060  -8.400  1.00 0.95 ? 47 TRP A HA   1 
ATOM 779  H HB2  . TRP A 1 67 ? -6.282  0.233   -9.387  1.00 0.92 ? 47 TRP A HB2  1 
ATOM 780  H HB3  . TRP A 1 67 ? -6.772  -0.859  -10.676 1.00 0.93 ? 47 TRP A HB3  1 
ATOM 781  H HD1  . TRP A 1 67 ? -7.938  2.180   -9.642  1.00 2.73 ? 47 TRP A HD1  1 
ATOM 782  H HE1  . TRP A 1 67 ? -10.500 2.408   -9.601  1.00 2.95 ? 47 TRP A HE1  1 
ATOM 783  H HE3  . TRP A 1 67 ? -9.198  -2.777  -9.634  1.00 2.50 ? 47 TRP A HE3  1 
ATOM 784  H HZ2  . TRP A 1 67 ? -12.755 0.716   -9.571  1.00 2.30 ? 47 TRP A HZ2  1 
ATOM 785  H HZ3  . TRP A 1 67 ? -11.581 -3.386  -9.598  1.00 3.50 ? 47 TRP A HZ3  1 
ATOM 786  H HH2  . TRP A 1 67 ? -13.322 -1.674  -9.566  1.00 2.82 ? 47 TRP A HH2  1 
ATOM 787  N N    . TYR A 1 68 ? -4.919  -2.647  -9.924  1.00 0.59 ? 48 TYR A N    1 
ATOM 788  C CA   . TYR A 1 68 ? -4.131  -3.665  -10.611 1.00 0.57 ? 48 TYR A CA   1 
ATOM 789  C C    . TYR A 1 68 ? -2.885  -3.043  -11.231 1.00 0.50 ? 48 TYR A C    1 
ATOM 790  O O    . TYR A 1 68 ? -2.745  -2.977  -12.452 1.00 0.55 ? 48 TYR A O    1 
ATOM 791  C CB   . TYR A 1 68 ? -4.961  -4.381  -11.681 1.00 0.68 ? 48 TYR A CB   1 
ATOM 792  C CG   . TYR A 1 68 ? -5.075  -5.872  -11.451 1.00 0.91 ? 48 TYR A CG   1 
ATOM 793  C CD1  . TYR A 1 68 ? -4.979  -6.406  -10.170 1.00 1.61 ? 48 TYR A CD1  1 
ATOM 794  C CD2  . TYR A 1 68 ? -5.273  -6.746  -12.512 1.00 1.52 ? 48 TYR A CD2  1 
ATOM 795  C CE1  . TYR A 1 68 ? -5.076  -7.767  -9.955  1.00 1.82 ? 48 TYR A CE1  1 
ATOM 796  C CE2  . TYR A 1 68 ? -5.374  -8.109  -12.304 1.00 1.75 ? 48 TYR A CE2  1 
ATOM 797  C CZ   . TYR A 1 68 ? -5.274  -8.614  -11.024 1.00 1.50 ? 48 TYR A CZ   1 
ATOM 798  O OH   . TYR A 1 68 ? -5.370  -9.970  -10.815 1.00 1.82 ? 48 TYR A OH   1 
ATOM 799  H H    . TYR A 1 68 ? -4.535  -1.754  -9.808  1.00 0.71 ? 48 TYR A H    1 
ATOM 800  H HA   . TYR A 1 68 ? -3.817  -4.385  -9.871  1.00 0.54 ? 48 TYR A HA   1 
ATOM 801  H HB2  . TYR A 1 68 ? -5.958  -3.968  -11.694 1.00 0.72 ? 48 TYR A HB2  1 
ATOM 802  H HB3  . TYR A 1 68 ? -4.502  -4.229  -12.647 1.00 0.71 ? 48 TYR A HB3  1 
ATOM 803  H HD1  . TYR A 1 68 ? -4.825  -5.742  -9.333  1.00 2.34 ? 48 TYR A HD1  1 
ATOM 804  H HD2  . TYR A 1 68 ? -5.351  -6.348  -13.512 1.00 2.22 ? 48 TYR A HD2  1 
ATOM 805  H HE1  . TYR A 1 68 ? -4.996  -8.159  -8.952  1.00 2.59 ? 48 TYR A HE1  1 
ATOM 806  H HE2  . TYR A 1 68 ? -5.528  -8.772  -13.142 1.00 2.51 ? 48 TYR A HE2  1 
ATOM 807  H HH   . TYR A 1 68 ? -5.127  -10.173 -9.909  1.00 2.00 ? 48 TYR A HH   1 
ATOM 808  N N    . THR A 1 69 ? -1.982  -2.586  -10.372 1.00 0.42 ? 49 THR A N    1 
ATOM 809  C CA   . THR A 1 69 ? -0.744  -1.964  -10.820 1.00 0.38 ? 49 THR A CA   1 
ATOM 810  C C    . THR A 1 69 ? 0.441   -2.470  -10.006 1.00 0.35 ? 49 THR A C    1 
ATOM 811  O O    . THR A 1 69 ? 0.370   -2.551  -8.779  1.00 0.33 ? 49 THR A O    1 
ATOM 812  C CB   . THR A 1 69 ? -0.814  -0.431  -10.704 1.00 0.37 ? 49 THR A CB   1 
ATOM 813  O OG1  . THR A 1 69 ? -2.117  0.030   -11.076 1.00 0.53 ? 49 THR A OG1  1 
ATOM 814  C CG2  . THR A 1 69 ? 0.236   0.226   -11.589 1.00 0.50 ? 49 THR A CG2  1 
ATOM 815  H H    . THR A 1 69 ? -2.154  -2.666  -9.410  1.00 0.43 ? 49 THR A H    1 
ATOM 816  H HA   . THR A 1 69 ? -0.594  -2.222  -11.857 1.00 0.42 ? 49 THR A HA   1 
ATOM 817  H HB   . THR A 1 69 ? -0.622  -0.154  -9.678  1.00 0.42 ? 49 THR A HB   1 
ATOM 818  H HG1  . THR A 1 69 ? -2.686  0.043   -10.303 1.00 0.75 ? 49 THR A HG1  1 
ATOM 819  H HG21 . THR A 1 69 ? 1.146   0.365   -11.024 1.00 1.13 ? 49 THR A HG21 1 
ATOM 820  H HG22 . THR A 1 69 ? -0.128  1.184   -11.927 1.00 1.03 ? 49 THR A HG22 1 
ATOM 821  H HG23 . THR A 1 69 ? 0.435   -0.406  -12.442 1.00 0.99 ? 49 THR A HG23 1 
ATOM 822  N N    . ILE A 1 70 ? 1.525   -2.809  -10.693 1.00 0.38 ? 50 ILE A N    1 
ATOM 823  C CA   . ILE A 1 70 ? 2.720   -3.307  -10.024 1.00 0.38 ? 50 ILE A CA   1 
ATOM 824  C C    . ILE A 1 70 ? 3.411   -2.198  -9.238  1.00 0.35 ? 50 ILE A C    1 
ATOM 825  O O    . ILE A 1 70 ? 4.009   -1.289  -9.814  1.00 0.38 ? 50 ILE A O    1 
ATOM 826  C CB   . ILE A 1 70 ? 3.722   -3.924  -11.023 1.00 0.44 ? 50 ILE A CB   1 
ATOM 827  C CG1  . ILE A 1 70 ? 5.025   -4.295  -10.310 1.00 0.69 ? 50 ILE A CG1  1 
ATOM 828  C CG2  . ILE A 1 70 ? 4.000   -2.965  -12.173 1.00 0.66 ? 50 ILE A CG2  1 
ATOM 829  C CD1  . ILE A 1 70 ? 4.820   -5.133  -9.067  1.00 0.56 ? 50 ILE A CD1  1 
ATOM 830  H H    . ILE A 1 70 ? 1.519   -2.724  -11.668 1.00 0.42 ? 50 ILE A H    1 
ATOM 831  H HA   . ILE A 1 70 ? 2.413   -4.079  -9.334  1.00 0.41 ? 50 ILE A HA   1 
ATOM 832  H HB   . ILE A 1 70 ? 3.281   -4.818  -11.434 1.00 0.57 ? 50 ILE A HB   1 
ATOM 833  H HG12 . ILE A 1 70 ? 5.650   -4.857  -10.987 1.00 1.01 ? 50 ILE A HG12 1 
ATOM 834  H HG13 . ILE A 1 70 ? 5.539   -3.390  -10.020 1.00 1.14 ? 50 ILE A HG13 1 
ATOM 835  H HG21 . ILE A 1 70 ? 3.472   -2.038  -12.007 1.00 1.30 ? 50 ILE A HG21 1 
ATOM 836  H HG22 . ILE A 1 70 ? 3.666   -3.409  -13.100 1.00 1.16 ? 50 ILE A HG22 1 
ATOM 837  H HG23 . ILE A 1 70 ? 5.061   -2.770  -12.230 1.00 1.31 ? 50 ILE A HG23 1 
ATOM 838  H HD11 . ILE A 1 70 ? 5.489   -5.980  -9.091  1.00 1.14 ? 50 ILE A HD11 1 
ATOM 839  H HD12 . ILE A 1 70 ? 3.799   -5.482  -9.031  1.00 1.23 ? 50 ILE A HD12 1 
ATOM 840  H HD13 . ILE A 1 70 ? 5.028   -4.534  -8.192  1.00 1.11 ? 50 ILE A HD13 1 
ATOM 841  N N    . PHE A 1 71 ? 3.321   -2.281  -7.916  1.00 0.38 ? 51 PHE A N    1 
ATOM 842  C CA   . PHE A 1 71 ? 3.935   -1.289  -7.045  1.00 0.43 ? 51 PHE A CA   1 
ATOM 843  C C    . PHE A 1 71 ? 5.413   -1.604  -6.829  1.00 0.54 ? 51 PHE A C    1 
ATOM 844  O O    . PHE A 1 71 ? 5.763   -2.459  -6.017  1.00 0.71 ? 51 PHE A O    1 
ATOM 845  C CB   . PHE A 1 71 ? 3.202   -1.241  -5.702  1.00 0.49 ? 51 PHE A CB   1 
ATOM 846  C CG   . PHE A 1 71 ? 1.938   -0.424  -5.732  1.00 0.51 ? 51 PHE A CG   1 
ATOM 847  C CD1  . PHE A 1 71 ? 1.308   -0.134  -6.932  1.00 1.23 ? 51 PHE A CD1  1 
ATOM 848  C CD2  . PHE A 1 71 ? 1.379   0.052   -4.556  1.00 1.21 ? 51 PHE A CD2  1 
ATOM 849  C CE1  . PHE A 1 71 ? 0.147   0.614   -6.958  1.00 1.40 ? 51 PHE A CE1  1 
ATOM 850  C CE2  . PHE A 1 71 ? 0.219   0.801   -4.578  1.00 1.24 ? 51 PHE A CE2  1 
ATOM 851  C CZ   . PHE A 1 71 ? -0.399  1.082   -5.780  1.00 0.87 ? 51 PHE A CZ   1 
ATOM 852  H H    . PHE A 1 71 ? 2.830   -3.029  -7.517  1.00 0.42 ? 51 PHE A H    1 
ATOM 853  H HA   . PHE A 1 71 ? 3.852   -0.326  -7.525  1.00 0.42 ? 51 PHE A HA   1 
ATOM 854  H HB2  . PHE A 1 71 ? 2.939   -2.246  -5.408  1.00 0.64 ? 51 PHE A HB2  1 
ATOM 855  H HB3  . PHE A 1 71 ? 3.856   -0.814  -4.958  1.00 0.56 ? 51 PHE A HB3  1 
ATOM 856  H HD1  . PHE A 1 71 ? 1.731   -0.498  -7.855  1.00 1.97 ? 51 PHE A HD1  1 
ATOM 857  H HD2  . PHE A 1 71 ? 1.860   -0.165  -3.614  1.00 2.02 ? 51 PHE A HD2  1 
ATOM 858  H HE1  . PHE A 1 71 ? -0.334  0.833   -7.900  1.00 2.22 ? 51 PHE A HE1  1 
ATOM 859  H HE2  . PHE A 1 71 ? -0.205  1.167   -3.654  1.00 1.98 ? 51 PHE A HE2  1 
ATOM 860  H HZ   . PHE A 1 71 ? -1.306  1.667   -5.798  1.00 1.06 ? 51 PHE A HZ   1 
ATOM 861  N N    . LYS A 1 72 ? 6.273   -0.907  -7.566  1.00 0.62 ? 52 LYS A N    1 
ATOM 862  C CA   . LYS A 1 72 ? 7.716   -1.111  -7.459  1.00 0.77 ? 52 LYS A CA   1 
ATOM 863  C C    . LYS A 1 72 ? 8.344   -0.063  -6.545  1.00 0.71 ? 52 LYS A C    1 
ATOM 864  O O    . LYS A 1 72 ? 7.954   1.102   -6.564  1.00 0.86 ? 52 LYS A O    1 
ATOM 865  C CB   . LYS A 1 72 ? 8.369   -1.064  -8.844  1.00 0.95 ? 52 LYS A CB   1 
ATOM 866  C CG   . LYS A 1 72 ? 7.876   0.081   -9.715  1.00 1.30 ? 52 LYS A CG   1 
ATOM 867  C CD   . LYS A 1 72 ? 8.975   0.604   -10.625 1.00 1.74 ? 52 LYS A CD   1 
ATOM 868  C CE   . LYS A 1 72 ? 9.318   -0.398  -11.717 1.00 1.74 ? 52 LYS A CE   1 
ATOM 869  N NZ   . LYS A 1 72 ? 9.094   0.162   -13.079 1.00 2.24 ? 52 LYS A NZ   1 
ATOM 870  H H    . LYS A 1 72 ? 5.929   -0.242  -8.196  1.00 0.69 ? 52 LYS A H    1 
ATOM 871  H HA   . LYS A 1 72 ? 7.879   -2.087  -7.029  1.00 0.87 ? 52 LYS A HA   1 
ATOM 872  H HB2  . LYS A 1 72 ? 9.437   -0.962  -8.724  1.00 1.49 ? 52 LYS A HB2  1 
ATOM 873  H HB3  . LYS A 1 72 ? 8.161   -1.991  -9.357  1.00 1.59 ? 52 LYS A HB3  1 
ATOM 874  H HG2  . LYS A 1 72 ? 7.055   -0.269  -10.322 1.00 1.87 ? 52 LYS A HG2  1 
ATOM 875  H HG3  . LYS A 1 72 ? 7.537   0.883   -9.077  1.00 1.87 ? 52 LYS A HG3  1 
ATOM 876  H HD2  . LYS A 1 72 ? 8.641   1.523   -11.085 1.00 2.33 ? 52 LYS A HD2  1 
ATOM 877  H HD3  . LYS A 1 72 ? 9.858   0.795   -10.034 1.00 2.22 ? 52 LYS A HD3  1 
ATOM 878  H HE2  . LYS A 1 72 ? 10.355  -0.677  -11.619 1.00 2.04 ? 52 LYS A HE2  1 
ATOM 879  H HE3  . LYS A 1 72 ? 8.696   -1.273  -11.591 1.00 1.90 ? 52 LYS A HE3  1 
ATOM 880  H HZ1  . LYS A 1 72 ? 10.007  0.347   -13.544 1.00 2.47 ? 52 LYS A HZ1  1 
ATOM 881  H HZ2  . LYS A 1 72 ? 8.561   1.052   -13.019 1.00 2.74 ? 52 LYS A HZ2  1 
ATOM 882  H HZ3  . LYS A 1 72 ? 8.554   -0.513  -13.659 1.00 2.52 ? 52 LYS A HZ3  1 
ATOM 883  N N    . ASP A 1 73 ? 9.311   -0.490  -5.742  1.00 0.63 ? 53 ASP A N    1 
ATOM 884  C CA   . ASP A 1 73 ? 9.995   0.402   -4.807  1.00 0.64 ? 53 ASP A CA   1 
ATOM 885  C C    . ASP A 1 73 ? 10.568  1.637   -5.505  1.00 0.63 ? 53 ASP A C    1 
ATOM 886  O O    . ASP A 1 73 ? 10.596  2.723   -4.927  1.00 0.74 ? 53 ASP A O    1 
ATOM 887  C CB   . ASP A 1 73 ? 11.116  -0.353  -4.091  1.00 0.73 ? 53 ASP A CB   1 
ATOM 888  C CG   . ASP A 1 73 ? 11.442  0.229   -2.729  1.00 1.66 ? 53 ASP A CG   1 
ATOM 889  O OD1  . ASP A 1 73 ? 11.017  1.369   -2.451  1.00 2.42 ? 53 ASP A OD1  1 
ATOM 890  O OD2  . ASP A 1 73 ? 12.124  -0.456  -1.940  1.00 2.40 ? 53 ASP A OD2  1 
ATOM 891  H H    . ASP A 1 73 ? 9.572   -1.435  -5.772  1.00 0.68 ? 53 ASP A H    1 
ATOM 892  H HA   . ASP A 1 73 ? 9.269   0.725   -4.073  1.00 0.66 ? 53 ASP A HA   1 
ATOM 893  H HB2  . ASP A 1 73 ? 10.817  -1.382  -3.957  1.00 1.11 ? 53 ASP A HB2  1 
ATOM 894  H HB3  . ASP A 1 73 ? 12.008  -0.319  -4.698  1.00 1.22 ? 53 ASP A HB3  1 
ATOM 895  N N    . HIS A 1 74 ? 11.035  1.468   -6.740  1.00 0.63 ? 54 HIS A N    1 
ATOM 896  C CA   . HIS A 1 74 ? 11.618  2.575   -7.500  1.00 0.69 ? 54 HIS A CA   1 
ATOM 897  C C    . HIS A 1 74 ? 10.546  3.538   -8.013  1.00 0.69 ? 54 HIS A C    1 
ATOM 898  O O    . HIS A 1 74 ? 10.411  3.741   -9.220  1.00 1.20 ? 54 HIS A O    1 
ATOM 899  C CB   . HIS A 1 74 ? 12.432  2.030   -8.677  1.00 0.84 ? 54 HIS A CB   1 
ATOM 900  C CG   . HIS A 1 74 ? 13.663  1.287   -8.259  1.00 1.10 ? 54 HIS A CG   1 
ATOM 901  N ND1  . HIS A 1 74 ? 14.878  1.902   -8.045  1.00 1.34 ? 54 HIS A ND1  1 
ATOM 902  C CD2  . HIS A 1 74 ? 13.864  -0.032  -8.019  1.00 1.84 ? 54 HIS A CD2  1 
ATOM 903  C CE1  . HIS A 1 74 ? 15.773  0.995   -7.695  1.00 1.59 ? 54 HIS A CE1  1 
ATOM 904  N NE2  . HIS A 1 74 ? 15.183  -0.186  -7.670  1.00 1.92 ? 54 HIS A NE2  1 
ATOM 905  H H    . HIS A 1 74 ? 10.996  0.579   -7.149  1.00 0.67 ? 54 HIS A H    1 
ATOM 906  H HA   . HIS A 1 74 ? 12.279  3.114   -6.840  1.00 0.77 ? 54 HIS A HA   1 
ATOM 907  H HB2  . HIS A 1 74 ? 11.816  1.354   -9.250  1.00 1.01 ? 54 HIS A HB2  1 
ATOM 908  H HB3  . HIS A 1 74 ? 12.737  2.853   -9.307  1.00 0.87 ? 54 HIS A HB3  1 
ATOM 909  H HD1  . HIS A 1 74 ? 15.058  2.861   -8.134  1.00 1.79 ? 54 HIS A HD1  1 
ATOM 910  H HD2  . HIS A 1 74 ? 13.123  -0.815  -8.085  1.00 2.52 ? 54 HIS A HD2  1 
ATOM 911  H HE1  . HIS A 1 74 ? 16.811  1.188   -7.467  1.00 1.92 ? 54 HIS A HE1  1 
ATOM 912  H HE2  . HIS A 1 74 ? 15.643  -1.043  -7.551  1.00 2.46 ? 54 HIS A HE2  1 
ATOM 913  N N    . VAL A 1 75 ? 9.795   4.136   -7.089  1.00 0.66 ? 55 VAL A N    1 
ATOM 914  C CA   . VAL A 1 75 ? 8.740   5.085   -7.437  1.00 0.59 ? 55 VAL A CA   1 
ATOM 915  C C    . VAL A 1 75 ? 8.437   6.008   -6.259  1.00 0.53 ? 55 VAL A C    1 
ATOM 916  O O    . VAL A 1 75 ? 9.100   5.945   -5.225  1.00 0.74 ? 55 VAL A O    1 
ATOM 917  C CB   . VAL A 1 75 ? 7.435   4.368   -7.824  1.00 0.69 ? 55 VAL A CB   1 
ATOM 918  C CG1  . VAL A 1 75 ? 7.659   3.381   -8.958  1.00 1.37 ? 55 VAL A CG1  1 
ATOM 919  C CG2  . VAL A 1 75 ? 6.852   3.673   -6.609  1.00 1.84 ? 55 VAL A CG2  1 
ATOM 920  H H    . VAL A 1 75 ? 9.960   3.938   -6.145  1.00 1.05 ? 55 VAL A H    1 
ATOM 921  H HA   . VAL A 1 75 ? 9.075   5.675   -8.276  1.00 0.59 ? 55 VAL A HA   1 
ATOM 922  H HB   . VAL A 1 75 ? 6.727   5.110   -8.159  1.00 0.94 ? 55 VAL A HB   1 
ATOM 923  H HG11 . VAL A 1 75 ? 8.125   3.888   -9.791  1.00 1.84 ? 55 VAL A HG11 1 
ATOM 924  H HG12 . VAL A 1 75 ? 6.709   2.972   -9.272  1.00 2.03 ? 55 VAL A HG12 1 
ATOM 925  H HG13 . VAL A 1 75 ? 8.300   2.581   -8.618  1.00 1.87 ? 55 VAL A HG13 1 
ATOM 926  H HG21 . VAL A 1 75 ? 7.638   3.478   -5.894  1.00 2.38 ? 55 VAL A HG21 1 
ATOM 927  H HG22 . VAL A 1 75 ? 6.402   2.740   -6.910  1.00 2.40 ? 55 VAL A HG22 1 
ATOM 928  H HG23 . VAL A 1 75 ? 6.105   4.307   -6.159  1.00 2.28 ? 55 VAL A HG23 1 
ATOM 929  N N    . SER A 1 76 ? 7.418   6.851   -6.416  1.00 0.54 ? 56 SER A N    1 
ATOM 930  C CA   . SER A 1 76 ? 7.015   7.772   -5.357  1.00 0.53 ? 56 SER A CA   1 
ATOM 931  C C    . SER A 1 76 ? 5.541   8.147   -5.491  1.00 0.46 ? 56 SER A C    1 
ATOM 932  O O    . SER A 1 76 ? 5.206   9.319   -5.666  1.00 0.45 ? 56 SER A O    1 
ATOM 933  C CB   . SER A 1 76 ? 7.878   9.039   -5.376  1.00 0.60 ? 56 SER A CB   1 
ATOM 934  O OG   . SER A 1 76 ? 9.180   8.770   -5.871  1.00 1.33 ? 56 SER A OG   1 
ATOM 935  H H    . SER A 1 76 ? 6.918   6.846   -7.259  1.00 0.75 ? 56 SER A H    1 
ATOM 936  H HA   . SER A 1 76 ? 7.158   7.266   -4.414  1.00 0.60 ? 56 SER A HA   1 
ATOM 937  H HB2  . SER A 1 76 ? 7.414   9.780   -6.008  1.00 0.96 ? 56 SER A HB2  1 
ATOM 938  H HB3  . SER A 1 76 ? 7.963   9.427   -4.370  1.00 0.98 ? 56 SER A HB3  1 
ATOM 939  H HG   . SER A 1 76 ? 9.739   8.474   -5.150  1.00 1.67 ? 56 SER A HG   1 
ATOM 940  N N    . LEU A 1 77 ? 4.666   7.144   -5.400  1.00 0.45 ? 57 LEU A N    1 
ATOM 941  C CA   . LEU A 1 77 ? 3.223   7.364   -5.503  1.00 0.42 ? 57 LEU A CA   1 
ATOM 942  C C    . LEU A 1 77 ? 2.892   8.270   -6.685  1.00 0.38 ? 57 LEU A C    1 
ATOM 943  O O    . LEU A 1 77 ? 2.428   9.396   -6.505  1.00 0.61 ? 57 LEU A O    1 
ATOM 944  C CB   . LEU A 1 77 ? 2.686   7.982   -4.208  1.00 0.45 ? 57 LEU A CB   1 
ATOM 945  C CG   . LEU A 1 77 ? 2.539   7.013   -3.033  1.00 0.42 ? 57 LEU A CG   1 
ATOM 946  C CD1  . LEU A 1 77 ? 3.905   6.618   -2.496  1.00 0.68 ? 57 LEU A CD1  1 
ATOM 947  C CD2  . LEU A 1 77 ? 1.692   7.636   -1.933  1.00 0.42 ? 57 LEU A CD2  1 
ATOM 948  H H    . LEU A 1 77 ? 4.999   6.234   -5.255  1.00 0.52 ? 57 LEU A H    1 
ATOM 949  H HA   . LEU A 1 77 ? 2.748   6.404   -5.659  1.00 0.45 ? 57 LEU A HA   1 
ATOM 950  H HB2  . LEU A 1 77 ? 3.354   8.777   -3.911  1.00 0.58 ? 57 LEU A HB2  1 
ATOM 951  H HB3  . LEU A 1 77 ? 1.716   8.410   -4.415  1.00 0.55 ? 57 LEU A HB3  1 
ATOM 952  H HG   . LEU A 1 77 ? 2.041   6.117   -3.373  1.00 0.46 ? 57 LEU A HG   1 
ATOM 953  H HD11 . LEU A 1 77 ? 4.655   7.272   -2.915  1.00 1.01 ? 57 LEU A HD11 1 
ATOM 954  H HD12 . LEU A 1 77 ? 4.120   5.597   -2.776  1.00 1.28 ? 57 LEU A HD12 1 
ATOM 955  H HD13 . LEU A 1 77 ? 3.910   6.707   -1.420  1.00 1.11 ? 57 LEU A HD13 1 
ATOM 956  H HD21 . LEU A 1 77 ? 1.441   8.651   -2.203  1.00 1.07 ? 57 LEU A HD21 1 
ATOM 957  H HD22 . LEU A 1 77 ? 2.248   7.636   -1.007  1.00 1.13 ? 57 LEU A HD22 1 
ATOM 958  H HD23 . LEU A 1 77 ? 0.787   7.062   -1.807  1.00 1.11 ? 57 LEU A HD23 1 
ATOM 959  N N    . GLY A 1 78 ? 3.138   7.774   -7.890  1.00 0.48 ? 58 GLY A N    1 
ATOM 960  C CA   . GLY A 1 78 ? 2.865   8.555   -9.082  1.00 0.51 ? 58 GLY A CA   1 
ATOM 961  C C    . GLY A 1 78 ? 2.742   7.699   -10.326 1.00 0.53 ? 58 GLY A C    1 
ATOM 962  O O    . GLY A 1 78 ? 1.838   7.897   -11.138 1.00 0.76 ? 58 GLY A O    1 
ATOM 963  H H    . GLY A 1 78 ? 3.511   6.872   -7.969  1.00 0.71 ? 58 GLY A H    1 
ATOM 964  H HA2  . GLY A 1 78 ? 1.941   9.097   -8.939  1.00 0.52 ? 58 GLY A HA2  1 
ATOM 965  H HA3  . GLY A 1 78 ? 3.668   9.264   -9.226  1.00 0.57 ? 58 GLY A HA3  1 
ATOM 966  N N    . ASP A 1 79 ? 3.654   6.741   -10.475 1.00 0.55 ? 59 ASP A N    1 
ATOM 967  C CA   . ASP A 1 79 ? 3.647   5.844   -11.623 1.00 0.62 ? 59 ASP A CA   1 
ATOM 968  C C    . ASP A 1 79 ? 2.348   5.042   -11.690 1.00 0.60 ? 59 ASP A C    1 
ATOM 969  O O    . ASP A 1 79 ? 1.926   4.615   -12.765 1.00 0.73 ? 59 ASP A O    1 
ATOM 970  C CB   . ASP A 1 79 ? 4.849   4.898   -11.553 1.00 0.67 ? 59 ASP A CB   1 
ATOM 971  C CG   . ASP A 1 79 ? 4.626   3.608   -12.318 1.00 1.01 ? 59 ASP A CG   1 
ATOM 972  O OD1  . ASP A 1 79 ? 4.615   3.654   -13.567 1.00 1.84 ? 59 ASP A OD1  1 
ATOM 973  O OD2  . ASP A 1 79 ? 4.466   2.553   -11.670 1.00 1.49 ? 59 ASP A OD2  1 
ATOM 974  H H    . ASP A 1 79 ? 4.347   6.632   -9.792  1.00 0.69 ? 59 ASP A H    1 
ATOM 975  H HA   . ASP A 1 79 ? 3.728   6.447   -12.515 1.00 0.71 ? 59 ASP A HA   1 
ATOM 976  H HB2  . ASP A 1 79 ? 5.713   5.393   -11.968 1.00 0.96 ? 59 ASP A HB2  1 
ATOM 977  H HB3  . ASP A 1 79 ? 5.044   4.652   -10.519 1.00 0.97 ? 59 ASP A HB3  1 
ATOM 978  N N    . TYR A 1 80 ? 1.713   4.843   -10.538 1.00 0.54 ? 60 TYR A N    1 
ATOM 979  C CA   . TYR A 1 80 ? 0.463   4.095   -10.475 1.00 0.55 ? 60 TYR A CA   1 
ATOM 980  C C    . TYR A 1 80 ? -0.718  5.013   -10.154 1.00 0.61 ? 60 TYR A C    1 
ATOM 981  O O    . TYR A 1 80 ? -1.731  4.564   -9.620  1.00 1.09 ? 60 TYR A O    1 
ATOM 982  C CB   . TYR A 1 80 ? 0.565   2.979   -9.428  1.00 0.54 ? 60 TYR A CB   1 
ATOM 983  C CG   . TYR A 1 80 ? 1.537   3.277   -8.313  1.00 0.39 ? 60 TYR A CG   1 
ATOM 984  C CD1  . TYR A 1 80 ? 2.896   3.050   -8.469  1.00 0.39 ? 60 TYR A CD1  1 
ATOM 985  C CD2  . TYR A 1 80 ? 1.092   3.794   -7.108  1.00 0.42 ? 60 TYR A CD2  1 
ATOM 986  C CE1  . TYR A 1 80 ? 3.783   3.332   -7.452  1.00 0.41 ? 60 TYR A CE1  1 
ATOM 987  C CE2  . TYR A 1 80 ? 1.974   4.082   -6.086  1.00 0.42 ? 60 TYR A CE2  1 
ATOM 988  C CZ   . TYR A 1 80 ? 3.316   3.850   -6.263  1.00 0.40 ? 60 TYR A CZ   1 
ATOM 989  O OH   . TYR A 1 80 ? 4.193   4.144   -5.247  1.00 0.54 ? 60 TYR A OH   1 
ATOM 990  H H    . TYR A 1 80 ? 2.091   5.212   -9.713  1.00 0.58 ? 60 TYR A H    1 
ATOM 991  H HA   . TYR A 1 80 ? 0.298   3.648   -11.443 1.00 0.62 ? 60 TYR A HA   1 
ATOM 992  H HB2  . TYR A 1 80 ? -0.405  2.823   -8.983  1.00 0.67 ? 60 TYR A HB2  1 
ATOM 993  H HB3  . TYR A 1 80 ? 0.885   2.070   -9.913  1.00 0.64 ? 60 TYR A HB3  1 
ATOM 994  H HD1  . TYR A 1 80 ? 3.258   2.643   -9.400  1.00 0.52 ? 60 TYR A HD1  1 
ATOM 995  H HD2  . TYR A 1 80 ? 0.037   3.975   -6.972  1.00 0.56 ? 60 TYR A HD2  1 
ATOM 996  H HE1  . TYR A 1 80 ? 4.836   3.151   -7.593  1.00 0.55 ? 60 TYR A HE1  1 
ATOM 997  H HE2  . TYR A 1 80 ? 1.607   4.483   -5.154  1.00 0.55 ? 60 TYR A HE2  1 
ATOM 998  H HH   . TYR A 1 80 ? 3.703   4.454   -4.482  1.00 1.12 ? 60 TYR A HH   1 
ATOM 999  N N    . GLU A 1 81 ? -0.581  6.297   -10.494 1.00 0.53 ? 61 GLU A N    1 
ATOM 1000 C CA   . GLU A 1 81 ? -1.635  7.282   -10.253 1.00 0.56 ? 61 GLU A CA   1 
ATOM 1001 C C    . GLU A 1 81 ? -2.111  7.253   -8.803  1.00 0.72 ? 61 GLU A C    1 
ATOM 1002 O O    . GLU A 1 81 ? -3.105  6.603   -8.477  1.00 1.74 ? 61 GLU A O    1 
ATOM 1003 C CB   . GLU A 1 81 ? -2.814  7.041   -11.196 1.00 0.71 ? 61 GLU A CB   1 
ATOM 1004 C CG   . GLU A 1 81 ? -3.576  8.309   -11.550 1.00 1.10 ? 61 GLU A CG   1 
ATOM 1005 C CD   . GLU A 1 81 ? -5.047  8.053   -11.812 1.00 1.94 ? 61 GLU A CD   1 
ATOM 1006 O OE1  . GLU A 1 81 ? -5.407  6.892   -12.098 1.00 2.74 ? 61 GLU A OE1  1 
ATOM 1007 O OE2  . GLU A 1 81 ? -5.839  9.015   -11.731 1.00 2.48 ? 61 GLU A OE2  1 
ATOM 1008 H H    . GLU A 1 81 ? 0.248   6.589   -10.924 1.00 0.82 ? 61 GLU A H    1 
ATOM 1009 H HA   . GLU A 1 81 ? -1.220  8.257   -10.459 1.00 0.62 ? 61 GLU A HA   1 
ATOM 1010 H HB2  . GLU A 1 81 ? -2.446  6.600   -12.111 1.00 0.94 ? 61 GLU A HB2  1 
ATOM 1011 H HB3  . GLU A 1 81 ? -3.502  6.353   -10.726 1.00 0.82 ? 61 GLU A HB3  1 
ATOM 1012 H HG2  . GLU A 1 81 ? -3.488  9.007   -10.732 1.00 1.53 ? 61 GLU A HG2  1 
ATOM 1013 H HG3  . GLU A 1 81 ? -3.137  8.740   -12.439 1.00 1.44 ? 61 GLU A HG3  1 
ATOM 1014 N N    . ILE A 1 82 ? -1.399  7.965   -7.936  1.00 0.53 ? 62 ILE A N    1 
ATOM 1015 C CA   . ILE A 1 82 ? -1.750  8.021   -6.523  1.00 0.47 ? 62 ILE A CA   1 
ATOM 1016 C C    . ILE A 1 82 ? -2.316  9.384   -6.142  1.00 0.55 ? 62 ILE A C    1 
ATOM 1017 O O    . ILE A 1 82 ? -1.844  10.419  -6.611  1.00 0.82 ? 62 ILE A O    1 
ATOM 1018 C CB   . ILE A 1 82 ? -0.532  7.724   -5.632  1.00 0.62 ? 62 ILE A CB   1 
ATOM 1019 C CG1  . ILE A 1 82 ? -0.097  6.272   -5.799  1.00 1.16 ? 62 ILE A CG1  1 
ATOM 1020 C CG2  . ILE A 1 82 ? -0.850  8.021   -4.176  1.00 1.02 ? 62 ILE A CG2  1 
ATOM 1021 C CD1  . ILE A 1 82 ? -1.041  5.276   -5.161  1.00 0.89 ? 62 ILE A CD1  1 
ATOM 1022 H H    . ILE A 1 82 ? -0.618  8.464   -8.255  1.00 1.28 ? 62 ILE A H    1 
ATOM 1023 H HA   . ILE A 1 82 ? -2.499  7.266   -6.333  1.00 0.54 ? 62 ILE A HA   1 
ATOM 1024 H HB   . ILE A 1 82 ? 0.274   8.372   -5.937  1.00 0.99 ? 62 ILE A HB   1 
ATOM 1025 H HG12 . ILE A 1 82 ? -0.033  6.041   -6.851  1.00 2.03 ? 62 ILE A HG12 1 
ATOM 1026 H HG13 . ILE A 1 82 ? 0.875   6.145   -5.346  1.00 1.79 ? 62 ILE A HG13 1 
ATOM 1027 H HG21 . ILE A 1 82 ? -0.222  7.414   -3.541  1.00 1.51 ? 62 ILE A HG21 1 
ATOM 1028 H HG22 . ILE A 1 82 ? -1.888  7.792   -3.979  1.00 1.56 ? 62 ILE A HG22 1 
ATOM 1029 H HG23 . ILE A 1 82 ? -0.666  9.065   -3.974  1.00 1.61 ? 62 ILE A HG23 1 
ATOM 1030 H HD11 . ILE A 1 82 ? -1.505  4.677   -5.931  1.00 1.43 ? 62 ILE A HD11 1 
ATOM 1031 H HD12 . ILE A 1 82 ? -1.802  5.803   -4.607  1.00 1.34 ? 62 ILE A HD12 1 
ATOM 1032 H HD13 . ILE A 1 82 ? -0.487  4.633   -4.491  1.00 0.78 ? 62 ILE A HD13 1 
ATOM 1033 N N    . HIS A 1 83 ? -3.328  9.372   -5.282  1.00 0.55 ? 63 HIS A N    1 
ATOM 1034 C CA   . HIS A 1 83 ? -3.961  10.603  -4.823  1.00 0.65 ? 63 HIS A CA   1 
ATOM 1035 C C    . HIS A 1 83 ? -4.062  10.615  -3.303  1.00 0.74 ? 63 HIS A C    1 
ATOM 1036 O O    . HIS A 1 83 ? -3.968  9.570   -2.660  1.00 1.69 ? 63 HIS A O    1 
ATOM 1037 C CB   . HIS A 1 83 ? -5.353  10.752  -5.440  1.00 0.80 ? 63 HIS A CB   1 
ATOM 1038 C CG   . HIS A 1 83 ? -5.697  9.669   -6.417  1.00 1.19 ? 63 HIS A CG   1 
ATOM 1039 N ND1  . HIS A 1 83 ? -5.061  9.522   -7.633  1.00 2.12 ? 63 HIS A ND1  1 
ATOM 1040 C CD2  . HIS A 1 83 ? -6.615  8.676   -6.353  1.00 1.82 ? 63 HIS A CD2  1 
ATOM 1041 C CE1  . HIS A 1 83 ? -5.574  8.487   -8.272  1.00 2.87 ? 63 HIS A CE1  1 
ATOM 1042 N NE2  . HIS A 1 83 ? -6.517  7.956   -7.518  1.00 2.69 ? 63 HIS A NE2  1 
ATOM 1043 H H    . HIS A 1 83 ? -3.654  8.514   -4.940  1.00 0.67 ? 63 HIS A H    1 
ATOM 1044 H HA   . HIS A 1 83 ? -3.346  11.432  -5.138  1.00 0.70 ? 63 HIS A HA   1 
ATOM 1045 H HB2  . HIS A 1 83 ? -6.092  10.734  -4.653  1.00 1.29 ? 63 HIS A HB2  1 
ATOM 1046 H HB3  . HIS A 1 83 ? -5.408  11.698  -5.959  1.00 1.47 ? 63 HIS A HB3  1 
ATOM 1047 H HD1  . HIS A 1 83 ? -4.342  10.093  -7.974  1.00 2.49 ? 63 HIS A HD1  1 
ATOM 1048 H HD2  . HIS A 1 83 ? -7.299  8.485   -5.537  1.00 2.11 ? 63 HIS A HD2  1 
ATOM 1049 H HE1  . HIS A 1 83 ? -5.269  8.133   -9.246  1.00 3.74 ? 63 HIS A HE1  1 
ATOM 1050 H HE2  . HIS A 1 83 ? -6.990  7.120   -7.711  1.00 3.33 ? 63 HIS A HE2  1 
ATOM 1051 N N    . ASP A 1 84 ? -4.251  11.801  -2.734  1.00 0.54 ? 64 ASP A N    1 
ATOM 1052 C CA   . ASP A 1 84 ? -4.362  11.946  -1.285  1.00 0.51 ? 64 ASP A CA   1 
ATOM 1053 C C    . ASP A 1 84 ? -5.749  11.530  -0.796  1.00 0.57 ? 64 ASP A C    1 
ATOM 1054 O O    . ASP A 1 84 ? -6.573  12.366  -0.427  1.00 1.02 ? 64 ASP A O    1 
ATOM 1055 C CB   . ASP A 1 84 ? -4.056  13.389  -0.866  1.00 0.57 ? 64 ASP A CB   1 
ATOM 1056 C CG   . ASP A 1 84 ? -5.070  14.394  -1.389  1.00 1.35 ? 64 ASP A CG   1 
ATOM 1057 O OD1  . ASP A 1 84 ? -5.378  14.359  -2.599  1.00 1.85 ? 64 ASP A OD1  1 
ATOM 1058 O OD2  . ASP A 1 84 ? -5.554  15.218  -0.586  1.00 2.29 ? 64 ASP A OD2  1 
ATOM 1059 H H    . ASP A 1 84 ? -4.317  12.597  -3.300  1.00 1.23 ? 64 ASP A H    1 
ATOM 1060 H HA   . ASP A 1 84 ? -3.630  11.292  -0.837  1.00 0.54 ? 64 ASP A HA   1 
ATOM 1061 H HB2  . ASP A 1 84 ? -4.049  13.448  0.212   1.00 1.13 ? 64 ASP A HB2  1 
ATOM 1062 H HB3  . ASP A 1 84 ? -3.081  13.664  -1.241  1.00 1.04 ? 64 ASP A HB3  1 
ATOM 1063 N N    . GLY A 1 85 ? -6.000  10.226  -0.796  1.00 0.70 ? 65 GLY A N    1 
ATOM 1064 C CA   . GLY A 1 85 ? -7.283  9.716   -0.355  1.00 0.74 ? 65 GLY A CA   1 
ATOM 1065 C C    . GLY A 1 85 ? -7.862  8.700   -1.321  1.00 0.79 ? 65 GLY A C    1 
ATOM 1066 O O    . GLY A 1 85 ? -8.810  8.996   -2.047  1.00 1.31 ? 65 GLY A O    1 
ATOM 1067 H H    . GLY A 1 85 ? -5.306  9.603   -1.100  1.00 1.07 ? 65 GLY A H    1 
ATOM 1068 H HA2  . GLY A 1 85 ? -7.161  9.249   0.611   1.00 0.73 ? 65 GLY A HA2  1 
ATOM 1069 H HA3  . GLY A 1 85 ? -7.974  10.541  -0.262  1.00 0.88 ? 65 GLY A HA3  1 
ATOM 1070 N N    . MET A 1 86 ? -7.288  7.502   -1.330  1.00 0.72 ? 66 MET A N    1 
ATOM 1071 C CA   . MET A 1 86 ? -7.752  6.439   -2.215  1.00 0.79 ? 66 MET A CA   1 
ATOM 1072 C C    . MET A 1 86 ? -7.652  5.078   -1.535  1.00 0.63 ? 66 MET A C    1 
ATOM 1073 O O    . MET A 1 86 ? -6.965  4.926   -0.525  1.00 0.82 ? 66 MET A O    1 
ATOM 1074 C CB   . MET A 1 86 ? -6.945  6.431   -3.513  1.00 0.99 ? 66 MET A CB   1 
ATOM 1075 C CG   . MET A 1 86 ? -5.496  6.845   -3.331  1.00 1.20 ? 66 MET A CG   1 
ATOM 1076 S SD   . MET A 1 86 ? -4.338  5.635   -4.000  1.00 1.72 ? 66 MET A SD   1 
ATOM 1077 C CE   . MET A 1 86 ? -4.605  5.843   -5.759  1.00 0.89 ? 66 MET A CE   1 
ATOM 1078 H H    . MET A 1 86 ? -6.535  7.328   -0.728  1.00 1.02 ? 66 MET A H    1 
ATOM 1079 H HA   . MET A 1 86 ? -8.786  6.635   -2.449  1.00 0.97 ? 66 MET A HA   1 
ATOM 1080 H HB2  . MET A 1 86 ? -6.962  5.433   -3.928  1.00 1.51 ? 66 MET A HB2  1 
ATOM 1081 H HB3  . MET A 1 86 ? -7.406  7.110   -4.214  1.00 1.56 ? 66 MET A HB3  1 
ATOM 1082 H HG2  . MET A 1 86 ? -5.341  7.789   -3.832  1.00 1.48 ? 66 MET A HG2  1 
ATOM 1083 H HG3  . MET A 1 86 ? -5.301  6.964   -2.276  1.00 1.80 ? 66 MET A HG3  1 
ATOM 1084 H HE1  . MET A 1 86 ? -3.978  5.150   -6.302  1.00 1.07 ? 66 MET A HE1  1 
ATOM 1085 H HE2  . MET A 1 86 ? -4.356  6.854   -6.046  1.00 1.25 ? 66 MET A HE2  1 
ATOM 1086 H HE3  . MET A 1 86 ? -5.641  5.648   -5.993  1.00 1.46 ? 66 MET A HE3  1 
ATOM 1087 N N    . ASN A 1 87 ? -8.341  4.091   -2.099  1.00 0.62 ? 67 ASN A N    1 
ATOM 1088 C CA   . ASN A 1 87 ? -8.331  2.740   -1.551  1.00 0.52 ? 67 ASN A CA   1 
ATOM 1089 C C    . ASN A 1 87 ? -7.450  1.819   -2.390  1.00 0.48 ? 67 ASN A C    1 
ATOM 1090 O O    . ASN A 1 87 ? -7.321  2.000   -3.601  1.00 0.88 ? 67 ASN A O    1 
ATOM 1091 C CB   . ASN A 1 87 ? -9.753  2.183   -1.483  1.00 0.70 ? 67 ASN A CB   1 
ATOM 1092 C CG   . ASN A 1 87 ? -10.208 1.939   -0.059  1.00 1.67 ? 67 ASN A CG   1 
ATOM 1093 O OD1  . ASN A 1 87 ? -10.333 0.797   0.379   1.00 2.50 ? 67 ASN A OD1  1 
ATOM 1094 N ND2  . ASN A 1 87 ? -10.456 3.019   0.675   1.00 2.29 ? 67 ASN A ND2  1 
ATOM 1095 H H    . ASN A 1 87 ? -8.869  4.276   -2.903  1.00 0.88 ? 67 ASN A H    1 
ATOM 1096 H HA   . ASN A 1 87 ? -7.926  2.791   -0.551  1.00 0.54 ? 67 ASN A HA   1 
ATOM 1097 H HB2  . ASN A 1 87 ? -10.432 2.887   -1.942  1.00 1.00 ? 67 ASN A HB2  1 
ATOM 1098 H HB3  . ASN A 1 87 ? -9.793  1.247   -2.021  1.00 1.31 ? 67 ASN A HB3  1 
ATOM 1099 H HD21 . ASN A 1 87 ? -10.334 3.898   0.260   1.00 2.32 ? 67 ASN A HD21 1 
ATOM 1100 H HD22 . ASN A 1 87 ? -10.752 2.891   1.600   1.00 3.06 ? 67 ASN A HD22 1 
ATOM 1101 N N    . LEU A 1 88 ? -6.844  0.835   -1.735  1.00 0.54 ? 68 LEU A N    1 
ATOM 1102 C CA   . LEU A 1 88 ? -5.969  -0.115  -2.414  1.00 0.50 ? 68 LEU A CA   1 
ATOM 1103 C C    . LEU A 1 88 ? -6.329  -1.547  -2.038  1.00 0.45 ? 68 LEU A C    1 
ATOM 1104 O O    . LEU A 1 88 ? -6.698  -1.825  -0.896  1.00 0.56 ? 68 LEU A O    1 
ATOM 1105 C CB   . LEU A 1 88 ? -4.507  0.163   -2.057  1.00 0.53 ? 68 LEU A CB   1 
ATOM 1106 C CG   . LEU A 1 88 ? -4.013  1.575   -2.379  1.00 0.61 ? 68 LEU A CG   1 
ATOM 1107 C CD1  . LEU A 1 88 ? -4.370  2.540   -1.259  1.00 0.69 ? 68 LEU A CD1  1 
ATOM 1108 C CD2  . LEU A 1 88 ? -2.510  1.571   -2.617  1.00 0.81 ? 68 LEU A CD2  1 
ATOM 1109 H H    . LEU A 1 88 ? -6.985  0.746   -0.769  1.00 0.90 ? 68 LEU A H    1 
ATOM 1110 H HA   . LEU A 1 88 ? -6.103  0.011   -3.478  1.00 0.58 ? 68 LEU A HA   1 
ATOM 1111 H HB2  . LEU A 1 88 ? -4.381  -0.007  -0.998  1.00 0.54 ? 68 LEU A HB2  1 
ATOM 1112 H HB3  . LEU A 1 88 ? -3.888  -0.542  -2.593  1.00 0.67 ? 68 LEU A HB3  1 
ATOM 1113 H HG   . LEU A 1 88 ? -4.494  1.921   -3.283  1.00 0.90 ? 68 LEU A HG   1 
ATOM 1114 H HD11 . LEU A 1 88 ? -4.246  2.047   -0.307  1.00 1.09 ? 68 LEU A HD11 1 
ATOM 1115 H HD12 . LEU A 1 88 ? -5.396  2.857   -1.369  1.00 1.30 ? 68 LEU A HD12 1 
ATOM 1116 H HD13 . LEU A 1 88 ? -3.722  3.402   -1.305  1.00 1.39 ? 68 LEU A HD13 1 
ATOM 1117 H HD21 . LEU A 1 88 ? -2.310  1.742   -3.664  1.00 1.32 ? 68 LEU A HD21 1 
ATOM 1118 H HD22 . LEU A 1 88 ? -2.102  0.615   -2.324  1.00 1.28 ? 68 LEU A HD22 1 
ATOM 1119 H HD23 . LEU A 1 88 ? -2.050  2.353   -2.031  1.00 1.42 ? 68 LEU A HD23 1 
ATOM 1120 N N    . GLU A 1 89 ? -6.217  -2.457  -3.001  1.00 0.37 ? 69 GLU A N    1 
ATOM 1121 C CA   . GLU A 1 89 ? -6.528  -3.860  -2.758  1.00 0.40 ? 69 GLU A CA   1 
ATOM 1122 C C    . GLU A 1 89 ? -5.370  -4.551  -2.054  1.00 0.38 ? 69 GLU A C    1 
ATOM 1123 O O    . GLU A 1 89 ? -4.218  -4.442  -2.476  1.00 0.52 ? 69 GLU A O    1 
ATOM 1124 C CB   . GLU A 1 89 ? -6.843  -4.574  -4.070  1.00 0.47 ? 69 GLU A CB   1 
ATOM 1125 C CG   . GLU A 1 89 ? -8.202  -4.215  -4.644  1.00 0.87 ? 69 GLU A CG   1 
ATOM 1126 C CD   . GLU A 1 89 ? -8.124  -3.780  -6.093  1.00 1.21 ? 69 GLU A CD   1 
ATOM 1127 O OE1  . GLU A 1 89 ? -7.238  -4.285  -6.813  1.00 1.78 ? 69 GLU A OE1  1 
ATOM 1128 O OE2  . GLU A 1 89 ? -8.947  -2.938  -6.507  1.00 1.86 ? 69 GLU A OE2  1 
ATOM 1129 H H    . GLU A 1 89 ? -5.913  -2.180  -3.893  1.00 0.38 ? 69 GLU A H    1 
ATOM 1130 H HA   . GLU A 1 89 ? -7.398  -3.900  -2.120  1.00 0.47 ? 69 GLU A HA   1 
ATOM 1131 H HB2  . GLU A 1 89 ? -6.088  -4.317  -4.798  1.00 0.72 ? 69 GLU A HB2  1 
ATOM 1132 H HB3  . GLU A 1 89 ? -6.818  -5.641  -3.901  1.00 0.70 ? 69 GLU A HB3  1 
ATOM 1133 H HG2  . GLU A 1 89 ? -8.848  -5.078  -4.577  1.00 1.45 ? 69 GLU A HG2  1 
ATOM 1134 H HG3  . GLU A 1 89 ? -8.622  -3.407  -4.064  1.00 1.70 ? 69 GLU A HG3  1 
ATOM 1135 N N    . LEU A 1 90 ? -5.682  -5.256  -0.975  1.00 0.37 ? 70 LEU A N    1 
ATOM 1136 C CA   . LEU A 1 90 ? -4.670  -5.961  -0.201  1.00 0.37 ? 70 LEU A CA   1 
ATOM 1137 C C    . LEU A 1 90 ? -5.029  -7.435  -0.051  1.00 0.37 ? 70 LEU A C    1 
ATOM 1138 O O    . LEU A 1 90 ? -5.836  -7.804  0.802   1.00 0.41 ? 70 LEU A O    1 
ATOM 1139 C CB   . LEU A 1 90 ? -4.521  -5.311  1.175   1.00 0.42 ? 70 LEU A CB   1 
ATOM 1140 C CG   . LEU A 1 90 ? -3.132  -5.427  1.801   1.00 0.55 ? 70 LEU A CG   1 
ATOM 1141 C CD1  . LEU A 1 90 ? -3.091  -4.695  3.133   1.00 0.99 ? 70 LEU A CD1  1 
ATOM 1142 C CD2  . LEU A 1 90 ? -2.753  -6.888  1.979   1.00 1.06 ? 70 LEU A CD2  1 
ATOM 1143 H H    . LEU A 1 90 ? -6.619  -5.299  -0.687  1.00 0.49 ? 70 LEU A H    1 
ATOM 1144 H HA   . LEU A 1 90 ? -3.733  -5.882  -0.731  1.00 0.38 ? 70 LEU A HA   1 
ATOM 1145 H HB2  . LEU A 1 90 ? -4.764  -4.263  1.082   1.00 0.84 ? 70 LEU A HB2  1 
ATOM 1146 H HB3  . LEU A 1 90 ? -5.231  -5.769  1.845   1.00 0.69 ? 70 LEU A HB3  1 
ATOM 1147 H HG   . LEU A 1 90 ? -2.408  -4.969  1.145   1.00 0.71 ? 70 LEU A HG   1 
ATOM 1148 H HD11 . LEU A 1 90 ? -2.086  -4.345  3.321   1.00 1.57 ? 70 LEU A HD11 1 
ATOM 1149 H HD12 . LEU A 1 90 ? -3.392  -5.366  3.923   1.00 1.60 ? 70 LEU A HD12 1 
ATOM 1150 H HD13 . LEU A 1 90 ? -3.765  -3.851  3.101   1.00 1.34 ? 70 LEU A HD13 1 
ATOM 1151 H HD21 . LEU A 1 90 ? -3.600  -7.437  2.364   1.00 1.52 ? 70 LEU A HD21 1 
ATOM 1152 H HD22 . LEU A 1 90 ? -1.932  -6.962  2.676   1.00 1.34 ? 70 LEU A HD22 1 
ATOM 1153 H HD23 . LEU A 1 90 ? -2.456  -7.301  1.028   1.00 1.69 ? 70 LEU A HD23 1 
ATOM 1154 N N    . TYR A 1 91 ? -4.420  -8.275  -0.880  1.00 0.41 ? 71 TYR A N    1 
ATOM 1155 C CA   . TYR A 1 91 ? -4.674  -9.710  -0.836  1.00 0.45 ? 71 TYR A CA   1 
ATOM 1156 C C    . TYR A 1 91 ? -3.573  -10.428 -0.061  1.00 0.48 ? 71 TYR A C    1 
ATOM 1157 O O    . TYR A 1 91 ? -2.388  -10.220 -0.315  1.00 0.53 ? 71 TYR A O    1 
ATOM 1158 C CB   . TYR A 1 91 ? -4.766  -10.284 -2.251  1.00 0.47 ? 71 TYR A CB   1 
ATOM 1159 C CG   . TYR A 1 91 ? -5.555  -9.423  -3.212  1.00 0.43 ? 71 TYR A CG   1 
ATOM 1160 C CD1  . TYR A 1 91 ? -6.914  -9.200  -3.023  1.00 1.32 ? 71 TYR A CD1  1 
ATOM 1161 C CD2  . TYR A 1 91 ? -4.942  -8.837  -4.312  1.00 1.17 ? 71 TYR A CD2  1 
ATOM 1162 C CE1  . TYR A 1 91 ? -7.639  -8.419  -3.904  1.00 1.30 ? 71 TYR A CE1  1 
ATOM 1163 C CE2  . TYR A 1 91 ? -5.658  -8.055  -5.197  1.00 1.24 ? 71 TYR A CE2  1 
ATOM 1164 C CZ   . TYR A 1 91 ? -7.006  -7.848  -4.989  1.00 0.53 ? 71 TYR A CZ   1 
ATOM 1165 O OH   . TYR A 1 91 ? -7.723  -7.072  -5.870  1.00 0.63 ? 71 TYR A OH   1 
ATOM 1166 H H    . TYR A 1 91 ? -3.785  -7.922  -1.537  1.00 0.47 ? 71 TYR A H    1 
ATOM 1167 H HA   . TYR A 1 91 ? -5.615  -9.866  -0.330  1.00 0.49 ? 71 TYR A HA   1 
ATOM 1168 H HB2  . TYR A 1 91 ? -3.770  -10.395 -2.651  1.00 0.51 ? 71 TYR A HB2  1 
ATOM 1169 H HB3  . TYR A 1 91 ? -5.241  -11.253 -2.207  1.00 0.54 ? 71 TYR A HB3  1 
ATOM 1170 H HD1  . TYR A 1 91 ? -7.406  -9.648  -2.173  1.00 2.22 ? 71 TYR A HD1  1 
ATOM 1171 H HD2  . TYR A 1 91 ? -3.887  -8.999  -4.473  1.00 2.04 ? 71 TYR A HD2  1 
ATOM 1172 H HE1  . TYR A 1 91 ? -8.692  -8.256  -3.740  1.00 2.17 ? 71 TYR A HE1  1 
ATOM 1173 H HE2  . TYR A 1 91 ? -5.162  -7.607  -6.046  1.00 2.14 ? 71 TYR A HE2  1 
ATOM 1174 H HH   . TYR A 1 91 ? -8.663  -7.204  -5.720  1.00 1.00 ? 71 TYR A HH   1 
ATOM 1175 N N    . TYR A 1 92 ? -3.971  -11.277 0.880   1.00 0.51 ? 72 TYR A N    1 
ATOM 1176 C CA   . TYR A 1 92 ? -3.012  -12.026 1.682   1.00 0.56 ? 72 TYR A CA   1 
ATOM 1177 C C    . TYR A 1 92 ? -2.956  -13.483 1.241   1.00 0.65 ? 72 TYR A C    1 
ATOM 1178 O O    . TYR A 1 92 ? -3.975  -14.171 1.210   1.00 1.28 ? 72 TYR A O    1 
ATOM 1179 C CB   . TYR A 1 92 ? -3.380  -11.954 3.165   1.00 0.60 ? 72 TYR A CB   1 
ATOM 1180 C CG   . TYR A 1 92 ? -3.090  -10.615 3.800   1.00 0.71 ? 72 TYR A CG   1 
ATOM 1181 C CD1  . TYR A 1 92 ? -1.856  -9.999  3.640   1.00 1.54 ? 72 TYR A CD1  1 
ATOM 1182 C CD2  . TYR A 1 92 ? -4.053  -9.966  4.560   1.00 1.41 ? 72 TYR A CD2  1 
ATOM 1183 C CE1  . TYR A 1 92 ? -1.591  -8.775  4.222   1.00 2.18 ? 72 TYR A CE1  1 
ATOM 1184 C CE2  . TYR A 1 92 ? -3.797  -8.742  5.143   1.00 1.93 ? 72 TYR A CE2  1 
ATOM 1185 C CZ   . TYR A 1 92 ? -2.564  -8.150  4.971   1.00 2.15 ? 72 TYR A CZ   1 
ATOM 1186 O OH   . TYR A 1 92 ? -2.305  -6.930  5.550   1.00 2.92 ? 72 TYR A OH   1 
ATOM 1187 H H    . TYR A 1 92 ? -4.931  -11.405 1.037   1.00 0.56 ? 72 TYR A H    1 
ATOM 1188 H HA   . TYR A 1 92 ? -2.039  -11.580 1.539   1.00 0.60 ? 72 TYR A HA   1 
ATOM 1189 H HB2  . TYR A 1 92 ? -4.436  -12.150 3.275   1.00 0.96 ? 72 TYR A HB2  1 
ATOM 1190 H HB3  . TYR A 1 92 ? -2.821  -12.706 3.703   1.00 1.07 ? 72 TYR A HB3  1 
ATOM 1191 H HD1  . TYR A 1 92 ? -1.095  -10.491 3.053   1.00 2.06 ? 72 TYR A HD1  1 
ATOM 1192 H HD2  . TYR A 1 92 ? -5.017  -10.432 4.692   1.00 2.01 ? 72 TYR A HD2  1 
ATOM 1193 H HE1  . TYR A 1 92 ? -0.625  -8.311  4.087   1.00 2.99 ? 72 TYR A HE1  1 
ATOM 1194 H HE2  . TYR A 1 92 ? -4.559  -8.254  5.730   1.00 2.58 ? 72 TYR A HE2  1 
ATOM 1195 H HH   . TYR A 1 92 ? -1.703  -6.432  4.991   1.00 3.26 ? 72 TYR A HH   1 
ATOM 1196 N N    . GLN A 1 93 ? -1.759  -13.948 0.906   1.00 0.98 ? 73 GLN A N    1 
ATOM 1197 C CA   . GLN A 1 93 ? -1.570  -15.326 0.472   1.00 1.17 ? 73 GLN A CA   1 
ATOM 1198 C C    . GLN A 1 93 ? -0.259  -15.883 1.013   1.00 1.85 ? 73 GLN A C    1 
ATOM 1199 O O    . GLN A 1 93 ? 0.145   -16.981 0.577   1.00 2.58 ? 73 GLN A O    1 
ATOM 1200 C CB   . GLN A 1 93 ? -1.590  -15.413 -1.056  1.00 1.67 ? 73 GLN A CB   1 
ATOM 1201 C CG   . GLN A 1 93 ? -2.992  -15.516 -1.637  1.00 2.41 ? 73 GLN A CG   1 
ATOM 1202 C CD   . GLN A 1 93 ? -3.068  -16.469 -2.814  1.00 3.35 ? 73 GLN A CD   1 
ATOM 1203 O OE1  . GLN A 1 93 ? -2.055  -16.795 -3.432  1.00 3.80 ? 73 GLN A OE1  1 
ATOM 1204 N NE2  . GLN A 1 93 ? -4.276  -16.921 -3.130  1.00 4.09 ? 73 GLN A NE2  1 
ATOM 1205 O OXT  . GLN A 1 93 ? 0.351   -15.215 1.873   1.00 2.51 ? 73 GLN A OXT  1 
ATOM 1206 H H    . GLN A 1 93 ? -0.983  -13.351 0.955   1.00 1.50 ? 73 GLN A H    1 
ATOM 1207 H HA   . GLN A 1 93 ? -2.386  -15.913 0.868   1.00 1.77 ? 73 GLN A HA   1 
ATOM 1208 H HB2  . GLN A 1 93 ? -1.119  -14.530 -1.462  1.00 2.28 ? 73 GLN A HB2  1 
ATOM 1209 H HB3  . GLN A 1 93 ? -1.029  -16.284 -1.364  1.00 2.01 ? 73 GLN A HB3  1 
ATOM 1210 H HG2  . GLN A 1 93 ? -3.661  -15.867 -0.866  1.00 2.72 ? 73 GLN A HG2  1 
ATOM 1211 H HG3  . GLN A 1 93 ? -3.305  -14.535 -1.965  1.00 2.70 ? 73 GLN A HG3  1 
ATOM 1212 H HE21 . GLN A 1 93 ? -5.039  -16.618 -2.593  1.00 4.09 ? 73 GLN A HE21 1 
ATOM 1213 H HE22 . GLN A 1 93 ? -4.357  -17.538 -3.887  1.00 4.81 ? 73 GLN A HE22 1 
# 
